data_4GYZ
#
_entry.id   4GYZ
#
_cell.length_a   85.347
_cell.length_b   169.326
_cell.length_c   184.959
_cell.angle_alpha   90.000
_cell.angle_beta   90.000
_cell.angle_gamma   90.000
#
_symmetry.space_group_name_H-M   'P 21 21 21'
#
loop_
_entity.id
_entity.type
_entity.pdbx_description
1 polymer 'Tyrosyl-DNA phosphodiesterase 2'
2 non-polymer "2'-DEOXYADENOSINE-5'-MONOPHOSPHATE"
3 non-polymer 'MAGNESIUM ION'
4 non-polymer 'CHLORIDE ION'
5 non-polymer 'PHOSPHATE ION'
6 water water
#
_entity_poly.entity_id   1
_entity_poly.type   'polypeptide(L)'
_entity_poly.pdbx_seq_one_letter_code
;SNGLEDSSTISFITWNIDGLDGCNLPERARGVCSCLALYSPDVVFLQEVIPPYCAYLKKRAASYTIITGNEEGYFTAILL
KKGRVKFKSQEIIPFPNTKMMRNLLCVNVSLGGNEFCLMTSHLESTREHSAERIRQLKTVLGKMQEAPDSTTVIFAGDTN
LRDQEVIKCGGLPDNVFDAWEFLGKPKHCQYTWDTKANNNLRIPAAYKHRFDRIFFRAEEGHLIPQSLDLVGLEKLDCGR
FPSDHWGLLCTLNVVL
;
_entity_poly.pdbx_strand_id   A,B,C,D,E,F,G,H,I
#
loop_
_chem_comp.id
_chem_comp.type
_chem_comp.name
_chem_comp.formula
CL non-polymer 'CHLORIDE ION' 'Cl -1'
D5M non-polymer 2'-DEOXYADENOSINE-5'-MONOPHOSPHATE 'C10 H14 N5 O6 P'
MG non-polymer 'MAGNESIUM ION' 'Mg 2'
PO4 non-polymer 'PHOSPHATE ION' 'O4 P -3'
#
# COMPACT_ATOMS: atom_id res chain seq x y z
N THR A 9 47.09 -31.80 -15.26
CA THR A 9 47.21 -30.36 -15.39
C THR A 9 45.84 -29.67 -15.37
N ILE A 10 45.66 -28.75 -14.44
CA ILE A 10 44.47 -27.92 -14.40
C ILE A 10 44.85 -26.49 -14.78
N SER A 11 43.96 -25.82 -15.52
CA SER A 11 44.21 -24.46 -15.96
C SER A 11 43.05 -23.55 -15.58
N PHE A 12 43.35 -22.31 -15.26
CA PHE A 12 42.32 -21.35 -14.92
C PHE A 12 42.73 -19.92 -15.24
N ILE A 13 41.74 -19.03 -15.22
CA ILE A 13 41.95 -17.62 -15.47
C ILE A 13 41.31 -16.80 -14.37
N THR A 14 42.05 -15.85 -13.83
CA THR A 14 41.46 -14.85 -12.92
C THR A 14 41.50 -13.51 -13.64
N TRP A 15 40.40 -12.78 -13.57
CA TRP A 15 40.26 -11.57 -14.39
C TRP A 15 39.22 -10.61 -13.83
N ASN A 16 39.67 -9.40 -13.49
CA ASN A 16 38.76 -8.31 -13.18
C ASN A 16 38.29 -7.71 -14.49
N ILE A 17 37.03 -7.92 -14.84
CA ILE A 17 36.54 -7.58 -16.18
C ILE A 17 35.85 -6.22 -16.25
N ASP A 18 36.06 -5.41 -15.22
CA ASP A 18 35.68 -4.00 -15.24
C ASP A 18 34.22 -3.78 -15.60
N GLY A 19 33.33 -4.54 -14.96
CA GLY A 19 31.90 -4.38 -15.18
C GLY A 19 31.38 -3.02 -14.76
N LEU A 20 32.15 -2.32 -13.92
CA LEU A 20 31.74 -1.01 -13.42
C LEU A 20 31.82 0.08 -14.48
N ASP A 21 32.59 -0.15 -15.53
CA ASP A 21 32.65 0.77 -16.66
C ASP A 21 31.56 0.43 -17.67
N GLY A 22 30.66 1.38 -17.94
CA GLY A 22 29.53 1.15 -18.80
C GLY A 22 29.83 1.25 -20.29
N CYS A 23 30.87 2.01 -20.63
CA CYS A 23 31.21 2.25 -22.03
C CYS A 23 31.66 0.98 -22.75
N ASN A 24 31.02 0.70 -23.89
CA ASN A 24 31.36 -0.46 -24.71
C ASN A 24 31.28 -1.76 -23.94
N LEU A 25 30.39 -1.82 -22.95
CA LEU A 25 30.32 -2.99 -22.09
C LEU A 25 29.86 -4.24 -22.85
N PRO A 26 28.87 -4.10 -23.74
CA PRO A 26 28.43 -5.25 -24.53
C PRO A 26 29.55 -5.78 -25.42
N GLU A 27 30.23 -4.89 -26.13
CA GLU A 27 31.31 -5.28 -27.03
C GLU A 27 32.50 -5.85 -26.27
N ARG A 28 32.77 -5.30 -25.08
CA ARG A 28 33.86 -5.78 -24.25
C ARG A 28 33.54 -7.15 -23.67
N ALA A 29 32.26 -7.38 -23.36
CA ALA A 29 31.82 -8.69 -22.88
C ALA A 29 32.05 -9.73 -23.96
N ARG A 30 31.85 -9.33 -25.21
CA ARG A 30 32.14 -10.20 -26.36
C ARG A 30 33.63 -10.54 -26.39
N GLY A 31 34.46 -9.55 -26.12
CA GLY A 31 35.91 -9.74 -26.11
C GLY A 31 36.34 -10.73 -25.04
N VAL A 32 35.75 -10.62 -23.85
CA VAL A 32 36.10 -11.52 -22.76
C VAL A 32 35.74 -12.95 -23.11
N CYS A 33 34.52 -13.17 -23.62
CA CYS A 33 34.08 -14.51 -24.00
C CYS A 33 34.94 -15.08 -25.13
N SER A 34 35.33 -14.23 -26.08
CA SER A 34 36.22 -14.65 -27.14
C SER A 34 37.54 -15.13 -26.55
N CYS A 35 38.02 -14.40 -25.56
CA CYS A 35 39.27 -14.74 -24.90
C CYS A 35 39.14 -16.08 -24.17
N LEU A 36 38.09 -16.22 -23.37
CA LEU A 36 37.85 -17.46 -22.63
C LEU A 36 37.79 -18.66 -23.56
N ALA A 37 37.13 -18.50 -24.71
CA ALA A 37 36.97 -19.59 -25.67
C ALA A 37 38.31 -20.10 -26.19
N LEU A 38 39.23 -19.18 -26.46
CA LEU A 38 40.54 -19.55 -26.99
C LEU A 38 41.31 -20.44 -26.03
N TYR A 39 41.32 -20.08 -24.75
CA TYR A 39 42.13 -20.78 -23.76
C TYR A 39 41.36 -21.93 -23.10
N SER A 40 40.04 -21.87 -23.16
CA SER A 40 39.19 -22.93 -22.61
C SER A 40 39.70 -23.45 -21.27
N PRO A 41 39.79 -22.57 -20.27
CA PRO A 41 40.26 -22.95 -18.94
C PRO A 41 39.26 -23.81 -18.18
N ASP A 42 39.75 -24.63 -17.25
CA ASP A 42 38.89 -25.47 -16.44
C ASP A 42 38.05 -24.61 -15.50
N VAL A 43 38.66 -23.54 -15.01
CA VAL A 43 38.01 -22.65 -14.06
C VAL A 43 38.22 -21.21 -14.49
N VAL A 44 37.26 -20.34 -14.17
CA VAL A 44 37.44 -18.91 -14.37
C VAL A 44 37.03 -18.16 -13.11
N PHE A 45 37.94 -17.36 -12.59
CA PHE A 45 37.62 -16.47 -11.47
C PHE A 45 37.40 -15.07 -12.03
N LEU A 46 36.23 -14.50 -11.79
CA LEU A 46 35.92 -13.17 -12.30
C LEU A 46 35.62 -12.18 -11.17
N GLN A 47 35.92 -10.91 -11.42
CA GLN A 47 35.57 -9.84 -10.48
C GLN A 47 34.90 -8.69 -11.21
N GLU A 48 34.16 -7.87 -10.47
CA GLU A 48 33.42 -6.74 -11.04
C GLU A 48 32.41 -7.22 -12.09
N VAL A 49 31.68 -8.28 -11.75
CA VAL A 49 30.59 -8.76 -12.59
C VAL A 49 29.29 -8.07 -12.19
N ILE A 50 28.46 -7.76 -13.17
CA ILE A 50 27.13 -7.18 -12.91
C ILE A 50 26.06 -8.05 -13.59
N PRO A 51 24.81 -7.95 -13.13
CA PRO A 51 23.74 -8.85 -13.57
C PRO A 51 23.64 -9.03 -15.09
N PRO A 52 23.54 -7.94 -15.87
CA PRO A 52 23.42 -8.13 -17.32
C PRO A 52 24.63 -8.86 -17.90
N TYR A 53 25.80 -8.57 -17.37
CA TYR A 53 27.03 -9.24 -17.80
C TYR A 53 26.91 -10.74 -17.50
N CYS A 54 26.39 -11.04 -16.32
CA CYS A 54 26.21 -12.43 -15.88
C CYS A 54 25.27 -13.17 -16.83
N ALA A 55 24.18 -12.51 -17.20
CA ALA A 55 23.20 -13.10 -18.10
C ALA A 55 23.86 -13.41 -19.45
N TYR A 56 24.80 -12.57 -19.84
CA TYR A 56 25.49 -12.74 -21.12
C TYR A 56 26.43 -13.94 -21.10
N LEU A 57 27.17 -14.12 -20.01
CA LEU A 57 28.03 -15.28 -19.85
C LEU A 57 27.20 -16.55 -19.92
N LYS A 58 25.99 -16.48 -19.39
CA LYS A 58 25.13 -17.64 -19.29
C LYS A 58 24.80 -18.23 -20.66
N LYS A 59 24.74 -17.38 -21.68
CA LYS A 59 24.37 -17.86 -23.02
C LYS A 59 25.50 -17.79 -24.04
N ARG A 60 26.58 -17.06 -23.70
CA ARG A 60 27.73 -16.98 -24.60
C ARG A 60 28.83 -17.96 -24.19
N ALA A 61 28.96 -18.19 -22.89
CA ALA A 61 29.92 -19.15 -22.37
C ALA A 61 29.18 -20.27 -21.65
N ALA A 62 28.27 -20.92 -22.37
CA ALA A 62 27.34 -21.88 -21.78
C ALA A 62 28.02 -23.16 -21.29
N SER A 63 29.29 -23.35 -21.63
CA SER A 63 29.99 -24.56 -21.22
C SER A 63 30.47 -24.47 -19.77
N TYR A 64 30.20 -23.35 -19.11
CA TYR A 64 30.59 -23.17 -17.72
C TYR A 64 29.40 -23.06 -16.78
N THR A 65 29.49 -23.76 -15.65
CA THR A 65 28.55 -23.56 -14.55
C THR A 65 28.96 -22.27 -13.83
N ILE A 66 27.99 -21.44 -13.48
CA ILE A 66 28.30 -20.13 -12.90
C ILE A 66 27.88 -20.00 -11.44
N ILE A 67 28.85 -19.70 -10.58
CA ILE A 67 28.59 -19.44 -9.16
C ILE A 67 28.94 -17.98 -8.86
N THR A 68 27.92 -17.18 -8.58
CA THR A 68 28.12 -15.77 -8.26
C THR A 68 28.18 -15.49 -6.76
N GLY A 69 28.94 -14.47 -6.39
CA GLY A 69 29.11 -14.09 -5.00
C GLY A 69 28.06 -13.11 -4.52
N ASN A 70 27.13 -12.76 -5.42
CA ASN A 70 26.02 -11.89 -5.08
C ASN A 70 25.06 -11.76 -6.25
N GLU A 71 23.92 -11.10 -6.03
CA GLU A 71 22.91 -10.96 -7.07
C GLU A 71 22.39 -9.52 -7.21
N GLU A 72 23.17 -8.57 -6.71
CA GLU A 72 22.86 -7.15 -6.86
C GLU A 72 24.15 -6.35 -6.90
N GLY A 73 24.08 -5.12 -7.39
CA GLY A 73 25.27 -4.30 -7.54
C GLY A 73 26.30 -5.01 -8.40
N TYR A 74 27.52 -5.13 -7.88
CA TYR A 74 28.54 -5.90 -8.57
C TYR A 74 29.17 -6.91 -7.62
N PHE A 75 29.80 -7.94 -8.19
CA PHE A 75 30.23 -9.09 -7.40
C PHE A 75 31.22 -9.96 -8.16
N THR A 76 31.76 -10.96 -7.47
CA THR A 76 32.68 -11.91 -8.07
C THR A 76 31.91 -13.09 -8.64
N ALA A 77 32.61 -13.99 -9.32
CA ALA A 77 31.99 -15.18 -9.87
C ALA A 77 33.04 -16.24 -10.17
N ILE A 78 32.67 -17.50 -9.99
CA ILE A 78 33.54 -18.61 -10.34
C ILE A 78 32.84 -19.51 -11.35
N LEU A 79 33.48 -19.70 -12.49
CA LEU A 79 32.92 -20.51 -13.56
C LEU A 79 33.62 -21.87 -13.63
N LEU A 80 32.83 -22.94 -13.71
CA LEU A 80 33.37 -24.29 -13.71
C LEU A 80 33.06 -25.00 -15.03
N LYS A 81 34.08 -25.57 -15.66
CA LYS A 81 33.90 -26.23 -16.95
C LYS A 81 33.05 -27.49 -16.82
N LYS A 82 31.86 -27.45 -17.40
CA LYS A 82 30.96 -28.60 -17.36
C LYS A 82 31.63 -29.84 -17.96
N GLY A 83 31.57 -30.94 -17.21
CA GLY A 83 32.10 -32.21 -17.70
C GLY A 83 33.52 -32.49 -17.23
N ARG A 84 34.19 -31.47 -16.72
CA ARG A 84 35.55 -31.66 -16.20
C ARG A 84 35.65 -31.24 -14.73
N VAL A 85 34.92 -30.21 -14.35
CA VAL A 85 34.87 -29.77 -12.96
C VAL A 85 33.48 -30.02 -12.39
N LYS A 86 33.41 -30.79 -11.30
CA LYS A 86 32.13 -31.08 -10.66
C LYS A 86 31.91 -30.25 -9.41
N PHE A 87 30.76 -29.59 -9.34
CA PHE A 87 30.41 -28.78 -8.18
C PHE A 87 30.00 -29.66 -7.00
N LYS A 88 30.44 -29.29 -5.81
CA LYS A 88 30.09 -30.03 -4.59
C LYS A 88 29.31 -29.16 -3.62
N SER A 89 29.90 -28.02 -3.26
CA SER A 89 29.26 -27.11 -2.32
C SER A 89 29.87 -25.72 -2.44
N GLN A 90 29.20 -24.72 -1.86
CA GLN A 90 29.70 -23.36 -1.89
C GLN A 90 29.52 -22.70 -0.54
N GLU A 91 30.31 -21.67 -0.29
CA GLU A 91 30.25 -20.94 0.96
C GLU A 91 30.68 -19.50 0.70
N ILE A 92 29.90 -18.55 1.21
CA ILE A 92 30.25 -17.14 1.08
C ILE A 92 30.57 -16.56 2.45
N ILE A 93 31.82 -16.17 2.63
CA ILE A 93 32.26 -15.55 3.87
C ILE A 93 32.20 -14.04 3.69
N PRO A 94 31.47 -13.34 4.57
CA PRO A 94 31.34 -11.89 4.45
C PRO A 94 32.54 -11.13 5.03
N PHE A 95 32.73 -9.90 4.57
CA PHE A 95 33.69 -8.98 5.18
C PHE A 95 32.88 -7.95 5.96
N PRO A 96 32.72 -8.17 7.27
CA PRO A 96 31.81 -7.36 8.09
C PRO A 96 31.98 -5.85 7.90
N ASN A 97 33.20 -5.39 7.62
CA ASN A 97 33.48 -3.95 7.56
C ASN A 97 33.71 -3.42 6.15
N THR A 98 33.41 -4.22 5.14
CA THR A 98 33.51 -3.77 3.76
C THR A 98 32.55 -2.61 3.54
N LYS A 99 32.93 -1.68 2.68
CA LYS A 99 32.05 -0.59 2.29
C LYS A 99 31.78 -0.66 0.79
N MET A 100 32.16 -1.77 0.17
CA MET A 100 32.04 -1.92 -1.27
C MET A 100 31.46 -3.30 -1.64
N MET A 101 30.73 -3.90 -0.71
CA MET A 101 30.04 -5.16 -0.94
C MET A 101 31.00 -6.31 -1.18
N ARG A 102 32.24 -6.16 -0.75
CA ARG A 102 33.26 -7.17 -1.00
C ARG A 102 33.09 -8.35 -0.06
N ASN A 103 33.46 -9.54 -0.53
CA ASN A 103 33.36 -10.74 0.28
C ASN A 103 34.27 -11.86 -0.24
N LEU A 104 34.22 -13.00 0.42
CA LEU A 104 35.04 -14.15 0.05
C LEU A 104 34.16 -15.30 -0.41
N LEU A 105 34.29 -15.64 -1.69
CA LEU A 105 33.49 -16.70 -2.29
C LEU A 105 34.28 -18.00 -2.33
N CYS A 106 33.73 -19.04 -1.73
CA CYS A 106 34.40 -20.34 -1.70
C CYS A 106 33.53 -21.39 -2.37
N VAL A 107 34.15 -22.17 -3.25
CA VAL A 107 33.46 -23.24 -3.95
C VAL A 107 34.30 -24.51 -3.88
N ASN A 108 33.73 -25.56 -3.30
CA ASN A 108 34.39 -26.86 -3.25
C ASN A 108 34.03 -27.69 -4.48
N VAL A 109 35.04 -28.26 -5.12
CA VAL A 109 34.83 -29.02 -6.36
C VAL A 109 35.69 -30.27 -6.43
N SER A 110 35.38 -31.09 -7.43
CA SER A 110 36.19 -32.26 -7.75
C SER A 110 36.67 -32.12 -9.19
N LEU A 111 37.97 -32.21 -9.38
CA LEU A 111 38.56 -32.07 -10.71
C LEU A 111 39.62 -33.15 -10.88
N GLY A 112 39.29 -34.16 -11.68
CA GLY A 112 40.09 -35.37 -11.73
C GLY A 112 39.75 -36.19 -10.51
N GLY A 113 40.75 -36.78 -9.88
CA GLY A 113 40.54 -37.54 -8.66
C GLY A 113 40.93 -36.72 -7.44
N ASN A 114 40.96 -35.40 -7.60
CA ASN A 114 41.42 -34.52 -6.54
C ASN A 114 40.37 -33.51 -6.10
N GLU A 115 40.32 -33.26 -4.80
CA GLU A 115 39.39 -32.28 -4.25
C GLU A 115 40.05 -30.91 -4.20
N PHE A 116 39.31 -29.89 -4.61
CA PHE A 116 39.82 -28.53 -4.58
C PHE A 116 38.87 -27.61 -3.82
N CYS A 117 39.43 -26.58 -3.20
CA CYS A 117 38.65 -25.48 -2.67
C CYS A 117 39.02 -24.22 -3.43
N LEU A 118 38.11 -23.75 -4.27
CA LEU A 118 38.35 -22.58 -5.11
C LEU A 118 37.86 -21.31 -4.42
N MET A 119 38.73 -20.31 -4.32
CA MET A 119 38.40 -19.07 -3.62
C MET A 119 38.71 -17.84 -4.48
N THR A 120 37.84 -16.84 -4.41
CA THR A 120 38.10 -15.58 -5.08
C THR A 120 37.54 -14.41 -4.27
N SER A 121 38.07 -13.23 -4.50
CA SER A 121 37.63 -12.03 -3.80
C SER A 121 38.18 -10.79 -4.49
N HIS A 122 37.45 -9.69 -4.33
CA HIS A 122 37.90 -8.38 -4.78
C HIS A 122 38.13 -7.51 -3.55
N LEU A 123 39.35 -7.51 -3.03
CA LEU A 123 39.65 -6.79 -1.78
C LEU A 123 39.47 -5.28 -1.96
N GLU A 124 39.17 -4.58 -0.87
CA GLU A 124 38.89 -3.14 -0.93
C GLU A 124 39.86 -2.41 -1.84
N SER A 125 39.34 -1.49 -2.64
CA SER A 125 40.15 -0.78 -3.62
C SER A 125 40.74 0.52 -3.07
N THR A 126 41.68 1.08 -3.83
CA THR A 126 42.29 2.39 -3.53
C THR A 126 43.26 2.33 -2.36
N ARG A 127 44.11 3.36 -2.27
CA ARG A 127 45.19 3.40 -1.30
C ARG A 127 44.71 3.73 0.11
N GLU A 128 43.71 4.60 0.20
CA GLU A 128 43.22 5.06 1.49
C GLU A 128 42.51 3.95 2.27
N HIS A 129 42.13 2.88 1.60
CA HIS A 129 41.48 1.76 2.26
C HIS A 129 42.46 0.60 2.47
N SER A 130 43.73 0.93 2.66
CA SER A 130 44.76 -0.08 2.90
C SER A 130 44.47 -0.90 4.15
N ALA A 131 44.06 -0.22 5.21
CA ALA A 131 43.79 -0.89 6.49
C ALA A 131 42.77 -2.01 6.33
N GLU A 132 41.60 -1.69 5.78
CA GLU A 132 40.54 -2.67 5.60
C GLU A 132 40.94 -3.76 4.62
N ARG A 133 41.78 -3.43 3.66
CA ARG A 133 42.25 -4.41 2.69
C ARG A 133 43.15 -5.43 3.36
N ILE A 134 43.94 -4.98 4.32
CA ILE A 134 44.83 -5.87 5.06
C ILE A 134 44.04 -6.82 5.97
N ARG A 135 43.00 -6.31 6.60
CA ARG A 135 42.16 -7.13 7.46
C ARG A 135 41.45 -8.20 6.64
N GLN A 136 41.09 -7.86 5.40
CA GLN A 136 40.41 -8.79 4.52
C GLN A 136 41.37 -9.89 4.05
N LEU A 137 42.64 -9.53 3.86
CA LEU A 137 43.65 -10.51 3.46
C LEU A 137 43.87 -11.53 4.57
N LYS A 138 43.89 -11.05 5.81
CA LYS A 138 44.07 -11.93 6.97
C LYS A 138 42.94 -12.94 7.04
N THR A 139 41.72 -12.48 6.75
CA THR A 139 40.56 -13.34 6.72
C THR A 139 40.75 -14.43 5.66
N VAL A 140 41.16 -14.02 4.47
CA VAL A 140 41.36 -14.96 3.36
C VAL A 140 42.43 -16.00 3.71
N LEU A 141 43.61 -15.52 4.09
CA LEU A 141 44.71 -16.42 4.43
C LEU A 141 44.31 -17.38 5.54
N GLY A 142 43.56 -16.87 6.52
CA GLY A 142 43.09 -17.68 7.61
C GLY A 142 42.17 -18.79 7.13
N LYS A 143 41.31 -18.45 6.17
CA LYS A 143 40.34 -19.41 5.64
C LYS A 143 41.03 -20.48 4.81
N MET A 144 42.13 -20.12 4.15
CA MET A 144 42.92 -21.09 3.39
C MET A 144 43.51 -22.15 4.31
N GLN A 145 43.79 -21.78 5.56
CA GLN A 145 44.43 -22.68 6.50
C GLN A 145 43.46 -23.65 7.16
N GLU A 146 42.17 -23.31 7.15
CA GLU A 146 41.17 -24.12 7.84
C GLU A 146 40.70 -25.31 7.00
N ALA A 147 40.88 -25.23 5.69
CA ALA A 147 40.46 -26.32 4.81
C ALA A 147 41.11 -27.62 5.26
N PRO A 148 40.40 -28.75 5.13
CA PRO A 148 41.01 -30.04 5.47
C PRO A 148 42.26 -30.30 4.64
N ASP A 149 43.18 -31.09 5.18
CA ASP A 149 44.45 -31.34 4.51
C ASP A 149 44.27 -32.17 3.25
N SER A 150 43.10 -32.79 3.10
CA SER A 150 42.81 -33.64 1.96
C SER A 150 42.61 -32.83 0.67
N THR A 151 42.18 -31.58 0.81
CA THR A 151 41.83 -30.76 -0.34
C THR A 151 42.93 -29.74 -0.68
N THR A 152 43.03 -29.40 -1.94
CA THR A 152 43.96 -28.37 -2.40
C THR A 152 43.25 -27.02 -2.45
N VAL A 153 43.84 -26.01 -1.81
CA VAL A 153 43.22 -24.69 -1.75
C VAL A 153 43.85 -23.74 -2.76
N ILE A 154 43.02 -23.19 -3.65
CA ILE A 154 43.47 -22.22 -4.63
C ILE A 154 42.69 -20.93 -4.52
N PHE A 155 43.39 -19.84 -4.23
CA PHE A 155 42.78 -18.51 -4.24
C PHE A 155 43.30 -17.70 -5.41
N ALA A 156 42.39 -17.09 -6.16
CA ALA A 156 42.75 -16.24 -7.28
C ALA A 156 41.74 -15.09 -7.36
N GLY A 157 42.25 -13.87 -7.41
CA GLY A 157 41.37 -12.71 -7.51
C GLY A 157 42.11 -11.38 -7.51
N ASP A 158 41.33 -10.31 -7.42
CA ASP A 158 41.87 -8.95 -7.43
C ASP A 158 42.13 -8.48 -6.00
N THR A 159 43.39 -8.48 -5.60
CA THR A 159 43.76 -8.22 -4.22
C THR A 159 44.01 -6.74 -3.92
N ASN A 160 44.26 -5.95 -4.96
CA ASN A 160 44.56 -4.53 -4.80
C ASN A 160 45.76 -4.27 -3.88
N LEU A 161 46.63 -5.26 -3.74
CA LEU A 161 47.80 -5.14 -2.87
C LEU A 161 48.88 -4.32 -3.55
N ARG A 162 49.64 -3.58 -2.76
CA ARG A 162 50.69 -2.70 -3.28
C ARG A 162 51.63 -2.30 -2.16
N ASP A 163 52.69 -1.56 -2.52
CA ASP A 163 53.66 -1.08 -1.54
C ASP A 163 53.96 -2.11 -0.48
N GLN A 164 54.05 -3.38 -0.90
CA GLN A 164 54.29 -4.47 0.02
C GLN A 164 53.45 -4.33 1.30
N GLU A 165 52.16 -4.57 1.17
CA GLU A 165 51.25 -4.59 2.30
C GLU A 165 51.16 -6.00 2.89
N VAL A 166 51.73 -6.97 2.17
CA VAL A 166 51.68 -8.36 2.60
C VAL A 166 52.44 -8.55 3.92
N ILE A 167 53.44 -7.72 4.14
CA ILE A 167 54.24 -7.81 5.37
C ILE A 167 53.45 -7.33 6.59
N LYS A 168 52.77 -6.20 6.47
CA LYS A 168 51.93 -5.69 7.54
C LYS A 168 50.97 -6.77 8.02
N CYS A 169 50.44 -7.54 7.07
CA CYS A 169 49.52 -8.61 7.39
C CYS A 169 50.20 -9.70 8.20
N GLY A 170 51.52 -9.79 8.07
CA GLY A 170 52.30 -10.79 8.78
C GLY A 170 53.03 -11.73 7.82
N GLY A 171 52.84 -11.51 6.53
CA GLY A 171 53.41 -12.39 5.51
C GLY A 171 52.50 -13.58 5.29
N LEU A 172 52.69 -14.29 4.18
CA LEU A 172 51.93 -15.49 3.90
C LEU A 172 52.28 -16.55 4.93
N PRO A 173 51.27 -17.35 5.36
CA PRO A 173 51.58 -18.46 6.25
C PRO A 173 52.55 -19.43 5.58
N ASP A 174 53.30 -20.19 6.37
CA ASP A 174 54.39 -21.01 5.85
C ASP A 174 53.97 -22.03 4.78
N ASN A 175 52.69 -22.38 4.75
CA ASN A 175 52.21 -23.40 3.81
C ASN A 175 51.51 -22.82 2.58
N VAL A 176 51.49 -21.50 2.46
CA VAL A 176 50.81 -20.83 1.34
C VAL A 176 51.82 -20.06 0.48
N PHE A 177 51.66 -20.17 -0.84
CA PHE A 177 52.61 -19.56 -1.77
C PHE A 177 51.92 -18.71 -2.83
N ASP A 178 52.66 -17.72 -3.34
CA ASP A 178 52.20 -16.87 -4.42
C ASP A 178 52.71 -17.42 -5.75
N ALA A 179 51.80 -17.79 -6.64
CA ALA A 179 52.15 -18.46 -7.89
C ALA A 179 53.23 -17.72 -8.67
N TRP A 180 53.10 -16.40 -8.76
CA TRP A 180 54.05 -15.60 -9.52
C TRP A 180 55.44 -15.65 -8.89
N GLU A 181 55.49 -15.59 -7.56
CA GLU A 181 56.76 -15.67 -6.84
C GLU A 181 57.34 -17.07 -6.93
N PHE A 182 56.46 -18.06 -6.92
CA PHE A 182 56.87 -19.46 -6.99
C PHE A 182 57.63 -19.73 -8.29
N LEU A 183 57.19 -19.09 -9.37
CA LEU A 183 57.79 -19.30 -10.68
C LEU A 183 59.05 -18.45 -10.90
N GLY A 184 59.45 -17.70 -9.87
CA GLY A 184 60.67 -16.92 -9.96
C GLY A 184 60.45 -15.49 -10.42
N LYS A 185 59.22 -15.01 -10.29
CA LYS A 185 58.91 -13.62 -10.62
C LYS A 185 59.19 -13.29 -12.09
N PRO A 186 58.52 -13.99 -13.01
CA PRO A 186 58.68 -13.72 -14.45
C PRO A 186 58.22 -12.30 -14.81
N LYS A 187 59.01 -11.58 -15.60
CA LYS A 187 58.75 -10.18 -15.88
C LYS A 187 57.64 -9.99 -16.93
N HIS A 188 57.48 -10.97 -17.82
CA HIS A 188 56.54 -10.83 -18.93
C HIS A 188 55.09 -10.72 -18.46
N CYS A 189 54.82 -11.08 -17.21
CA CYS A 189 53.48 -11.00 -16.67
C CYS A 189 53.49 -10.47 -15.23
N GLN A 190 54.47 -9.61 -14.93
CA GLN A 190 54.60 -9.06 -13.58
C GLN A 190 53.43 -8.16 -13.23
N TYR A 191 53.11 -7.23 -14.13
CA TYR A 191 52.05 -6.26 -13.87
C TYR A 191 50.76 -6.63 -14.58
N THR A 192 49.68 -6.70 -13.83
CA THR A 192 48.38 -7.07 -14.38
C THR A 192 47.51 -5.83 -14.59
N TRP A 193 48.00 -4.68 -14.14
CA TRP A 193 47.27 -3.42 -14.26
C TRP A 193 48.26 -2.34 -14.67
N ASP A 194 48.20 -1.93 -15.93
CA ASP A 194 49.21 -1.07 -16.51
C ASP A 194 48.56 0.00 -17.41
N THR A 195 48.55 1.24 -16.92
CA THR A 195 47.91 2.34 -17.65
C THR A 195 48.76 2.84 -18.82
N LYS A 196 50.01 2.40 -18.88
CA LYS A 196 50.91 2.78 -19.96
C LYS A 196 50.57 1.98 -21.21
N ALA A 197 50.22 0.71 -21.01
CA ALA A 197 49.83 -0.17 -22.12
C ALA A 197 48.31 -0.31 -22.22
N ASN A 198 47.60 0.17 -21.20
CA ASN A 198 46.15 0.10 -21.17
C ASN A 198 45.55 1.50 -21.09
N ASN A 199 44.60 1.80 -21.96
CA ASN A 199 44.05 3.16 -22.07
C ASN A 199 42.57 3.28 -21.68
N ASN A 200 42.00 2.21 -21.12
CA ASN A 200 40.57 2.20 -20.81
C ASN A 200 40.15 3.30 -19.84
N LEU A 201 40.98 3.57 -18.83
CA LEU A 201 40.65 4.56 -17.81
C LEU A 201 41.09 5.97 -18.21
N ARG A 202 41.66 6.10 -19.40
CA ARG A 202 42.13 7.40 -19.90
C ARG A 202 42.99 8.10 -18.84
N ILE A 203 44.21 7.59 -18.66
CA ILE A 203 45.13 8.14 -17.67
C ILE A 203 46.46 8.51 -18.34
N PRO A 204 46.79 9.80 -18.37
CA PRO A 204 48.02 10.28 -19.01
C PRO A 204 49.29 9.70 -18.39
N ALA A 205 49.30 9.50 -17.08
CA ALA A 205 50.50 9.03 -16.37
C ALA A 205 50.65 7.52 -16.45
N ALA A 206 51.82 7.02 -16.04
CA ALA A 206 52.14 5.61 -16.12
C ALA A 206 52.15 4.96 -14.74
N TYR A 207 51.22 4.03 -14.52
CA TYR A 207 51.15 3.28 -13.27
C TYR A 207 51.11 1.78 -13.55
N LYS A 208 51.94 1.04 -12.83
CA LYS A 208 52.02 -0.41 -13.00
C LYS A 208 51.94 -1.12 -11.65
N HIS A 209 51.00 -2.05 -11.52
CA HIS A 209 50.82 -2.78 -10.27
C HIS A 209 50.47 -4.23 -10.50
N ARG A 210 50.77 -5.06 -9.50
CA ARG A 210 50.36 -6.47 -9.53
CA ARG A 210 50.40 -6.47 -9.51
C ARG A 210 49.22 -6.68 -8.56
N PHE A 211 48.04 -6.23 -8.96
CA PHE A 211 46.85 -6.34 -8.12
C PHE A 211 46.28 -7.75 -8.14
N ASP A 212 46.37 -8.40 -9.29
CA ASP A 212 45.78 -9.72 -9.46
C ASP A 212 46.80 -10.80 -9.15
N ARG A 213 46.50 -11.61 -8.13
CA ARG A 213 47.43 -12.59 -7.63
C ARG A 213 46.78 -13.94 -7.39
N ILE A 214 47.61 -14.98 -7.34
CA ILE A 214 47.15 -16.34 -7.12
C ILE A 214 47.87 -16.94 -5.91
N PHE A 215 47.09 -17.34 -4.91
CA PHE A 215 47.64 -17.99 -3.74
C PHE A 215 47.20 -19.45 -3.73
N PHE A 216 48.10 -20.35 -3.34
CA PHE A 216 47.75 -21.76 -3.24
C PHE A 216 48.49 -22.41 -2.08
N ARG A 217 47.98 -23.54 -1.62
CA ARG A 217 48.62 -24.26 -0.52
C ARG A 217 48.67 -25.75 -0.80
N ALA A 218 49.80 -26.37 -0.46
CA ALA A 218 50.03 -27.78 -0.74
C ALA A 218 50.24 -28.55 0.57
N GLY A 221 54.15 -30.89 -1.05
CA GLY A 221 54.21 -30.29 -2.37
C GLY A 221 53.33 -31.01 -3.36
N HIS A 222 52.09 -31.26 -2.96
CA HIS A 222 51.13 -32.00 -3.78
C HIS A 222 51.05 -31.47 -5.21
N LEU A 223 50.95 -30.15 -5.34
CA LEU A 223 50.75 -29.53 -6.65
C LEU A 223 51.56 -28.24 -6.79
N ILE A 224 51.97 -27.95 -8.02
CA ILE A 224 52.82 -26.79 -8.29
C ILE A 224 52.43 -26.11 -9.60
N PRO A 225 52.73 -24.81 -9.70
CA PRO A 225 52.44 -24.06 -10.93
C PRO A 225 53.42 -24.38 -12.05
N GLN A 226 52.95 -24.33 -13.28
CA GLN A 226 53.75 -24.68 -14.44
C GLN A 226 53.97 -23.49 -15.36
N SER A 227 52.99 -22.59 -15.42
CA SER A 227 53.07 -21.44 -16.30
C SER A 227 52.17 -20.31 -15.84
N LEU A 228 52.54 -19.09 -16.20
CA LEU A 228 51.75 -17.91 -15.88
C LEU A 228 51.84 -16.94 -17.06
N ASP A 229 50.69 -16.50 -17.57
CA ASP A 229 50.64 -15.59 -18.71
C ASP A 229 49.52 -14.58 -18.58
N LEU A 230 49.68 -13.45 -19.28
CA LEU A 230 48.63 -12.44 -19.34
C LEU A 230 47.74 -12.69 -20.54
N VAL A 231 46.46 -12.37 -20.41
CA VAL A 231 45.51 -12.53 -21.52
C VAL A 231 44.61 -11.30 -21.64
N GLY A 232 43.95 -11.18 -22.78
CA GLY A 232 43.13 -10.01 -23.07
C GLY A 232 43.96 -8.83 -23.52
N LEU A 233 44.97 -9.11 -24.34
CA LEU A 233 45.94 -8.10 -24.75
C LEU A 233 45.59 -7.43 -26.08
N GLU A 234 44.46 -7.83 -26.68
CA GLU A 234 44.10 -7.33 -27.99
C GLU A 234 43.02 -6.25 -27.93
N LYS A 235 43.33 -5.08 -28.49
CA LYS A 235 42.36 -4.02 -28.62
C LYS A 235 41.17 -4.50 -29.43
N LEU A 236 39.98 -4.01 -29.11
CA LEU A 236 38.78 -4.36 -29.86
C LEU A 236 38.49 -3.31 -30.91
N ASP A 237 37.43 -3.51 -31.69
CA ASP A 237 37.07 -2.58 -32.74
C ASP A 237 36.85 -1.17 -32.21
N CYS A 238 36.22 -1.07 -31.04
CA CYS A 238 35.93 0.23 -30.44
C CYS A 238 37.20 0.95 -30.01
N GLY A 239 38.34 0.26 -30.10
CA GLY A 239 39.62 0.88 -29.80
C GLY A 239 39.97 0.81 -28.33
N ARG A 240 39.40 -0.16 -27.62
CA ARG A 240 39.68 -0.34 -26.20
C ARG A 240 39.82 -1.82 -25.89
N PHE A 241 40.52 -2.12 -24.80
CA PHE A 241 40.70 -3.50 -24.35
C PHE A 241 39.44 -3.98 -23.64
N PRO A 242 39.27 -5.30 -23.54
CA PRO A 242 38.11 -5.86 -22.84
C PRO A 242 38.00 -5.31 -21.43
N SER A 243 39.12 -4.91 -20.83
CA SER A 243 39.13 -4.40 -19.47
C SER A 243 40.39 -3.61 -19.17
N ASP A 244 40.36 -2.84 -18.09
CA ASP A 244 41.51 -2.07 -17.64
C ASP A 244 42.54 -3.00 -16.99
N HIS A 245 42.09 -4.18 -16.56
CA HIS A 245 42.99 -5.22 -16.06
C HIS A 245 43.33 -6.20 -17.17
N TRP A 246 44.54 -6.74 -17.12
CA TRP A 246 44.87 -7.89 -17.96
C TRP A 246 44.34 -9.14 -17.27
N GLY A 247 44.00 -10.15 -18.06
CA GLY A 247 43.64 -11.44 -17.50
C GLY A 247 44.90 -12.16 -17.07
N LEU A 248 44.75 -13.16 -16.21
CA LEU A 248 45.89 -13.92 -15.71
C LEU A 248 45.62 -15.41 -15.89
N LEU A 249 46.33 -16.02 -16.83
CA LEU A 249 46.15 -17.44 -17.15
C LEU A 249 47.22 -18.29 -16.49
N CYS A 250 46.80 -19.17 -15.59
CA CYS A 250 47.73 -20.03 -14.87
C CYS A 250 47.44 -21.51 -15.11
N THR A 251 48.50 -22.30 -15.23
CA THR A 251 48.40 -23.75 -15.36
C THR A 251 49.16 -24.44 -14.24
N LEU A 252 48.44 -25.15 -13.38
CA LEU A 252 49.06 -25.90 -12.30
C LEU A 252 49.14 -27.37 -12.69
N ASN A 253 50.27 -27.99 -12.39
CA ASN A 253 50.43 -29.41 -12.64
C ASN A 253 50.34 -30.17 -11.32
N VAL A 254 50.05 -31.47 -11.40
CA VAL A 254 49.93 -32.29 -10.21
C VAL A 254 51.01 -33.38 -10.21
N VAL A 255 51.76 -33.45 -9.11
CA VAL A 255 52.84 -34.41 -8.98
C VAL A 255 52.29 -35.79 -8.67
N LEU A 256 52.69 -36.78 -9.44
CA LEU A 256 52.18 -38.14 -9.28
C LEU A 256 53.31 -39.12 -8.99
N SER B 7 15.59 -6.86 9.67
CA SER B 7 16.12 -5.53 9.36
C SER B 7 16.78 -5.51 7.99
N SER B 8 16.47 -4.48 7.20
CA SER B 8 17.05 -4.32 5.87
C SER B 8 17.83 -3.02 5.78
N THR B 9 18.62 -2.86 4.72
CA THR B 9 19.51 -1.71 4.60
C THR B 9 19.17 -0.82 3.43
N ILE B 10 19.51 0.47 3.57
CA ILE B 10 19.53 1.39 2.45
C ILE B 10 20.80 2.22 2.55
N SER B 11 21.51 2.38 1.44
CA SER B 11 22.75 3.15 1.42
C SER B 11 22.65 4.31 0.45
N PHE B 12 23.36 5.40 0.74
CA PHE B 12 23.36 6.55 -0.14
C PHE B 12 24.61 7.41 0.03
N ILE B 13 24.87 8.24 -0.97
CA ILE B 13 25.96 9.19 -0.92
C ILE B 13 25.44 10.59 -1.17
N THR B 14 25.91 11.56 -0.40
CA THR B 14 25.64 12.96 -0.68
C THR B 14 26.97 13.64 -1.00
N TRP B 15 26.98 14.49 -2.00
CA TRP B 15 28.23 15.05 -2.49
C TRP B 15 28.03 16.30 -3.33
N ASN B 16 28.72 17.37 -2.94
CA ASN B 16 28.83 18.55 -3.78
C ASN B 16 30.01 18.36 -4.73
N ILE B 17 29.72 18.25 -6.01
CA ILE B 17 30.74 17.85 -6.99
C ILE B 17 31.48 19.03 -7.62
N ASP B 18 31.23 20.23 -7.11
CA ASP B 18 31.98 21.42 -7.52
C ASP B 18 31.95 21.64 -9.04
N GLY B 19 30.75 21.58 -9.61
CA GLY B 19 30.58 21.80 -11.03
C GLY B 19 30.87 23.23 -11.46
N LEU B 20 30.90 24.15 -10.49
CA LEU B 20 31.19 25.54 -10.78
C LEU B 20 32.65 25.77 -11.16
N ASP B 21 33.50 24.82 -10.79
CA ASP B 21 34.91 24.88 -11.15
C ASP B 21 35.12 24.21 -12.50
N GLY B 22 35.59 24.98 -13.48
CA GLY B 22 35.71 24.51 -14.85
C GLY B 22 37.04 23.85 -15.18
N CYS B 23 37.95 23.84 -14.23
CA CYS B 23 39.27 23.25 -14.45
C CYS B 23 39.27 21.75 -14.21
N ASN B 24 39.71 20.99 -15.22
CA ASN B 24 39.78 19.54 -15.12
C ASN B 24 38.41 18.90 -14.87
N LEU B 25 37.36 19.49 -15.46
CA LEU B 25 36.01 19.00 -15.22
C LEU B 25 35.81 17.56 -15.68
N PRO B 26 35.99 17.29 -16.98
CA PRO B 26 35.79 15.93 -17.50
C PRO B 26 36.55 14.87 -16.70
N GLU B 27 37.81 15.15 -16.37
CA GLU B 27 38.62 14.20 -15.61
C GLU B 27 38.04 14.00 -14.22
N ARG B 28 37.71 15.10 -13.55
CA ARG B 28 37.12 15.04 -12.21
C ARG B 28 35.76 14.35 -12.25
N ALA B 29 35.07 14.46 -13.38
CA ALA B 29 33.78 13.80 -13.55
C ALA B 29 33.96 12.29 -13.62
N ARG B 30 35.04 11.86 -14.26
CA ARG B 30 35.38 10.44 -14.27
C ARG B 30 35.62 9.96 -12.85
N GLY B 31 36.35 10.77 -12.09
CA GLY B 31 36.65 10.45 -10.71
C GLY B 31 35.39 10.24 -9.89
N VAL B 32 34.40 11.10 -10.11
CA VAL B 32 33.15 11.01 -9.35
C VAL B 32 32.39 9.74 -9.71
N CYS B 33 32.20 9.51 -11.00
CA CYS B 33 31.48 8.32 -11.46
C CYS B 33 32.21 7.06 -11.02
N SER B 34 33.53 7.12 -11.04
CA SER B 34 34.36 6.00 -10.60
C SER B 34 34.12 5.70 -9.12
N CYS B 35 34.00 6.77 -8.32
CA CYS B 35 33.77 6.64 -6.89
CA CYS B 35 33.77 6.61 -6.89
C CYS B 35 32.37 6.09 -6.61
N LEU B 36 31.37 6.62 -7.31
CA LEU B 36 30.00 6.17 -7.14
C LEU B 36 29.89 4.69 -7.45
N ALA B 37 30.60 4.26 -8.50
CA ALA B 37 30.57 2.86 -8.93
C ALA B 37 31.08 1.93 -7.83
N LEU B 38 32.17 2.32 -7.18
CA LEU B 38 32.80 1.48 -6.16
C LEU B 38 31.85 1.16 -5.01
N TYR B 39 31.11 2.17 -4.55
CA TYR B 39 30.27 2.02 -3.37
C TYR B 39 28.87 1.56 -3.74
N SER B 40 28.47 1.82 -4.98
CA SER B 40 27.22 1.32 -5.52
C SER B 40 26.03 1.56 -4.59
N PRO B 41 25.86 2.82 -4.16
CA PRO B 41 24.77 3.18 -3.23
C PRO B 41 23.40 3.15 -3.89
N ASP B 42 22.35 2.96 -3.08
CA ASP B 42 20.98 2.90 -3.59
C ASP B 42 20.51 4.27 -4.08
N VAL B 43 21.02 5.34 -3.46
CA VAL B 43 20.66 6.69 -3.83
C VAL B 43 21.87 7.59 -3.79
N VAL B 44 21.90 8.59 -4.67
CA VAL B 44 22.96 9.59 -4.66
C VAL B 44 22.39 11.00 -4.73
N PHE B 45 22.74 11.82 -3.74
CA PHE B 45 22.36 13.22 -3.75
C PHE B 45 23.55 14.07 -4.23
N LEU B 46 23.33 14.86 -5.27
CA LEU B 46 24.40 15.67 -5.84
C LEU B 46 24.08 17.16 -5.81
N GLN B 47 25.10 17.98 -5.64
CA GLN B 47 24.94 19.43 -5.68
C GLN B 47 25.97 20.04 -6.63
N GLU B 48 25.67 21.24 -7.13
CA GLU B 48 26.51 21.90 -8.12
C GLU B 48 26.69 21.05 -9.36
N VAL B 49 25.58 20.51 -9.86
CA VAL B 49 25.57 19.81 -11.13
C VAL B 49 25.26 20.79 -12.26
N ILE B 50 26.01 20.69 -13.36
CA ILE B 50 25.75 21.51 -14.54
C ILE B 50 25.35 20.62 -15.71
N PRO B 51 24.61 21.17 -16.68
CA PRO B 51 24.06 20.40 -17.80
C PRO B 51 25.03 19.40 -18.44
N PRO B 52 26.23 19.85 -18.85
CA PRO B 52 27.15 18.88 -19.46
C PRO B 52 27.60 17.80 -18.49
N TYR B 53 27.54 18.10 -17.19
CA TYR B 53 27.85 17.12 -16.15
C TYR B 53 26.72 16.12 -16.08
N CYS B 54 25.50 16.64 -16.18
CA CYS B 54 24.30 15.83 -16.14
C CYS B 54 24.31 14.81 -17.29
N ALA B 55 24.77 15.25 -18.45
CA ALA B 55 24.83 14.38 -19.61
C ALA B 55 25.84 13.25 -19.39
N TYR B 56 26.92 13.56 -18.69
CA TYR B 56 27.96 12.58 -18.44
C TYR B 56 27.49 11.49 -17.48
N LEU B 57 26.72 11.87 -16.47
CA LEU B 57 26.13 10.91 -15.55
C LEU B 57 25.15 10.00 -16.27
N LYS B 58 24.37 10.59 -17.18
CA LYS B 58 23.36 9.86 -17.92
C LYS B 58 23.97 8.74 -18.77
N LYS B 59 25.26 8.86 -19.09
CA LYS B 59 25.92 7.91 -19.97
C LYS B 59 26.96 7.04 -19.27
N ARG B 60 27.44 7.46 -18.12
CA ARG B 60 28.47 6.72 -17.40
C ARG B 60 27.95 6.14 -16.08
N ALA B 61 26.84 6.67 -15.59
CA ALA B 61 26.16 6.11 -14.43
C ALA B 61 24.77 5.63 -14.89
N ALA B 62 24.75 4.94 -16.02
CA ALA B 62 23.51 4.57 -16.68
C ALA B 62 22.58 3.74 -15.80
N SER B 63 23.15 3.08 -14.79
CA SER B 63 22.36 2.25 -13.90
C SER B 63 21.56 3.08 -12.89
N TYR B 64 21.64 4.40 -13.00
CA TYR B 64 20.86 5.28 -12.13
C TYR B 64 19.81 6.07 -12.91
N THR B 65 18.66 6.28 -12.29
CA THR B 65 17.65 7.19 -12.81
C THR B 65 17.98 8.58 -12.32
N ILE B 66 18.07 9.55 -13.23
CA ILE B 66 18.52 10.89 -12.88
C ILE B 66 17.38 11.90 -12.86
N ILE B 67 17.22 12.57 -11.72
CA ILE B 67 16.18 13.58 -11.56
C ILE B 67 16.81 14.88 -11.08
N THR B 68 16.73 15.90 -11.92
CA THR B 68 17.40 17.18 -11.67
C THR B 68 16.47 18.22 -11.05
N GLY B 69 17.06 19.18 -10.35
CA GLY B 69 16.30 20.24 -9.70
C GLY B 69 16.16 21.48 -10.57
N ASN B 70 16.72 21.43 -11.77
CA ASN B 70 16.65 22.55 -12.71
C ASN B 70 17.21 22.14 -14.07
N GLU B 71 17.05 23.01 -15.06
CA GLU B 71 17.51 22.71 -16.42
C GLU B 71 18.48 23.76 -16.95
N GLU B 72 18.88 24.69 -16.09
CA GLU B 72 19.81 25.75 -16.47
C GLU B 72 20.68 26.11 -15.28
N GLY B 73 21.77 26.82 -15.53
CA GLY B 73 22.69 27.22 -14.49
C GLY B 73 23.34 26.02 -13.84
N TYR B 74 23.33 25.98 -12.50
CA TYR B 74 23.75 24.79 -11.78
C TYR B 74 22.65 24.38 -10.81
N PHE B 75 22.64 23.11 -10.42
CA PHE B 75 21.52 22.57 -9.68
C PHE B 75 21.84 21.26 -8.98
N THR B 76 20.90 20.78 -8.18
CA THR B 76 21.04 19.51 -7.50
C THR B 76 20.48 18.37 -8.35
N ALA B 77 20.68 17.14 -7.88
CA ALA B 77 20.18 15.98 -8.59
C ALA B 77 20.09 14.79 -7.64
N ILE B 78 19.08 13.94 -7.86
CA ILE B 78 18.93 12.71 -7.08
C ILE B 78 18.95 11.52 -8.03
N LEU B 79 19.86 10.59 -7.76
CA LEU B 79 20.00 9.39 -8.57
C LEU B 79 19.43 8.17 -7.85
N LEU B 80 18.68 7.34 -8.58
CA LEU B 80 18.03 6.18 -8.00
C LEU B 80 18.51 4.90 -8.68
N LYS B 81 19.01 3.96 -7.88
CA LYS B 81 19.55 2.72 -8.42
C LYS B 81 18.44 1.89 -9.08
N LYS B 82 18.57 1.67 -10.38
CA LYS B 82 17.59 0.90 -11.13
C LYS B 82 17.59 -0.56 -10.69
N GLY B 83 16.40 -1.11 -10.46
CA GLY B 83 16.27 -2.47 -9.99
C GLY B 83 16.01 -2.55 -8.50
N ARG B 84 16.28 -1.46 -7.79
CA ARG B 84 16.08 -1.42 -6.34
C ARG B 84 15.16 -0.28 -5.90
N VAL B 85 15.48 0.94 -6.32
CA VAL B 85 14.65 2.09 -5.97
C VAL B 85 13.67 2.40 -7.11
N LYS B 86 12.40 2.53 -6.76
CA LYS B 86 11.34 2.72 -7.77
C LYS B 86 10.75 4.12 -7.66
N PHE B 87 10.86 4.90 -8.74
CA PHE B 87 10.36 6.27 -8.78
C PHE B 87 8.83 6.30 -8.68
N LYS B 88 8.32 7.20 -7.84
CA LYS B 88 6.88 7.35 -7.63
C LYS B 88 6.40 8.73 -8.09
N SER B 89 7.01 9.77 -7.54
CA SER B 89 6.64 11.14 -7.89
C SER B 89 7.78 12.09 -7.56
N GLN B 90 7.65 13.33 -8.03
CA GLN B 90 8.70 14.33 -7.89
C GLN B 90 8.10 15.67 -7.51
N GLU B 91 8.91 16.54 -6.91
CA GLU B 91 8.44 17.83 -6.44
C GLU B 91 9.62 18.77 -6.18
N ILE B 92 9.48 20.01 -6.60
CA ILE B 92 10.53 21.01 -6.40
C ILE B 92 9.99 22.23 -5.67
N ILE B 93 10.38 22.38 -4.40
CA ILE B 93 9.99 23.56 -3.63
C ILE B 93 11.02 24.66 -3.83
N PRO B 94 10.57 25.82 -4.32
CA PRO B 94 11.50 26.93 -4.58
C PRO B 94 11.79 27.76 -3.34
N PHE B 95 12.99 28.31 -3.26
CA PHE B 95 13.34 29.27 -2.23
C PHE B 95 13.13 30.67 -2.80
N PRO B 96 12.00 31.31 -2.46
CA PRO B 96 11.60 32.56 -3.13
C PRO B 96 12.63 33.68 -3.04
N ASN B 97 13.51 33.63 -2.05
CA ASN B 97 14.49 34.71 -1.86
C ASN B 97 15.94 34.31 -2.12
N THR B 98 16.14 33.16 -2.76
CA THR B 98 17.48 32.76 -3.17
C THR B 98 18.01 33.72 -4.21
N LYS B 99 19.31 33.96 -4.17
CA LYS B 99 19.99 34.72 -5.22
C LYS B 99 20.97 33.84 -5.97
N MET B 100 20.95 32.54 -5.64
CA MET B 100 21.92 31.59 -6.20
C MET B 100 21.23 30.38 -6.82
N MET B 101 19.97 30.53 -7.19
CA MET B 101 19.20 29.48 -7.86
C MET B 101 18.98 28.26 -6.97
N ARG B 102 19.05 28.43 -5.66
CA ARG B 102 18.90 27.31 -4.75
C ARG B 102 17.44 26.96 -4.55
N ASN B 103 17.16 25.68 -4.32
CA ASN B 103 15.80 25.22 -4.07
C ASN B 103 15.82 23.89 -3.33
N LEU B 104 14.66 23.25 -3.21
CA LEU B 104 14.53 21.98 -2.49
C LEU B 104 13.95 20.90 -3.40
N LEU B 105 14.75 19.88 -3.68
CA LEU B 105 14.32 18.80 -4.54
C LEU B 105 13.86 17.60 -3.72
N CYS B 106 12.59 17.23 -3.88
CA CYS B 106 12.02 16.10 -3.17
C CYS B 106 11.60 15.01 -4.17
N VAL B 107 11.85 13.75 -3.80
CA VAL B 107 11.51 12.64 -4.67
C VAL B 107 10.99 11.48 -3.84
N ASN B 108 9.74 11.09 -4.08
CA ASN B 108 9.14 9.95 -3.40
C ASN B 108 9.44 8.67 -4.16
N VAL B 109 9.79 7.61 -3.42
CA VAL B 109 10.16 6.35 -4.04
C VAL B 109 9.80 5.19 -3.13
N SER B 110 10.02 3.97 -3.63
CA SER B 110 9.87 2.78 -2.80
C SER B 110 11.06 1.86 -3.04
N LEU B 111 11.56 1.26 -1.96
CA LEU B 111 12.71 0.36 -2.02
C LEU B 111 12.36 -0.93 -1.31
N GLY B 112 12.12 -1.98 -2.08
CA GLY B 112 11.73 -3.25 -1.52
C GLY B 112 10.42 -3.17 -0.75
N GLY B 113 9.51 -2.34 -1.24
CA GLY B 113 8.17 -2.25 -0.68
C GLY B 113 8.02 -1.29 0.48
N ASN B 114 9.06 -0.50 0.73
CA ASN B 114 9.02 0.51 1.78
C ASN B 114 9.08 1.92 1.19
N GLU B 115 8.27 2.82 1.72
CA GLU B 115 8.19 4.18 1.19
C GLU B 115 9.34 5.04 1.71
N PHE B 116 9.78 5.98 0.88
CA PHE B 116 10.84 6.90 1.25
C PHE B 116 10.60 8.28 0.62
N CYS B 117 10.91 9.34 1.37
CA CYS B 117 10.89 10.68 0.81
C CYS B 117 12.29 11.25 0.79
N LEU B 118 12.94 11.17 -0.37
CA LEU B 118 14.31 11.62 -0.52
C LEU B 118 14.34 13.12 -0.83
N MET B 119 15.16 13.87 -0.10
CA MET B 119 15.24 15.32 -0.28
C MET B 119 16.69 15.79 -0.36
N THR B 120 16.93 16.86 -1.11
CA THR B 120 18.26 17.45 -1.16
C THR B 120 18.19 18.94 -1.49
N SER B 121 19.28 19.64 -1.16
CA SER B 121 19.35 21.08 -1.36
C SER B 121 20.77 21.60 -1.15
N HIS B 122 21.13 22.63 -1.90
CA HIS B 122 22.40 23.32 -1.72
C HIS B 122 22.11 24.70 -1.14
N LEU B 123 22.09 24.81 0.18
CA LEU B 123 21.70 26.05 0.85
C LEU B 123 22.66 27.20 0.53
N GLU B 124 22.16 28.42 0.58
CA GLU B 124 22.95 29.63 0.31
C GLU B 124 24.37 29.51 0.86
N SER B 125 25.34 29.98 0.09
CA SER B 125 26.74 29.87 0.46
C SER B 125 27.27 31.16 1.10
N THR B 126 28.53 31.10 1.52
CA THR B 126 29.25 32.26 2.06
C THR B 126 28.73 32.74 3.42
N ARG B 127 29.59 33.47 4.11
CA ARG B 127 29.28 34.05 5.42
C ARG B 127 28.11 35.03 5.34
N GLU B 128 28.19 35.93 4.37
CA GLU B 128 27.27 37.07 4.30
C GLU B 128 25.81 36.66 4.16
N HIS B 129 25.55 35.47 3.64
CA HIS B 129 24.18 35.02 3.38
C HIS B 129 23.68 34.04 4.44
N SER B 130 24.02 34.32 5.70
CA SER B 130 23.60 33.49 6.81
C SER B 130 22.08 33.53 6.99
N ALA B 131 21.53 34.74 7.01
CA ALA B 131 20.09 34.92 7.22
C ALA B 131 19.28 34.07 6.26
N GLU B 132 19.55 34.20 4.97
CA GLU B 132 18.82 33.44 3.95
C GLU B 132 19.07 31.95 4.08
N ARG B 133 20.29 31.59 4.50
CA ARG B 133 20.62 30.18 4.67
C ARG B 133 19.78 29.54 5.77
N ILE B 134 19.46 30.32 6.81
CA ILE B 134 18.69 29.82 7.94
C ILE B 134 17.21 29.70 7.60
N ARG B 135 16.69 30.65 6.83
CA ARG B 135 15.29 30.59 6.41
C ARG B 135 15.05 29.33 5.60
N GLN B 136 16.00 29.02 4.73
CA GLN B 136 15.92 27.83 3.89
C GLN B 136 16.02 26.57 4.76
N LEU B 137 16.84 26.64 5.80
CA LEU B 137 16.97 25.51 6.71
C LEU B 137 15.62 25.21 7.36
N LYS B 138 14.92 26.26 7.77
CA LYS B 138 13.60 26.11 8.37
C LYS B 138 12.60 25.55 7.35
N THR B 139 12.79 25.91 6.08
CA THR B 139 11.91 25.45 5.03
C THR B 139 11.98 23.93 4.85
N VAL B 140 13.20 23.42 4.71
CA VAL B 140 13.39 21.99 4.50
C VAL B 140 12.91 21.20 5.71
N LEU B 141 13.17 21.73 6.91
CA LEU B 141 12.75 21.07 8.13
C LEU B 141 11.24 20.93 8.20
N GLY B 142 10.53 21.95 7.75
CA GLY B 142 9.07 21.92 7.74
C GLY B 142 8.52 20.92 6.75
N LYS B 143 9.23 20.77 5.62
CA LYS B 143 8.81 19.84 4.57
C LYS B 143 9.00 18.39 5.01
N MET B 144 9.99 18.15 5.86
CA MET B 144 10.26 16.80 6.35
C MET B 144 9.12 16.30 7.23
N GLN B 145 8.35 17.22 7.79
CA GLN B 145 7.24 16.87 8.68
C GLN B 145 6.02 16.37 7.91
N GLU B 146 5.79 16.93 6.73
CA GLU B 146 4.58 16.68 5.97
C GLU B 146 4.39 15.22 5.58
N ALA B 147 5.47 14.57 5.15
CA ALA B 147 5.40 13.19 4.66
C ALA B 147 4.67 12.28 5.65
N PRO B 148 3.79 11.40 5.13
CA PRO B 148 3.08 10.42 5.95
C PRO B 148 3.99 9.74 6.97
N ASP B 149 3.43 9.39 8.13
CA ASP B 149 4.22 8.78 9.20
C ASP B 149 4.75 7.41 8.80
N SER B 150 4.07 6.76 7.86
CA SER B 150 4.51 5.45 7.38
C SER B 150 5.70 5.58 6.44
N THR B 151 5.88 6.77 5.88
CA THR B 151 7.01 7.03 4.98
C THR B 151 8.25 7.46 5.76
N THR B 152 9.41 7.10 5.24
CA THR B 152 10.67 7.42 5.89
C THR B 152 11.37 8.58 5.18
N VAL B 153 11.49 9.72 5.88
CA VAL B 153 12.08 10.91 5.28
C VAL B 153 13.59 10.97 5.51
N ILE B 154 14.32 11.35 4.45
CA ILE B 154 15.76 11.49 4.53
C ILE B 154 16.22 12.71 3.73
N PHE B 155 16.82 13.67 4.43
CA PHE B 155 17.46 14.78 3.76
C PHE B 155 18.97 14.65 3.82
N ALA B 156 19.62 14.91 2.69
CA ALA B 156 21.07 14.89 2.60
C ALA B 156 21.49 15.93 1.59
N GLY B 157 22.45 16.78 1.97
CA GLY B 157 22.92 17.80 1.06
C GLY B 157 23.94 18.75 1.65
N ASP B 158 24.33 19.74 0.85
CA ASP B 158 25.28 20.76 1.27
C ASP B 158 24.52 21.87 1.98
N THR B 159 24.59 21.89 3.31
CA THR B 159 23.84 22.86 4.10
C THR B 159 24.62 24.14 4.30
N ASN B 160 25.93 24.08 4.09
CA ASN B 160 26.78 25.25 4.27
C ASN B 160 26.65 25.83 5.67
N LEU B 161 26.14 25.03 6.59
CA LEU B 161 25.91 25.48 7.96
C LEU B 161 27.22 25.63 8.72
N ARG B 162 27.27 26.58 9.65
CA ARG B 162 28.47 26.83 10.43
C ARG B 162 28.20 27.71 11.64
N ASP B 163 29.05 27.59 12.65
CA ASP B 163 29.05 28.49 13.79
C ASP B 163 27.69 28.63 14.48
N GLN B 164 27.19 27.54 15.03
CA GLN B 164 25.99 27.58 15.87
C GLN B 164 24.74 28.06 15.15
N GLU B 165 24.80 28.13 13.82
CA GLU B 165 23.64 28.55 13.03
C GLU B 165 22.45 27.64 13.29
N VAL B 166 22.73 26.40 13.67
CA VAL B 166 21.67 25.44 13.98
C VAL B 166 20.99 25.79 15.31
N ILE B 167 21.78 26.16 16.30
CA ILE B 167 21.24 26.45 17.63
C ILE B 167 20.50 27.79 17.67
N LYS B 168 20.99 28.78 16.93
CA LYS B 168 20.39 30.10 16.94
C LYS B 168 18.96 30.08 16.40
N CYS B 169 18.70 29.20 15.44
CA CYS B 169 17.40 29.13 14.80
C CYS B 169 16.48 28.10 15.47
N GLY B 170 16.83 27.70 16.68
CA GLY B 170 15.99 26.82 17.47
C GLY B 170 16.38 25.36 17.42
N GLY B 171 17.56 25.08 16.88
CA GLY B 171 18.04 23.72 16.77
C GLY B 171 17.10 22.86 15.94
N LEU B 172 17.40 21.57 15.87
CA LEU B 172 16.57 20.64 15.13
C LEU B 172 15.39 20.19 15.98
N PRO B 173 14.24 19.93 15.34
CA PRO B 173 13.10 19.39 16.07
C PRO B 173 13.48 18.05 16.71
N ASP B 174 12.79 17.66 17.77
CA ASP B 174 13.06 16.39 18.44
C ASP B 174 12.57 15.21 17.62
N ASN B 175 12.07 15.49 16.41
CA ASN B 175 11.60 14.46 15.50
C ASN B 175 12.64 14.13 14.44
N VAL B 176 13.60 15.03 14.24
CA VAL B 176 14.63 14.87 13.23
C VAL B 176 16.01 14.76 13.87
N PHE B 177 16.82 13.83 13.37
CA PHE B 177 18.15 13.58 13.92
C PHE B 177 19.23 13.84 12.88
N ASP B 178 20.46 14.02 13.35
CA ASP B 178 21.61 14.18 12.47
C ASP B 178 22.44 12.90 12.50
N ALA B 179 22.65 12.31 11.33
CA ALA B 179 23.36 11.03 11.23
C ALA B 179 24.70 11.07 11.95
N TRP B 180 25.49 12.10 11.69
CA TRP B 180 26.80 12.25 12.30
C TRP B 180 26.70 12.28 13.82
N GLU B 181 25.79 13.12 14.33
CA GLU B 181 25.59 13.24 15.77
C GLU B 181 25.12 11.91 16.37
N PHE B 182 24.27 11.21 15.64
CA PHE B 182 23.70 9.94 16.11
C PHE B 182 24.79 8.90 16.37
N LEU B 183 25.84 8.93 15.55
CA LEU B 183 26.90 7.94 15.65
C LEU B 183 27.98 8.34 16.65
N GLY B 184 27.71 9.38 17.45
CA GLY B 184 28.61 9.79 18.50
C GLY B 184 29.71 10.73 18.02
N LYS B 185 29.40 11.52 17.00
CA LYS B 185 30.32 12.53 16.50
C LYS B 185 31.72 11.97 16.21
N PRO B 186 31.78 10.88 15.44
CA PRO B 186 33.08 10.30 15.05
C PRO B 186 33.97 11.32 14.35
N LYS B 187 35.26 11.32 14.68
CA LYS B 187 36.19 12.31 14.14
C LYS B 187 36.67 11.98 12.74
N HIS B 188 36.77 10.69 12.41
CA HIS B 188 37.32 10.27 11.14
C HIS B 188 36.54 10.83 9.94
N CYS B 189 35.25 11.12 10.14
CA CYS B 189 34.43 11.69 9.08
C CYS B 189 33.76 12.97 9.56
N GLN B 190 34.47 13.75 10.37
CA GLN B 190 33.91 14.98 10.92
C GLN B 190 33.75 16.05 9.85
N TYR B 191 34.87 16.58 9.36
CA TYR B 191 34.84 17.68 8.40
C TYR B 191 34.74 17.17 6.97
N THR B 192 33.84 17.77 6.20
CA THR B 192 33.67 17.40 4.80
C THR B 192 34.25 18.46 3.87
N TRP B 193 34.73 19.55 4.44
CA TRP B 193 35.34 20.61 3.66
C TRP B 193 36.61 21.08 4.37
N ASP B 194 37.75 20.56 3.92
CA ASP B 194 39.02 20.78 4.60
C ASP B 194 40.08 21.25 3.62
N THR B 195 40.45 22.53 3.70
CA THR B 195 41.41 23.11 2.76
C THR B 195 42.86 22.74 3.07
N LYS B 196 43.06 21.96 4.14
CA LYS B 196 44.40 21.51 4.49
C LYS B 196 44.72 20.22 3.74
N ALA B 197 43.74 19.33 3.69
CA ALA B 197 43.87 18.08 2.95
C ALA B 197 43.47 18.29 1.49
N ASN B 198 42.58 19.24 1.26
CA ASN B 198 42.07 19.52 -0.08
C ASN B 198 42.75 20.76 -0.67
N ASN B 199 43.29 20.62 -1.88
CA ASN B 199 44.02 21.71 -2.53
C ASN B 199 43.34 22.21 -3.80
N ASN B 200 42.09 21.81 -4.01
CA ASN B 200 41.35 22.21 -5.21
C ASN B 200 41.18 23.72 -5.31
N LEU B 201 40.88 24.37 -4.19
CA LEU B 201 40.65 25.81 -4.18
C LEU B 201 41.95 26.58 -3.99
N ARG B 202 43.05 25.86 -3.79
CA ARG B 202 44.35 26.48 -3.58
C ARG B 202 44.27 27.58 -2.53
N ILE B 203 43.93 27.18 -1.30
CA ILE B 203 43.85 28.12 -0.19
C ILE B 203 44.94 27.81 0.83
N PRO B 204 45.80 28.81 1.12
CA PRO B 204 46.92 28.61 2.04
C PRO B 204 46.47 28.36 3.49
N ALA B 205 45.52 29.15 3.97
CA ALA B 205 45.04 29.01 5.34
C ALA B 205 44.29 27.69 5.51
N ALA B 206 44.11 27.28 6.77
CA ALA B 206 43.45 26.02 7.07
C ALA B 206 42.05 26.25 7.63
N TYR B 207 41.04 25.93 6.82
CA TYR B 207 39.65 26.02 7.25
C TYR B 207 39.00 24.64 7.20
N LYS B 208 38.26 24.31 8.25
CA LYS B 208 37.58 23.02 8.32
C LYS B 208 36.13 23.22 8.78
N HIS B 209 35.19 22.62 8.06
CA HIS B 209 33.78 22.75 8.38
C HIS B 209 33.00 21.48 8.08
N ARG B 210 31.86 21.31 8.74
CA ARG B 210 30.96 20.20 8.46
C ARG B 210 29.77 20.75 7.66
N PHE B 211 30.02 21.09 6.41
CA PHE B 211 28.99 21.70 5.55
C PHE B 211 27.96 20.69 5.08
N ASP B 212 28.39 19.46 4.87
CA ASP B 212 27.55 18.42 4.28
C ASP B 212 27.02 17.53 5.39
N ARG B 213 25.69 17.43 5.48
CA ARG B 213 25.06 16.73 6.58
C ARG B 213 23.87 15.90 6.12
N ILE B 214 23.41 15.04 7.02
CA ILE B 214 22.31 14.13 6.73
C ILE B 214 21.32 14.14 7.87
N PHE B 215 20.08 14.52 7.57
CA PHE B 215 19.01 14.49 8.55
C PHE B 215 18.02 13.41 8.18
N PHE B 216 17.49 12.70 9.18
CA PHE B 216 16.46 11.70 8.92
C PHE B 216 15.32 11.78 9.93
N ARG B 217 14.11 11.51 9.46
CA ARG B 217 12.94 11.49 10.31
C ARG B 217 12.19 10.17 10.15
N ALA B 218 11.95 9.50 11.27
CA ALA B 218 11.22 8.24 11.26
C ALA B 218 10.78 7.90 12.67
N GLU B 219 10.02 6.82 12.81
CA GLU B 219 9.59 6.36 14.12
C GLU B 219 10.83 6.05 14.97
N GLU B 220 10.72 6.28 16.27
CA GLU B 220 11.87 6.18 17.15
C GLU B 220 12.36 4.74 17.28
N GLY B 221 13.60 4.51 16.84
CA GLY B 221 14.21 3.19 16.93
C GLY B 221 13.98 2.34 15.70
N HIS B 222 13.45 2.95 14.65
CA HIS B 222 13.17 2.23 13.40
C HIS B 222 14.29 2.49 12.39
N LEU B 223 14.92 3.65 12.49
CA LEU B 223 16.08 3.97 11.65
C LEU B 223 17.34 4.04 12.49
N ILE B 224 18.36 3.30 12.07
CA ILE B 224 19.64 3.32 12.77
C ILE B 224 20.80 3.42 11.79
N PRO B 225 21.45 4.59 11.73
CA PRO B 225 22.67 4.69 10.94
C PRO B 225 23.68 3.63 11.36
N GLN B 226 24.22 2.90 10.39
CA GLN B 226 25.18 1.85 10.68
C GLN B 226 26.62 2.35 10.56
N SER B 227 26.84 3.27 9.63
CA SER B 227 28.18 3.79 9.38
C SER B 227 28.15 5.13 8.66
N LEU B 228 29.28 5.83 8.68
CA LEU B 228 29.42 7.11 8.01
C LEU B 228 30.88 7.28 7.62
N ASP B 229 31.15 7.45 6.34
CA ASP B 229 32.52 7.54 5.85
C ASP B 229 32.68 8.62 4.78
N LEU B 230 33.91 9.09 4.59
CA LEU B 230 34.22 10.06 3.56
C LEU B 230 34.60 9.36 2.26
N VAL B 231 34.24 9.95 1.14
CA VAL B 231 34.59 9.40 -0.17
C VAL B 231 35.15 10.49 -1.08
N GLY B 232 35.81 10.09 -2.15
CA GLY B 232 36.46 11.03 -3.04
C GLY B 232 37.79 11.50 -2.48
N LEU B 233 38.46 10.60 -1.76
CA LEU B 233 39.69 10.93 -1.06
C LEU B 233 40.93 10.71 -1.92
N GLU B 234 40.79 9.89 -2.95
CA GLU B 234 41.92 9.59 -3.84
C GLU B 234 42.19 10.76 -4.78
N LYS B 235 43.42 11.26 -4.74
CA LYS B 235 43.82 12.35 -5.61
C LYS B 235 44.01 11.85 -7.03
N LEU B 236 43.38 12.52 -7.99
CA LEU B 236 43.45 12.11 -9.39
C LEU B 236 44.80 12.47 -10.01
N ASP B 237 44.99 12.05 -11.26
CA ASP B 237 46.26 12.27 -11.96
C ASP B 237 46.63 13.75 -12.02
N CYS B 238 45.64 14.58 -12.35
CA CYS B 238 45.88 16.02 -12.50
C CYS B 238 46.43 16.67 -11.23
N GLY B 239 46.40 15.94 -10.13
CA GLY B 239 46.93 16.45 -8.87
C GLY B 239 45.86 17.10 -8.03
N ARG B 240 44.60 16.91 -8.42
CA ARG B 240 43.46 17.48 -7.70
C ARG B 240 42.45 16.40 -7.39
N PHE B 241 41.62 16.64 -6.38
CA PHE B 241 40.55 15.71 -6.03
C PHE B 241 39.32 15.98 -6.89
N PRO B 242 38.44 14.98 -7.01
CA PRO B 242 37.21 15.14 -7.79
C PRO B 242 36.45 16.41 -7.44
N SER B 243 36.62 16.91 -6.22
CA SER B 243 35.92 18.12 -5.79
C SER B 243 36.58 18.73 -4.56
N ASP B 244 36.17 19.94 -4.21
CA ASP B 244 36.69 20.61 -3.02
C ASP B 244 35.97 20.10 -1.77
N HIS B 245 34.87 19.38 -1.98
CA HIS B 245 34.16 18.74 -0.88
C HIS B 245 34.52 17.27 -0.81
N TRP B 246 34.46 16.70 0.38
CA TRP B 246 34.49 15.26 0.52
C TRP B 246 33.05 14.75 0.40
N GLY B 247 32.87 13.64 -0.31
CA GLY B 247 31.57 13.00 -0.35
C GLY B 247 31.29 12.33 0.98
N LEU B 248 30.02 12.06 1.25
CA LEU B 248 29.63 11.44 2.50
C LEU B 248 28.82 10.18 2.24
N LEU B 249 29.37 9.03 2.62
CA LEU B 249 28.71 7.74 2.41
C LEU B 249 28.03 7.27 3.69
N CYS B 250 26.77 6.84 3.58
CA CYS B 250 26.01 6.43 4.75
C CYS B 250 25.15 5.20 4.50
N THR B 251 25.04 4.34 5.50
CA THR B 251 24.16 3.19 5.43
C THR B 251 23.21 3.19 6.63
N LEU B 252 21.92 3.00 6.37
CA LEU B 252 20.90 3.02 7.41
C LEU B 252 20.09 1.74 7.41
N ASN B 253 19.90 1.17 8.60
CA ASN B 253 19.04 0.01 8.76
C ASN B 253 17.60 0.44 9.00
N VAL B 254 16.67 -0.29 8.42
CA VAL B 254 15.25 -0.06 8.66
C VAL B 254 14.65 -1.29 9.33
N VAL B 255 13.93 -1.06 10.43
CA VAL B 255 13.37 -2.15 11.22
C VAL B 255 11.85 -2.14 11.14
N SER C 8 -0.91 16.36 -18.70
CA SER C 8 -1.41 17.50 -19.43
C SER C 8 -1.19 17.32 -20.94
N THR C 9 -2.14 17.82 -21.73
CA THR C 9 -2.06 17.71 -23.18
C THR C 9 -1.32 18.90 -23.79
N ILE C 10 -0.46 18.62 -24.77
CA ILE C 10 0.28 19.68 -25.46
C ILE C 10 0.18 19.50 -26.97
N SER C 11 0.31 20.60 -27.71
CA SER C 11 0.16 20.57 -29.15
C SER C 11 1.31 21.30 -29.84
N PHE C 12 1.66 20.84 -31.03
CA PHE C 12 2.73 21.48 -31.79
C PHE C 12 2.66 21.15 -33.27
N ILE C 13 3.27 22.02 -34.06
CA ILE C 13 3.33 21.83 -35.51
C ILE C 13 4.79 21.80 -35.95
N THR C 14 5.11 20.90 -36.88
CA THR C 14 6.40 20.93 -37.56
C THR C 14 6.14 21.13 -39.05
N TRP C 15 6.91 22.02 -39.66
CA TRP C 15 6.61 22.44 -41.02
C TRP C 15 7.84 23.04 -41.71
N ASN C 16 8.26 22.42 -42.81
CA ASN C 16 9.25 23.03 -43.69
C ASN C 16 8.53 24.02 -44.59
N ILE C 17 8.85 25.30 -44.44
CA ILE C 17 8.07 26.36 -45.10
C ILE C 17 8.71 26.88 -46.38
N ASP C 18 9.78 26.22 -46.84
CA ASP C 18 10.31 26.43 -48.18
C ASP C 18 10.75 27.87 -48.41
N GLY C 19 11.53 28.41 -47.49
CA GLY C 19 12.07 29.75 -47.65
C GLY C 19 13.02 29.87 -48.83
N LEU C 20 13.53 28.74 -49.29
CA LEU C 20 14.47 28.72 -50.41
C LEU C 20 13.76 29.07 -51.73
N ASP C 21 12.44 28.95 -51.75
CA ASP C 21 11.65 29.35 -52.91
C ASP C 21 11.29 30.83 -52.80
N GLY C 22 11.81 31.63 -53.73
CA GLY C 22 11.65 33.07 -53.65
C GLY C 22 10.41 33.63 -54.31
N CYS C 23 9.57 32.76 -54.87
CA CYS C 23 8.36 33.21 -55.55
C CYS C 23 7.16 33.29 -54.60
N ASN C 24 6.46 34.42 -54.66
CA ASN C 24 5.28 34.63 -53.82
C ASN C 24 5.60 34.50 -52.33
N LEU C 25 6.83 34.84 -51.96
CA LEU C 25 7.30 34.64 -50.60
C LEU C 25 6.48 35.44 -49.58
N PRO C 26 6.18 36.71 -49.90
CA PRO C 26 5.37 37.53 -48.98
C PRO C 26 3.99 36.91 -48.70
N GLU C 27 3.23 36.63 -49.75
CA GLU C 27 1.91 36.06 -49.59
C GLU C 27 1.96 34.70 -48.88
N ARG C 28 2.97 33.90 -49.22
CA ARG C 28 3.12 32.59 -48.62
C ARG C 28 3.51 32.69 -47.14
N ALA C 29 4.29 33.72 -46.81
CA ALA C 29 4.63 33.98 -45.42
C ALA C 29 3.36 34.30 -44.65
N ARG C 30 2.49 35.12 -45.24
CA ARG C 30 1.22 35.45 -44.63
C ARG C 30 0.32 34.23 -44.53
N GLY C 31 0.46 33.32 -45.48
CA GLY C 31 -0.31 32.08 -45.47
C GLY C 31 0.08 31.18 -44.32
N VAL C 32 1.38 31.06 -44.07
CA VAL C 32 1.88 30.25 -42.96
C VAL C 32 1.41 30.82 -41.62
N CYS C 33 1.57 32.13 -41.45
CA CYS C 33 1.16 32.78 -40.22
C CYS C 33 -0.33 32.62 -39.96
N SER C 34 -1.14 32.78 -41.00
CA SER C 34 -2.58 32.58 -40.89
C SER C 34 -2.88 31.17 -40.38
N CYS C 35 -2.19 30.19 -40.96
CA CYS C 35 -2.40 28.80 -40.59
C CYS C 35 -1.99 28.54 -39.13
N LEU C 36 -0.89 29.15 -38.70
CA LEU C 36 -0.42 29.00 -37.33
C LEU C 36 -1.35 29.66 -36.33
N ALA C 37 -1.93 30.80 -36.72
CA ALA C 37 -2.77 31.58 -35.82
C ALA C 37 -4.13 30.93 -35.57
N LEU C 38 -4.61 30.16 -36.55
CA LEU C 38 -5.92 29.52 -36.43
C LEU C 38 -5.83 28.26 -35.57
N TYR C 39 -4.74 27.50 -35.71
CA TYR C 39 -4.54 26.32 -34.89
C TYR C 39 -3.99 26.69 -33.51
N SER C 40 -3.08 27.65 -33.49
CA SER C 40 -2.54 28.19 -32.24
C SER C 40 -1.97 27.10 -31.33
N PRO C 41 -0.99 26.33 -31.84
CA PRO C 41 -0.33 25.30 -31.04
C PRO C 41 0.63 25.88 -30.01
N ASP C 42 1.02 25.08 -29.02
CA ASP C 42 1.95 25.52 -27.98
C ASP C 42 3.33 25.80 -28.56
N VAL C 43 3.76 24.95 -29.48
CA VAL C 43 5.10 25.05 -30.05
C VAL C 43 5.04 24.88 -31.56
N VAL C 44 5.95 25.54 -32.28
CA VAL C 44 6.04 25.37 -33.72
C VAL C 44 7.50 25.15 -34.14
N PHE C 45 7.73 24.05 -34.84
CA PHE C 45 9.06 23.76 -35.40
C PHE C 45 9.05 24.11 -36.88
N LEU C 46 9.95 25.00 -37.29
CA LEU C 46 10.01 25.43 -38.68
C LEU C 46 11.37 25.10 -39.29
N GLN C 47 11.37 24.76 -40.58
CA GLN C 47 12.60 24.54 -41.33
C GLN C 47 12.63 25.38 -42.60
N GLU C 48 13.84 25.69 -43.06
CA GLU C 48 14.03 26.52 -44.24
C GLU C 48 13.49 27.93 -44.02
N VAL C 49 13.72 28.46 -42.83
CA VAL C 49 13.43 29.86 -42.53
C VAL C 49 14.61 30.70 -43.02
N ILE C 50 14.31 31.88 -43.56
CA ILE C 50 15.35 32.81 -43.97
C ILE C 50 15.17 34.16 -43.26
N PRO C 51 16.22 34.99 -43.22
CA PRO C 51 16.16 36.23 -42.43
C PRO C 51 14.92 37.07 -42.67
N PRO C 52 14.62 37.45 -43.93
CA PRO C 52 13.43 38.28 -44.15
C PRO C 52 12.14 37.58 -43.73
N TYR C 53 12.20 36.26 -43.57
CA TYR C 53 11.03 35.49 -43.14
C TYR C 53 10.77 35.69 -41.65
N CYS C 54 11.82 35.97 -40.89
CA CYS C 54 11.69 36.21 -39.46
C CYS C 54 10.89 37.48 -39.20
N ALA C 55 11.06 38.47 -40.07
CA ALA C 55 10.32 39.71 -39.93
C ALA C 55 8.82 39.46 -39.96
N TYR C 56 8.34 38.79 -40.99
CA TYR C 56 6.91 38.48 -41.11
C TYR C 56 6.42 37.79 -39.84
N LEU C 57 7.21 36.87 -39.32
CA LEU C 57 6.80 36.09 -38.14
C LEU C 57 6.73 36.96 -36.90
N LYS C 58 7.68 37.88 -36.76
CA LYS C 58 7.70 38.76 -35.60
C LYS C 58 6.53 39.74 -35.62
N LYS C 59 5.93 39.93 -36.80
CA LYS C 59 4.79 40.84 -36.94
C LYS C 59 3.45 40.10 -36.91
N ARG C 60 3.32 39.06 -37.72
CA ARG C 60 2.04 38.39 -37.89
C ARG C 60 1.93 37.11 -37.07
N ALA C 61 2.80 36.96 -36.07
CA ALA C 61 2.72 35.86 -35.13
C ALA C 61 3.20 36.32 -33.75
N ALA C 62 2.78 37.52 -33.38
CA ALA C 62 3.26 38.18 -32.17
C ALA C 62 3.05 37.34 -30.91
N SER C 63 2.12 36.39 -30.96
CA SER C 63 1.82 35.57 -29.80
C SER C 63 2.90 34.52 -29.52
N TYR C 64 3.89 34.42 -30.41
CA TYR C 64 5.01 33.50 -30.22
C TYR C 64 6.32 34.26 -30.08
N THR C 65 7.27 33.67 -29.36
CA THR C 65 8.65 34.14 -29.39
C THR C 65 9.45 33.16 -30.25
N ILE C 66 10.53 33.65 -30.85
CA ILE C 66 11.26 32.86 -31.85
C ILE C 66 12.72 32.60 -31.47
N ILE C 67 13.07 31.33 -31.35
CA ILE C 67 14.47 30.94 -31.21
C ILE C 67 14.95 30.35 -32.54
N THR C 68 16.05 30.87 -33.06
CA THR C 68 16.54 30.47 -34.37
C THR C 68 17.80 29.62 -34.28
N GLY C 69 18.00 28.76 -35.29
CA GLY C 69 19.18 27.92 -35.36
C GLY C 69 20.33 28.59 -36.10
N ASN C 70 20.14 29.86 -36.46
CA ASN C 70 21.15 30.63 -37.17
C ASN C 70 20.61 32.02 -37.49
N GLU C 71 21.47 32.90 -37.99
CA GLU C 71 21.05 34.25 -38.34
C GLU C 71 21.23 34.57 -39.82
N GLU C 72 21.89 33.68 -40.56
CA GLU C 72 22.17 33.91 -41.98
C GLU C 72 21.89 32.66 -42.80
N GLY C 73 21.80 32.84 -44.11
CA GLY C 73 21.47 31.74 -45.01
C GLY C 73 20.06 31.28 -44.76
N TYR C 74 19.88 30.00 -44.49
CA TYR C 74 18.60 29.48 -44.05
C TYR C 74 18.80 28.53 -42.88
N PHE C 75 17.77 28.37 -42.07
CA PHE C 75 17.91 27.69 -40.79
C PHE C 75 16.57 27.28 -40.21
N THR C 76 16.63 26.50 -39.14
CA THR C 76 15.43 26.07 -38.44
C THR C 76 15.02 27.13 -37.42
N ALA C 77 13.88 26.93 -36.79
CA ALA C 77 13.40 27.84 -35.77
C ALA C 77 12.38 27.12 -34.91
N ILE C 78 12.32 27.50 -33.64
CA ILE C 78 11.32 26.95 -32.73
C ILE C 78 10.55 28.10 -32.10
N LEU C 79 9.25 28.12 -32.33
CA LEU C 79 8.39 29.17 -31.78
C LEU C 79 7.71 28.68 -30.51
N LEU C 80 7.63 29.56 -29.52
CA LEU C 80 7.03 29.22 -28.24
C LEU C 80 5.90 30.18 -27.92
N LYS C 81 4.72 29.63 -27.62
CA LYS C 81 3.56 30.46 -27.33
C LYS C 81 3.77 31.24 -26.04
N LYS C 82 3.71 32.56 -26.13
CA LYS C 82 3.85 33.42 -24.95
C LYS C 82 2.75 33.10 -23.94
N GLY C 83 3.12 33.04 -22.67
CA GLY C 83 2.15 32.82 -21.61
C GLY C 83 1.96 31.36 -21.24
N ARG C 84 2.19 30.47 -22.19
CA ARG C 84 1.98 29.04 -21.95
C ARG C 84 3.30 28.25 -21.89
N VAL C 85 4.32 28.71 -22.61
CA VAL C 85 5.61 28.05 -22.60
C VAL C 85 6.69 28.95 -22.02
N LYS C 86 7.40 28.46 -21.01
CA LYS C 86 8.46 29.23 -20.38
C LYS C 86 9.83 28.71 -20.82
N PHE C 87 10.63 29.60 -21.39
CA PHE C 87 11.96 29.26 -21.89
C PHE C 87 12.95 29.11 -20.74
N LYS C 88 13.87 28.15 -20.86
CA LYS C 88 14.89 27.97 -19.85
C LYS C 88 16.31 28.03 -20.44
N SER C 89 16.53 27.35 -21.55
CA SER C 89 17.83 27.39 -22.20
C SER C 89 17.78 26.78 -23.59
N GLN C 90 18.91 26.86 -24.29
CA GLN C 90 19.00 26.32 -25.65
C GLN C 90 20.44 25.93 -25.96
N GLU C 91 20.62 25.05 -26.93
CA GLU C 91 21.94 24.80 -27.49
C GLU C 91 21.83 24.33 -28.93
N ILE C 92 22.82 24.70 -29.73
CA ILE C 92 22.86 24.30 -31.13
C ILE C 92 24.00 23.33 -31.36
N ILE C 93 23.65 22.07 -31.59
CA ILE C 93 24.66 21.04 -31.88
C ILE C 93 24.95 21.05 -33.37
N PRO C 94 26.23 21.23 -33.74
CA PRO C 94 26.57 21.32 -35.16
C PRO C 94 26.74 19.94 -35.81
N PHE C 95 26.49 19.86 -37.11
CA PHE C 95 26.83 18.69 -37.91
C PHE C 95 28.13 19.02 -38.63
N PRO C 96 29.27 18.55 -38.11
CA PRO C 96 30.57 18.99 -38.62
C PRO C 96 30.76 18.78 -40.13
N ASN C 97 30.05 17.81 -40.72
CA ASN C 97 30.26 17.47 -42.12
C ASN C 97 29.14 17.89 -43.06
N THR C 98 28.23 18.73 -42.57
CA THR C 98 27.13 19.20 -43.41
C THR C 98 27.63 20.14 -44.50
N LYS C 99 26.98 20.07 -45.66
CA LYS C 99 27.29 20.96 -46.77
C LYS C 99 26.17 21.97 -46.98
N MET C 100 25.14 21.90 -46.15
CA MET C 100 23.93 22.69 -46.35
C MET C 100 23.54 23.41 -45.06
N MET C 101 24.55 23.76 -44.26
CA MET C 101 24.34 24.53 -43.03
C MET C 101 23.37 23.88 -42.04
N ARG C 102 23.20 22.57 -42.13
CA ARG C 102 22.25 21.88 -41.26
C ARG C 102 22.85 21.67 -39.87
N ASN C 103 21.97 21.65 -38.87
CA ASN C 103 22.38 21.43 -37.48
C ASN C 103 21.20 21.00 -36.62
N LEU C 104 21.43 20.90 -35.32
CA LEU C 104 20.40 20.44 -34.40
C LEU C 104 20.13 21.49 -33.32
N LEU C 105 18.93 22.06 -33.35
CA LEU C 105 18.54 23.10 -32.39
C LEU C 105 17.77 22.49 -31.24
N CYS C 106 18.28 22.67 -30.02
CA CYS C 106 17.65 22.12 -28.82
C CYS C 106 17.22 23.23 -27.88
N VAL C 107 15.99 23.15 -27.38
CA VAL C 107 15.45 24.17 -26.49
C VAL C 107 14.81 23.50 -25.28
N ASN C 108 15.22 23.93 -24.09
CA ASN C 108 14.64 23.44 -22.86
C ASN C 108 13.55 24.39 -22.36
N VAL C 109 12.34 23.89 -22.23
CA VAL C 109 11.20 24.71 -21.85
C VAL C 109 10.39 24.05 -20.74
N SER C 110 9.53 24.86 -20.12
CA SER C 110 8.59 24.36 -19.15
C SER C 110 7.19 24.59 -19.71
N LEU C 111 6.36 23.55 -19.68
CA LEU C 111 5.03 23.63 -20.27
C LEU C 111 4.02 22.81 -19.49
N GLY C 112 3.02 23.50 -18.93
CA GLY C 112 1.97 22.84 -18.17
C GLY C 112 2.48 22.11 -16.95
N GLY C 113 3.58 22.60 -16.38
CA GLY C 113 4.15 22.00 -15.18
C GLY C 113 5.07 20.81 -15.45
N ASN C 114 5.48 20.66 -16.70
CA ASN C 114 6.41 19.59 -17.07
C ASN C 114 7.60 20.14 -17.83
N GLU C 115 8.75 19.49 -17.66
CA GLU C 115 9.98 19.92 -18.32
C GLU C 115 10.14 19.19 -19.65
N PHE C 116 10.42 19.96 -20.70
CA PHE C 116 10.59 19.40 -22.04
C PHE C 116 11.94 19.78 -22.62
N CYS C 117 12.52 18.87 -23.39
CA CYS C 117 13.62 19.19 -24.27
C CYS C 117 13.13 19.03 -25.71
N LEU C 118 12.91 20.16 -26.37
CA LEU C 118 12.38 20.16 -27.74
C LEU C 118 13.49 20.33 -28.76
N MET C 119 13.51 19.47 -29.77
CA MET C 119 14.59 19.46 -30.74
C MET C 119 14.04 19.49 -32.16
N THR C 120 14.74 20.18 -33.06
CA THR C 120 14.37 20.19 -34.47
C THR C 120 15.60 20.22 -35.38
N SER C 121 15.42 19.79 -36.62
CA SER C 121 16.51 19.71 -37.57
C SER C 121 16.00 19.59 -39.00
N HIS C 122 16.83 20.02 -39.95
CA HIS C 122 16.57 19.78 -41.36
C HIS C 122 17.70 18.92 -41.91
N LEU C 123 17.55 17.60 -41.78
CA LEU C 123 18.61 16.67 -42.18
C LEU C 123 19.04 16.86 -43.63
N GLU C 124 20.30 16.55 -43.91
CA GLU C 124 20.87 16.69 -45.25
C GLU C 124 19.88 16.23 -46.33
N SER C 125 19.85 16.95 -47.43
CA SER C 125 18.84 16.73 -48.48
C SER C 125 19.34 15.88 -49.65
N THR C 126 18.41 15.48 -50.50
CA THR C 126 18.68 14.71 -51.72
C THR C 126 19.03 13.25 -51.46
N ARG C 127 18.77 12.41 -52.46
CA ARG C 127 19.02 10.98 -52.37
C ARG C 127 20.50 10.65 -52.27
N GLU C 128 21.34 11.50 -52.85
CA GLU C 128 22.77 11.20 -52.96
C GLU C 128 23.52 11.45 -51.66
N HIS C 129 22.95 12.29 -50.79
CA HIS C 129 23.58 12.59 -49.51
C HIS C 129 22.99 11.72 -48.39
N SER C 130 22.67 10.47 -48.72
CA SER C 130 22.09 9.55 -47.77
C SER C 130 23.06 9.25 -46.61
N ALA C 131 24.33 9.06 -46.94
CA ALA C 131 25.33 8.71 -45.95
C ALA C 131 25.40 9.77 -44.85
N GLU C 132 25.44 11.03 -45.25
CA GLU C 132 25.52 12.12 -44.28
C GLU C 132 24.20 12.28 -43.54
N ARG C 133 23.10 11.97 -44.21
CA ARG C 133 21.78 12.08 -43.60
C ARG C 133 21.66 11.09 -42.43
N ILE C 134 22.22 9.91 -42.62
CA ILE C 134 22.16 8.87 -41.58
C ILE C 134 23.07 9.22 -40.41
N ARG C 135 24.27 9.71 -40.71
CA ARG C 135 25.20 10.13 -39.66
C ARG C 135 24.55 11.18 -38.76
N GLN C 136 23.79 12.09 -39.37
CA GLN C 136 23.09 13.13 -38.64
C GLN C 136 21.96 12.55 -37.80
N LEU C 137 21.22 11.60 -38.39
CA LEU C 137 20.15 10.92 -37.66
C LEU C 137 20.70 10.29 -36.39
N LYS C 138 21.82 9.59 -36.50
CA LYS C 138 22.45 8.98 -35.33
C LYS C 138 22.84 10.03 -34.30
N THR C 139 23.38 11.16 -34.77
CA THR C 139 23.73 12.25 -33.87
C THR C 139 22.50 12.72 -33.11
N VAL C 140 21.39 12.88 -33.81
CA VAL C 140 20.15 13.35 -33.21
C VAL C 140 19.61 12.35 -32.19
N LEU C 141 19.63 11.06 -32.54
CA LEU C 141 19.14 10.03 -31.65
C LEU C 141 19.99 9.92 -30.39
N GLY C 142 21.28 10.19 -30.52
CA GLY C 142 22.18 10.16 -29.38
C GLY C 142 21.90 11.29 -28.41
N LYS C 143 21.57 12.46 -28.94
CA LYS C 143 21.33 13.63 -28.10
C LYS C 143 20.03 13.47 -27.32
N MET C 144 19.11 12.67 -27.84
CA MET C 144 17.84 12.45 -27.17
C MET C 144 18.03 11.62 -25.89
N GLN C 145 19.11 10.85 -25.83
CA GLN C 145 19.40 10.00 -24.68
C GLN C 145 19.98 10.79 -23.50
N GLU C 146 20.58 11.93 -23.80
CA GLU C 146 21.35 12.66 -22.80
C GLU C 146 20.50 13.35 -21.72
N ALA C 147 19.30 13.77 -22.09
CA ALA C 147 18.44 14.50 -21.16
C ALA C 147 18.19 13.66 -19.91
N PRO C 148 18.03 14.32 -18.76
CA PRO C 148 17.72 13.59 -17.53
C PRO C 148 16.36 12.90 -17.62
N ASP C 149 16.16 11.86 -16.80
CA ASP C 149 14.95 11.06 -16.83
C ASP C 149 13.69 11.88 -16.50
N SER C 150 13.87 12.98 -15.78
CA SER C 150 12.74 13.80 -15.39
C SER C 150 12.36 14.80 -16.47
N THR C 151 13.01 14.70 -17.63
CA THR C 151 12.70 15.57 -18.76
C THR C 151 12.09 14.76 -19.89
N THR C 152 11.09 15.34 -20.54
CA THR C 152 10.44 14.72 -21.69
C THR C 152 11.09 15.23 -22.97
N VAL C 153 11.50 14.31 -23.84
CA VAL C 153 12.25 14.68 -25.04
C VAL C 153 11.43 14.46 -26.31
N ILE C 154 11.32 15.51 -27.11
CA ILE C 154 10.56 15.45 -28.36
C ILE C 154 11.34 16.07 -29.51
N PHE C 155 11.54 15.29 -30.56
CA PHE C 155 12.13 15.81 -31.79
C PHE C 155 11.09 15.86 -32.90
N ALA C 156 11.08 16.97 -33.64
CA ALA C 156 10.17 17.12 -34.76
C ALA C 156 10.87 17.96 -35.82
N GLY C 157 10.94 17.44 -37.05
CA GLY C 157 11.60 18.15 -38.12
C GLY C 157 11.58 17.45 -39.45
N ASP C 158 12.19 18.09 -40.45
CA ASP C 158 12.30 17.53 -41.79
C ASP C 158 13.49 16.60 -41.84
N THR C 159 13.22 15.29 -41.84
CA THR C 159 14.28 14.29 -41.76
C THR C 159 14.82 13.88 -43.13
N ASN C 160 14.04 14.12 -44.18
CA ASN C 160 14.45 13.73 -45.54
C ASN C 160 14.68 12.23 -45.67
N LEU C 161 14.17 11.45 -44.71
CA LEU C 161 14.38 10.01 -44.71
C LEU C 161 13.53 9.33 -45.78
N ARG C 162 14.02 8.20 -46.28
CA ARG C 162 13.34 7.48 -47.35
C ARG C 162 13.90 6.08 -47.49
N ASP C 163 13.19 5.24 -48.25
CA ASP C 163 13.67 3.93 -48.65
C ASP C 163 14.37 3.15 -47.53
N GLN C 164 13.68 2.97 -46.40
CA GLN C 164 14.17 2.10 -45.34
C GLN C 164 15.50 2.55 -44.76
N GLU C 165 15.87 3.82 -44.95
CA GLU C 165 17.14 4.32 -44.45
C GLU C 165 17.25 4.14 -42.94
N VAL C 166 16.12 4.10 -42.25
CA VAL C 166 16.10 3.88 -40.81
C VAL C 166 16.38 2.41 -40.49
N ILE C 167 15.80 1.51 -41.27
CA ILE C 167 16.06 0.08 -41.09
C ILE C 167 17.54 -0.23 -41.33
N LYS C 168 18.12 0.43 -42.32
CA LYS C 168 19.50 0.17 -42.72
C LYS C 168 20.49 0.64 -41.67
N CYS C 169 20.11 1.63 -40.87
CA CYS C 169 21.01 2.19 -39.88
C CYS C 169 20.81 1.56 -38.50
N GLY C 170 20.06 0.46 -38.46
CA GLY C 170 19.88 -0.29 -37.23
C GLY C 170 18.52 -0.09 -36.59
N GLY C 171 17.74 0.86 -37.10
CA GLY C 171 16.43 1.14 -36.57
C GLY C 171 16.49 2.06 -35.36
N LEU C 172 15.33 2.55 -34.94
CA LEU C 172 15.26 3.42 -33.77
C LEU C 172 15.65 2.64 -32.51
N PRO C 173 16.27 3.33 -31.54
CA PRO C 173 16.56 2.68 -30.26
C PRO C 173 15.28 2.28 -29.53
N ASP C 174 15.37 1.32 -28.63
CA ASP C 174 14.20 0.72 -28.00
C ASP C 174 13.36 1.68 -27.16
N ASN C 175 13.91 2.85 -26.86
CA ASN C 175 13.19 3.84 -26.05
C ASN C 175 12.82 5.09 -26.84
N VAL C 176 12.90 5.02 -28.17
CA VAL C 176 12.50 6.13 -29.02
C VAL C 176 11.44 5.65 -30.00
N PHE C 177 10.35 6.41 -30.11
CA PHE C 177 9.22 6.01 -30.94
C PHE C 177 8.85 7.08 -31.96
N ASP C 178 8.30 6.65 -33.09
CA ASP C 178 7.82 7.54 -34.13
C ASP C 178 6.32 7.76 -33.95
N ALA C 179 5.91 9.01 -33.86
CA ALA C 179 4.50 9.34 -33.58
C ALA C 179 3.55 8.73 -34.59
N TRP C 180 3.93 8.76 -35.87
CA TRP C 180 3.09 8.23 -36.93
C TRP C 180 2.92 6.72 -36.78
N GLU C 181 4.00 6.03 -36.46
CA GLU C 181 3.96 4.58 -36.30
C GLU C 181 3.18 4.17 -35.04
N PHE C 182 3.20 5.03 -34.03
CA PHE C 182 2.51 4.77 -32.78
C PHE C 182 1.00 4.78 -32.97
N LEU C 183 0.52 5.67 -33.83
CA LEU C 183 -0.91 5.82 -34.07
C LEU C 183 -1.45 4.80 -35.07
N GLY C 184 -0.61 3.85 -35.47
CA GLY C 184 -1.03 2.79 -36.37
C GLY C 184 -0.87 3.13 -37.83
N LYS C 185 0.02 4.07 -38.13
CA LYS C 185 0.32 4.44 -39.51
C LYS C 185 -0.92 4.83 -40.30
N PRO C 186 -1.66 5.85 -39.83
CA PRO C 186 -2.87 6.29 -40.53
C PRO C 186 -2.54 6.85 -41.91
N LYS C 187 -3.39 6.54 -42.90
CA LYS C 187 -3.10 6.91 -44.29
C LYS C 187 -3.31 8.41 -44.56
N HIS C 188 -4.14 9.07 -43.76
CA HIS C 188 -4.50 10.46 -44.03
C HIS C 188 -3.33 11.43 -43.91
N CYS C 189 -2.28 11.02 -43.18
CA CYS C 189 -1.08 11.84 -43.06
C CYS C 189 0.16 11.01 -43.34
N GLN C 190 0.00 10.02 -44.20
CA GLN C 190 1.08 9.11 -44.57
C GLN C 190 2.21 9.82 -45.33
N TYR C 191 1.84 10.80 -46.16
CA TYR C 191 2.82 11.55 -46.94
C TYR C 191 2.77 13.03 -46.59
N THR C 192 3.92 13.67 -46.60
CA THR C 192 3.99 15.10 -46.29
C THR C 192 4.71 15.88 -47.40
N TRP C 193 5.15 15.16 -48.44
CA TRP C 193 5.76 15.77 -49.60
C TRP C 193 5.20 15.06 -50.82
N ASP C 194 4.24 15.70 -51.47
CA ASP C 194 3.43 15.05 -52.51
C ASP C 194 3.32 15.95 -53.74
N THR C 195 4.06 15.63 -54.79
CA THR C 195 4.11 16.49 -55.98
C THR C 195 2.87 16.36 -56.85
N LYS C 196 2.01 15.40 -56.54
CA LYS C 196 0.74 15.27 -57.25
C LYS C 196 -0.31 16.16 -56.60
N ALA C 197 -0.37 16.13 -55.27
CA ALA C 197 -1.32 16.93 -54.52
C ALA C 197 -0.83 18.37 -54.35
N ASN C 198 0.48 18.56 -54.43
CA ASN C 198 1.11 19.87 -54.24
C ASN C 198 1.89 20.25 -55.50
N ASN C 199 1.59 21.43 -56.03
CA ASN C 199 2.15 21.86 -57.32
C ASN C 199 3.14 23.01 -57.22
N ASN C 200 3.64 23.29 -56.01
CA ASN C 200 4.58 24.37 -55.82
C ASN C 200 5.86 24.22 -56.66
N LEU C 201 6.42 23.01 -56.65
CA LEU C 201 7.67 22.76 -57.36
C LEU C 201 7.47 22.50 -58.86
N ARG C 202 6.21 22.33 -59.28
CA ARG C 202 5.90 22.12 -60.68
C ARG C 202 6.66 20.92 -61.24
N ILE C 203 6.78 19.87 -60.43
CA ILE C 203 7.39 18.63 -60.86
C ILE C 203 6.32 17.74 -61.51
N PRO C 204 6.52 17.38 -62.79
CA PRO C 204 5.52 16.58 -63.52
C PRO C 204 5.35 15.18 -62.94
N ALA C 205 6.46 14.55 -62.53
CA ALA C 205 6.41 13.21 -61.97
C ALA C 205 5.76 13.21 -60.59
N ALA C 206 5.05 12.13 -60.27
CA ALA C 206 4.36 12.02 -58.99
C ALA C 206 5.24 11.30 -57.96
N TYR C 207 5.69 12.06 -56.96
CA TYR C 207 6.50 11.50 -55.88
C TYR C 207 5.81 11.72 -54.53
N LYS C 208 5.87 10.70 -53.68
CA LYS C 208 5.25 10.77 -52.36
C LYS C 208 6.22 10.26 -51.30
N HIS C 209 6.54 11.11 -50.32
CA HIS C 209 7.48 10.74 -49.27
C HIS C 209 6.99 11.20 -47.90
N ARG C 210 7.48 10.53 -46.87
CA ARG C 210 7.19 10.91 -45.49
C ARG C 210 8.43 11.49 -44.85
N PHE C 211 8.85 12.65 -45.36
CA PHE C 211 10.09 13.28 -44.92
C PHE C 211 9.99 13.83 -43.50
N ASP C 212 8.83 14.40 -43.18
CA ASP C 212 8.65 15.09 -41.90
C ASP C 212 8.13 14.13 -40.84
N ARG C 213 8.84 14.04 -39.72
CA ARG C 213 8.59 13.02 -38.72
C ARG C 213 8.74 13.55 -37.30
N ILE C 214 8.14 12.82 -36.36
CA ILE C 214 8.18 13.19 -34.95
C ILE C 214 8.69 12.01 -34.12
N PHE C 215 9.79 12.22 -33.40
CA PHE C 215 10.33 11.19 -32.52
C PHE C 215 10.18 11.65 -31.06
N PHE C 216 9.82 10.72 -30.18
CA PHE C 216 9.82 11.02 -28.75
C PHE C 216 10.43 9.88 -27.94
N ARG C 217 11.02 10.23 -26.80
CA ARG C 217 11.65 9.24 -25.93
C ARG C 217 10.70 8.87 -24.80
N ALA C 218 10.52 7.57 -24.58
CA ALA C 218 9.59 7.11 -23.55
C ALA C 218 9.85 5.68 -23.13
N GLU C 219 10.48 5.50 -21.97
CA GLU C 219 10.65 4.19 -21.36
C GLU C 219 9.49 3.89 -20.42
N GLU C 220 8.58 4.85 -20.30
CA GLU C 220 7.60 4.83 -19.23
C GLU C 220 6.18 4.56 -19.72
N GLY C 221 5.84 5.09 -20.89
CA GLY C 221 4.47 5.01 -21.39
C GLY C 221 3.67 6.19 -20.85
N HIS C 222 4.37 7.28 -20.56
CA HIS C 222 3.75 8.48 -20.03
C HIS C 222 3.47 9.46 -21.16
N LEU C 223 3.98 9.16 -22.35
CA LEU C 223 3.71 9.96 -23.53
C LEU C 223 2.78 9.20 -24.46
N ILE C 224 1.60 9.77 -24.70
CA ILE C 224 0.62 9.15 -25.55
C ILE C 224 0.11 10.11 -26.61
N PRO C 225 0.64 10.02 -27.84
CA PRO C 225 0.15 10.81 -28.96
C PRO C 225 -1.36 10.62 -29.14
N GLN C 226 -2.08 11.72 -29.29
CA GLN C 226 -3.54 11.65 -29.41
C GLN C 226 -3.99 11.76 -30.86
N SER C 227 -3.30 12.58 -31.64
CA SER C 227 -3.68 12.80 -33.02
C SER C 227 -2.54 13.35 -33.86
N LEU C 228 -2.63 13.13 -35.17
CA LEU C 228 -1.65 13.63 -36.11
C LEU C 228 -2.40 14.03 -37.37
N ASP C 229 -2.16 15.25 -37.84
CA ASP C 229 -2.87 15.76 -39.02
C ASP C 229 -1.96 16.61 -39.91
N LEU C 230 -2.35 16.76 -41.17
CA LEU C 230 -1.62 17.60 -42.10
C LEU C 230 -2.09 19.03 -41.98
N VAL C 231 -1.21 19.99 -42.26
CA VAL C 231 -1.58 21.40 -42.28
C VAL C 231 -0.91 22.13 -43.45
N GLY C 232 -1.48 23.26 -43.84
CA GLY C 232 -1.00 24.01 -44.99
C GLY C 232 -1.69 23.58 -46.27
N LEU C 233 -2.90 23.05 -46.11
CA LEU C 233 -3.63 22.44 -47.23
C LEU C 233 -4.42 23.45 -48.04
N GLU C 234 -4.56 24.66 -47.53
CA GLU C 234 -5.37 25.68 -48.21
C GLU C 234 -4.54 26.44 -49.24
N LYS C 235 -4.91 26.27 -50.51
CA LYS C 235 -4.25 26.99 -51.60
C LYS C 235 -4.49 28.49 -51.47
N LEU C 236 -3.43 29.29 -51.62
CA LEU C 236 -3.52 30.73 -51.42
C LEU C 236 -4.13 31.44 -52.63
N ASP C 237 -4.37 32.74 -52.49
CA ASP C 237 -4.97 33.54 -53.56
C ASP C 237 -4.17 33.46 -54.86
N CYS C 238 -2.86 33.31 -54.74
CA CYS C 238 -1.98 33.30 -55.90
C CYS C 238 -1.99 31.95 -56.63
N GLY C 239 -2.77 31.00 -56.13
CA GLY C 239 -2.92 29.71 -56.78
C GLY C 239 -1.87 28.70 -56.38
N ARG C 240 -1.07 29.02 -55.37
CA ARG C 240 -0.06 28.10 -54.87
C ARG C 240 -0.24 27.86 -53.38
N PHE C 241 0.40 26.82 -52.86
CA PHE C 241 0.34 26.53 -51.43
C PHE C 241 1.43 27.30 -50.69
N PRO C 242 1.29 27.43 -49.37
CA PRO C 242 2.30 28.15 -48.58
C PRO C 242 3.69 27.54 -48.74
N SER C 243 3.72 26.24 -49.00
CA SER C 243 4.99 25.52 -49.14
C SER C 243 4.80 24.27 -49.98
N ASP C 244 5.91 23.65 -50.38
CA ASP C 244 5.86 22.39 -51.11
C ASP C 244 5.69 21.22 -50.16
N HIS C 245 5.88 21.47 -48.86
CA HIS C 245 5.64 20.47 -47.82
C HIS C 245 4.28 20.68 -47.19
N TRP C 246 3.64 19.60 -46.77
CA TRP C 246 2.55 19.70 -45.82
C TRP C 246 3.19 19.80 -44.44
N GLY C 247 2.54 20.52 -43.53
CA GLY C 247 2.98 20.54 -42.14
C GLY C 247 2.31 19.41 -41.38
N LEU C 248 2.87 19.08 -40.22
CA LEU C 248 2.26 18.10 -39.33
C LEU C 248 1.82 18.78 -38.04
N LEU C 249 0.57 18.56 -37.64
CA LEU C 249 0.06 19.02 -36.36
C LEU C 249 -0.21 17.82 -35.47
N CYS C 250 0.44 17.79 -34.31
CA CYS C 250 0.33 16.66 -33.40
C CYS C 250 -0.07 17.12 -32.00
N THR C 251 -1.04 16.43 -31.41
CA THR C 251 -1.38 16.67 -30.01
C THR C 251 -0.99 15.43 -29.20
N LEU C 252 -0.55 15.65 -27.97
CA LEU C 252 0.06 14.59 -27.18
C LEU C 252 -0.30 14.74 -25.70
N ASN C 253 -0.46 13.62 -25.01
CA ASN C 253 -0.74 13.64 -23.57
C ASN C 253 0.47 13.19 -22.75
N VAL C 254 0.70 13.87 -21.64
CA VAL C 254 1.74 13.47 -20.70
C VAL C 254 1.09 12.99 -19.41
N VAL C 255 1.35 11.74 -19.05
CA VAL C 255 0.72 11.13 -17.87
C VAL C 255 1.75 10.50 -16.95
N SER D 8 -60.40 -5.76 10.59
CA SER D 8 -59.04 -6.26 10.60
C SER D 8 -58.16 -5.38 11.49
N THR D 9 -56.85 -5.43 11.26
CA THR D 9 -55.91 -4.71 12.11
C THR D 9 -54.57 -4.50 11.43
N ILE D 10 -53.86 -3.44 11.82
CA ILE D 10 -52.51 -3.20 11.34
C ILE D 10 -51.66 -2.61 12.47
N SER D 11 -50.51 -3.23 12.73
CA SER D 11 -49.63 -2.76 13.81
C SER D 11 -48.29 -2.32 13.26
N PHE D 12 -47.63 -1.40 13.97
CA PHE D 12 -46.30 -0.95 13.56
C PHE D 12 -45.53 -0.28 14.69
N ILE D 13 -44.23 -0.18 14.49
CA ILE D 13 -43.34 0.54 15.41
C ILE D 13 -42.61 1.62 14.64
N THR D 14 -42.50 2.81 15.23
CA THR D 14 -41.64 3.85 14.69
C THR D 14 -40.55 4.10 15.71
N TRP D 15 -39.31 4.21 15.25
CA TRP D 15 -38.18 4.24 16.16
C TRP D 15 -36.95 4.89 15.55
N ASN D 16 -36.49 5.96 16.17
CA ASN D 16 -35.17 6.50 15.89
C ASN D 16 -34.17 5.69 16.69
N ILE D 17 -33.35 4.91 15.98
CA ILE D 17 -32.48 3.93 16.63
C ILE D 17 -31.10 4.48 16.96
N ASP D 18 -30.86 5.74 16.64
CA ASP D 18 -29.66 6.42 17.10
C ASP D 18 -28.39 5.77 16.55
N GLY D 19 -28.34 5.58 15.24
CA GLY D 19 -27.17 5.00 14.61
C GLY D 19 -25.97 5.93 14.58
N LEU D 20 -26.19 7.22 14.80
CA LEU D 20 -25.10 8.20 14.77
C LEU D 20 -24.17 8.05 15.97
N ASP D 21 -24.65 7.37 17.01
CA ASP D 21 -23.81 7.06 18.16
C ASP D 21 -23.14 5.71 17.94
N GLY D 22 -21.81 5.70 17.97
CA GLY D 22 -21.06 4.50 17.62
C GLY D 22 -20.76 3.56 18.78
N CYS D 23 -20.99 4.03 20.01
CA CYS D 23 -20.69 3.22 21.19
C CYS D 23 -21.70 2.08 21.36
N ASN D 24 -21.19 0.87 21.54
CA ASN D 24 -22.03 -0.29 21.79
C ASN D 24 -23.10 -0.50 20.72
N LEU D 25 -22.76 -0.15 19.49
CA LEU D 25 -23.73 -0.20 18.40
C LEU D 25 -24.16 -1.64 18.06
N PRO D 26 -23.20 -2.59 18.06
CA PRO D 26 -23.59 -3.96 17.70
C PRO D 26 -24.51 -4.60 18.74
N GLU D 27 -24.29 -4.30 20.02
CA GLU D 27 -25.11 -4.86 21.08
C GLU D 27 -26.47 -4.17 21.15
N ARG D 28 -26.51 -2.90 20.77
CA ARG D 28 -27.76 -2.14 20.75
C ARG D 28 -28.62 -2.57 19.57
N ALA D 29 -27.98 -3.03 18.50
CA ALA D 29 -28.72 -3.52 17.34
C ALA D 29 -29.41 -4.83 17.68
N ARG D 30 -28.75 -5.65 18.51
CA ARG D 30 -29.37 -6.87 19.03
C ARG D 30 -30.60 -6.54 19.86
N GLY D 31 -30.47 -5.52 20.71
CA GLY D 31 -31.57 -5.08 21.52
C GLY D 31 -32.78 -4.69 20.68
N VAL D 32 -32.55 -3.91 19.64
CA VAL D 32 -33.63 -3.45 18.77
C VAL D 32 -34.25 -4.61 18.02
N CYS D 33 -33.42 -5.50 17.47
CA CYS D 33 -33.91 -6.64 16.71
C CYS D 33 -34.69 -7.59 17.60
N SER D 34 -34.23 -7.76 18.83
CA SER D 34 -34.94 -8.62 19.79
C SER D 34 -36.29 -8.00 20.10
N CYS D 35 -36.33 -6.67 20.15
CA CYS D 35 -37.55 -5.94 20.46
C CYS D 35 -38.56 -6.05 19.31
N LEU D 36 -38.08 -5.87 18.08
CA LEU D 36 -38.94 -5.96 16.91
C LEU D 36 -39.59 -7.34 16.81
N ALA D 37 -38.84 -8.37 17.20
CA ALA D 37 -39.33 -9.74 17.12
C ALA D 37 -40.37 -10.04 18.17
N LEU D 38 -40.22 -9.43 19.35
CA LEU D 38 -41.11 -9.70 20.47
C LEU D 38 -42.50 -9.14 20.23
N TYR D 39 -42.60 -8.03 19.51
CA TYR D 39 -43.89 -7.43 19.19
C TYR D 39 -44.32 -7.78 17.76
N SER D 40 -43.36 -8.14 16.92
CA SER D 40 -43.64 -8.63 15.58
C SER D 40 -44.68 -7.76 14.86
N PRO D 41 -44.39 -6.47 14.69
CA PRO D 41 -45.31 -5.53 14.02
C PRO D 41 -45.36 -5.75 12.51
N ASP D 42 -46.43 -5.29 11.86
CA ASP D 42 -46.57 -5.44 10.43
C ASP D 42 -45.59 -4.54 9.68
N VAL D 43 -45.30 -3.39 10.26
CA VAL D 43 -44.40 -2.42 9.64
C VAL D 43 -43.50 -1.81 10.69
N VAL D 44 -42.28 -1.43 10.29
CA VAL D 44 -41.37 -0.73 11.18
C VAL D 44 -40.81 0.50 10.48
N PHE D 45 -40.99 1.66 11.11
CA PHE D 45 -40.42 2.91 10.60
C PHE D 45 -39.17 3.26 11.39
N LEU D 46 -38.01 3.21 10.72
CA LEU D 46 -36.75 3.50 11.40
C LEU D 46 -36.13 4.82 10.94
N GLN D 47 -35.42 5.47 11.84
CA GLN D 47 -34.65 6.68 11.51
C GLN D 47 -33.22 6.56 12.03
N GLU D 48 -32.33 7.34 11.44
CA GLU D 48 -30.91 7.28 11.78
C GLU D 48 -30.34 5.88 11.58
N VAL D 49 -30.69 5.26 10.46
CA VAL D 49 -30.08 4.00 10.07
C VAL D 49 -28.80 4.29 9.30
N ILE D 50 -27.76 3.50 9.56
CA ILE D 50 -26.52 3.61 8.79
C ILE D 50 -26.22 2.27 8.11
N PRO D 51 -25.38 2.29 7.07
CA PRO D 51 -25.17 1.09 6.25
C PRO D 51 -24.83 -0.17 7.05
N PRO D 52 -23.94 -0.07 8.04
CA PRO D 52 -23.62 -1.26 8.83
C PRO D 52 -24.82 -1.77 9.61
N TYR D 53 -25.62 -0.84 10.13
CA TYR D 53 -26.82 -1.19 10.89
C TYR D 53 -27.83 -1.85 9.95
N CYS D 54 -27.96 -1.29 8.76
CA CYS D 54 -28.87 -1.82 7.76
C CYS D 54 -28.48 -3.24 7.39
N ALA D 55 -27.20 -3.46 7.14
CA ALA D 55 -26.69 -4.78 6.79
C ALA D 55 -26.95 -5.78 7.91
N TYR D 56 -27.00 -5.28 9.13
CA TYR D 56 -27.24 -6.14 10.28
C TYR D 56 -28.71 -6.54 10.39
N LEU D 57 -29.60 -5.64 9.98
CA LEU D 57 -31.04 -5.91 10.02
C LEU D 57 -31.40 -7.07 9.09
N LYS D 58 -30.66 -7.20 8.00
CA LYS D 58 -30.91 -8.25 7.02
C LYS D 58 -30.60 -9.64 7.59
N LYS D 59 -30.10 -9.68 8.82
CA LYS D 59 -29.71 -10.94 9.44
C LYS D 59 -30.63 -11.33 10.61
N ARG D 60 -30.78 -10.41 11.56
CA ARG D 60 -31.57 -10.70 12.75
C ARG D 60 -33.02 -10.23 12.60
N ALA D 61 -33.39 -9.87 11.38
CA ALA D 61 -34.76 -9.44 11.09
C ALA D 61 -35.09 -9.75 9.63
N ALA D 62 -34.70 -10.95 9.20
CA ALA D 62 -34.85 -11.35 7.81
C ALA D 62 -36.30 -11.50 7.38
N SER D 63 -37.21 -11.53 8.36
CA SER D 63 -38.62 -11.65 8.06
C SER D 63 -39.22 -10.32 7.60
N TYR D 64 -38.39 -9.30 7.50
CA TYR D 64 -38.83 -8.00 7.01
C TYR D 64 -38.13 -7.64 5.69
N THR D 65 -38.89 -7.03 4.79
CA THR D 65 -38.34 -6.46 3.57
C THR D 65 -37.95 -5.01 3.85
N ILE D 66 -36.71 -4.65 3.58
CA ILE D 66 -36.18 -3.34 3.94
C ILE D 66 -36.14 -2.38 2.76
N ILE D 67 -36.79 -1.23 2.92
CA ILE D 67 -36.75 -0.15 1.94
C ILE D 67 -36.05 1.04 2.58
N THR D 68 -34.90 1.44 2.04
CA THR D 68 -34.11 2.51 2.65
C THR D 68 -34.32 3.86 1.96
N GLY D 69 -34.10 4.94 2.70
CA GLY D 69 -34.25 6.28 2.17
C GLY D 69 -32.96 6.81 1.58
N ASN D 70 -31.90 6.01 1.62
CA ASN D 70 -30.62 6.40 1.06
C ASN D 70 -29.63 5.24 1.13
N GLU D 71 -28.55 5.34 0.36
CA GLU D 71 -27.56 4.28 0.28
C GLU D 71 -26.33 4.56 1.14
N GLU D 72 -26.14 5.82 1.53
CA GLU D 72 -24.94 6.21 2.26
C GLU D 72 -25.28 7.20 3.38
N GLY D 73 -24.26 7.59 4.13
CA GLY D 73 -24.45 8.48 5.27
C GLY D 73 -25.39 7.85 6.28
N TYR D 74 -26.40 8.59 6.70
CA TYR D 74 -27.47 8.03 7.51
C TYR D 74 -28.82 8.39 6.90
N PHE D 75 -29.84 7.61 7.20
CA PHE D 75 -31.10 7.69 6.49
C PHE D 75 -32.20 6.93 7.22
N THR D 76 -33.43 7.04 6.72
CA THR D 76 -34.56 6.34 7.30
C THR D 76 -34.77 5.01 6.59
N ALA D 77 -35.71 4.22 7.09
CA ALA D 77 -36.01 2.94 6.49
C ALA D 77 -37.42 2.48 6.87
N ILE D 78 -38.03 1.72 5.98
CA ILE D 78 -39.33 1.12 6.27
C ILE D 78 -39.22 -0.39 6.05
N LEU D 79 -39.58 -1.15 7.08
CA LEU D 79 -39.53 -2.61 7.02
C LEU D 79 -40.94 -3.18 6.88
N LEU D 80 -41.09 -4.14 5.98
CA LEU D 80 -42.40 -4.74 5.71
C LEU D 80 -42.42 -6.23 6.09
N LYS D 81 -43.31 -6.59 7.02
CA LYS D 81 -43.43 -7.98 7.45
C LYS D 81 -43.82 -8.89 6.30
N LYS D 82 -42.95 -9.83 5.95
CA LYS D 82 -43.21 -10.76 4.86
C LYS D 82 -44.44 -11.62 5.16
N GLY D 83 -45.32 -11.75 4.18
CA GLY D 83 -46.52 -12.54 4.33
C GLY D 83 -47.69 -11.73 4.86
N ARG D 84 -47.41 -10.50 5.29
CA ARG D 84 -48.44 -9.61 5.80
C ARG D 84 -48.59 -8.40 4.88
N VAL D 85 -47.48 -7.72 4.62
CA VAL D 85 -47.47 -6.52 3.80
C VAL D 85 -46.71 -6.76 2.50
N LYS D 86 -47.33 -6.44 1.37
CA LYS D 86 -46.70 -6.64 0.07
C LYS D 86 -46.31 -5.30 -0.56
N PHE D 87 -45.09 -5.22 -1.05
CA PHE D 87 -44.55 -4.01 -1.64
C PHE D 87 -45.15 -3.75 -3.01
N LYS D 88 -45.51 -2.51 -3.29
CA LYS D 88 -46.06 -2.12 -4.59
C LYS D 88 -45.13 -1.16 -5.32
N SER D 89 -44.71 -0.10 -4.62
CA SER D 89 -43.79 0.87 -5.20
C SER D 89 -43.27 1.81 -4.11
N GLN D 90 -42.25 2.59 -4.45
CA GLN D 90 -41.67 3.54 -3.49
C GLN D 90 -41.37 4.86 -4.18
N GLU D 91 -41.18 5.89 -3.38
CA GLU D 91 -40.92 7.23 -3.90
C GLU D 91 -40.24 8.07 -2.82
N ILE D 92 -39.18 8.77 -3.20
CA ILE D 92 -38.47 9.63 -2.26
C ILE D 92 -38.64 11.10 -2.64
N ILE D 93 -39.39 11.83 -1.81
CA ILE D 93 -39.58 13.26 -2.01
C ILE D 93 -38.47 14.01 -1.27
N PRO D 94 -37.67 14.79 -2.01
CA PRO D 94 -36.55 15.49 -1.37
C PRO D 94 -36.95 16.75 -0.63
N PHE D 95 -36.15 17.13 0.36
CA PHE D 95 -36.28 18.41 1.04
C PHE D 95 -35.19 19.35 0.51
N PRO D 96 -35.55 20.22 -0.45
CA PRO D 96 -34.57 21.03 -1.19
C PRO D 96 -33.63 21.85 -0.31
N ASN D 97 -34.06 22.24 0.88
CA ASN D 97 -33.27 23.12 1.74
C ASN D 97 -32.70 22.46 2.98
N THR D 98 -32.69 21.12 3.02
CA THR D 98 -32.11 20.41 4.15
C THR D 98 -30.59 20.54 4.13
N LYS D 99 -30.00 20.58 5.31
CA LYS D 99 -28.54 20.57 5.44
C LYS D 99 -28.09 19.29 6.11
N MET D 100 -29.03 18.37 6.29
CA MET D 100 -28.75 17.10 6.97
C MET D 100 -29.31 15.94 6.15
N MET D 101 -29.26 16.08 4.83
CA MET D 101 -29.77 15.09 3.89
C MET D 101 -31.03 14.36 4.39
N ARG D 102 -31.98 15.13 4.90
CA ARG D 102 -33.27 14.58 5.30
C ARG D 102 -34.22 14.59 4.12
N ASN D 103 -35.21 13.69 4.13
CA ASN D 103 -36.18 13.61 3.05
C ASN D 103 -37.45 12.88 3.49
N LEU D 104 -38.36 12.68 2.54
CA LEU D 104 -39.60 11.99 2.83
C LEU D 104 -39.68 10.68 2.03
N LEU D 105 -39.59 9.56 2.74
CA LEU D 105 -39.66 8.25 2.10
C LEU D 105 -41.09 7.77 2.04
N CYS D 106 -41.57 7.46 0.84
CA CYS D 106 -42.94 6.99 0.63
C CYS D 106 -42.94 5.59 0.06
N VAL D 107 -43.72 4.71 0.67
CA VAL D 107 -43.79 3.32 0.25
C VAL D 107 -45.24 2.87 0.12
N ASN D 108 -45.67 2.62 -1.10
CA ASN D 108 -47.02 2.13 -1.34
C ASN D 108 -47.06 0.61 -1.21
N VAL D 109 -48.02 0.11 -0.44
CA VAL D 109 -48.13 -1.32 -0.18
C VAL D 109 -49.58 -1.76 -0.18
N SER D 110 -49.80 -3.04 0.06
CA SER D 110 -51.14 -3.56 0.30
C SER D 110 -51.08 -4.58 1.42
N LEU D 111 -52.11 -4.59 2.26
CA LEU D 111 -52.17 -5.50 3.39
C LEU D 111 -53.53 -6.18 3.38
N GLY D 112 -53.53 -7.46 3.00
CA GLY D 112 -54.77 -8.21 2.88
C GLY D 112 -55.68 -7.61 1.83
N GLY D 113 -55.08 -6.97 0.82
CA GLY D 113 -55.84 -6.38 -0.27
C GLY D 113 -56.08 -4.90 -0.09
N ASN D 114 -55.93 -4.41 1.14
CA ASN D 114 -56.12 -2.99 1.43
C ASN D 114 -54.86 -2.18 1.15
N GLU D 115 -54.99 -1.08 0.42
CA GLU D 115 -53.85 -0.27 0.04
C GLU D 115 -53.47 0.74 1.12
N PHE D 116 -52.17 0.93 1.29
CA PHE D 116 -51.64 1.91 2.23
C PHE D 116 -50.47 2.67 1.62
N CYS D 117 -50.36 3.95 1.95
CA CYS D 117 -49.17 4.72 1.62
C CYS D 117 -48.41 5.05 2.90
N LEU D 118 -47.31 4.34 3.11
CA LEU D 118 -46.52 4.48 4.34
C LEU D 118 -45.43 5.53 4.17
N MET D 119 -45.38 6.48 5.10
CA MET D 119 -44.43 7.57 5.03
C MET D 119 -43.62 7.73 6.32
N THR D 120 -42.33 8.01 6.17
CA THR D 120 -41.50 8.28 7.33
C THR D 120 -40.50 9.39 7.01
N SER D 121 -39.98 10.03 8.04
CA SER D 121 -39.02 11.11 7.86
C SER D 121 -38.35 11.48 9.17
N HIS D 122 -37.10 11.90 9.08
CA HIS D 122 -36.39 12.46 10.20
C HIS D 122 -36.28 13.97 9.98
N LEU D 123 -37.26 14.72 10.49
CA LEU D 123 -37.28 16.17 10.31
C LEU D 123 -36.05 16.79 10.96
N GLU D 124 -35.54 17.88 10.37
CA GLU D 124 -34.29 18.48 10.83
C GLU D 124 -34.23 18.69 12.33
N SER D 125 -33.07 18.38 12.91
CA SER D 125 -32.92 18.28 14.35
C SER D 125 -32.59 19.61 15.03
N THR D 126 -32.55 19.56 16.36
CA THR D 126 -32.16 20.70 17.20
C THR D 126 -33.20 21.83 17.21
N ARG D 127 -33.23 22.53 18.34
CA ARG D 127 -34.21 23.59 18.57
C ARG D 127 -34.02 24.79 17.64
N GLU D 128 -32.80 25.00 17.18
CA GLU D 128 -32.47 26.19 16.41
C GLU D 128 -32.81 26.09 14.93
N HIS D 129 -33.22 24.91 14.48
CA HIS D 129 -33.59 24.72 13.09
C HIS D 129 -35.11 24.57 12.93
N SER D 130 -35.85 25.27 13.77
CA SER D 130 -37.30 25.25 13.73
C SER D 130 -37.83 25.67 12.37
N ALA D 131 -37.29 26.76 11.82
CA ALA D 131 -37.73 27.28 10.53
C ALA D 131 -37.74 26.20 9.45
N GLU D 132 -36.62 25.52 9.27
CA GLU D 132 -36.50 24.49 8.24
C GLU D 132 -37.34 23.25 8.58
N ARG D 133 -37.49 22.98 9.87
CA ARG D 133 -38.29 21.83 10.30
C ARG D 133 -39.77 22.04 9.96
N ILE D 134 -40.24 23.27 10.10
CA ILE D 134 -41.62 23.60 9.81
C ILE D 134 -41.90 23.52 8.31
N ARG D 135 -40.98 24.02 7.50
CA ARG D 135 -41.12 23.94 6.05
C ARG D 135 -41.21 22.49 5.59
N GLN D 136 -40.54 21.61 6.30
CA GLN D 136 -40.54 20.18 5.96
C GLN D 136 -41.84 19.52 6.42
N LEU D 137 -42.37 19.97 7.54
CA LEU D 137 -43.66 19.51 8.00
C LEU D 137 -44.71 19.84 6.95
N LYS D 138 -44.67 21.07 6.46
CA LYS D 138 -45.59 21.52 5.41
C LYS D 138 -45.53 20.60 4.20
N THR D 139 -44.32 20.20 3.83
CA THR D 139 -44.12 19.31 2.68
C THR D 139 -44.73 17.94 2.93
N VAL D 140 -44.53 17.43 4.15
CA VAL D 140 -45.06 16.12 4.53
C VAL D 140 -46.59 16.13 4.51
N LEU D 141 -47.19 17.08 5.21
CA LEU D 141 -48.64 17.18 5.31
C LEU D 141 -49.25 17.33 3.92
N GLY D 142 -48.61 18.13 3.08
CA GLY D 142 -49.09 18.36 1.72
C GLY D 142 -49.14 17.08 0.92
N LYS D 143 -48.12 16.23 1.09
CA LYS D 143 -48.03 14.99 0.33
C LYS D 143 -49.02 13.95 0.85
N MET D 144 -49.31 13.99 2.14
CA MET D 144 -50.31 13.10 2.72
C MET D 144 -51.66 13.35 2.05
N GLN D 145 -51.94 14.62 1.77
CA GLN D 145 -53.23 15.02 1.19
C GLN D 145 -53.30 14.78 -0.31
N GLU D 146 -52.14 14.70 -0.96
CA GLU D 146 -52.08 14.45 -2.40
C GLU D 146 -52.39 13.00 -2.73
N ALA D 147 -52.16 12.11 -1.78
CA ALA D 147 -52.35 10.68 -2.02
C ALA D 147 -53.76 10.40 -2.53
N PRO D 148 -53.89 9.42 -3.42
CA PRO D 148 -55.21 9.03 -3.96
C PRO D 148 -56.21 8.78 -2.84
N ASP D 149 -57.49 9.00 -3.13
CA ASP D 149 -58.55 8.82 -2.13
C ASP D 149 -58.71 7.36 -1.73
N SER D 150 -58.33 6.45 -2.63
CA SER D 150 -58.49 5.02 -2.38
C SER D 150 -57.43 4.47 -1.43
N THR D 151 -56.41 5.28 -1.15
CA THR D 151 -55.33 4.84 -0.27
C THR D 151 -55.55 5.33 1.15
N THR D 152 -54.94 4.62 2.10
CA THR D 152 -54.90 5.07 3.49
C THR D 152 -53.47 5.48 3.81
N VAL D 153 -53.30 6.75 4.19
CA VAL D 153 -51.97 7.31 4.42
C VAL D 153 -51.60 7.27 5.89
N ILE D 154 -50.46 6.66 6.20
CA ILE D 154 -49.94 6.65 7.55
C ILE D 154 -48.51 7.19 7.56
N PHE D 155 -48.31 8.32 8.25
CA PHE D 155 -46.98 8.84 8.47
C PHE D 155 -46.53 8.56 9.90
N ALA D 156 -45.30 8.09 10.04
CA ALA D 156 -44.72 7.85 11.36
C ALA D 156 -43.22 8.09 11.27
N GLY D 157 -42.68 8.89 12.19
CA GLY D 157 -41.26 9.18 12.19
C GLY D 157 -40.86 10.17 13.27
N ASP D 158 -39.60 10.59 13.22
CA ASP D 158 -39.06 11.53 14.20
C ASP D 158 -39.21 12.96 13.69
N THR D 159 -40.18 13.69 14.24
CA THR D 159 -40.50 15.02 13.75
C THR D 159 -39.70 16.12 14.44
N ASN D 160 -39.11 15.80 15.59
CA ASN D 160 -38.35 16.79 16.36
C ASN D 160 -39.18 18.02 16.74
N LEU D 161 -40.50 17.87 16.74
CA LEU D 161 -41.39 19.00 17.05
C LEU D 161 -41.45 19.24 18.55
N ARG D 162 -41.39 20.53 18.93
CA ARG D 162 -41.40 20.91 20.34
C ARG D 162 -42.14 22.22 20.53
N GLN D 164 -44.95 25.27 21.86
CA GLN D 164 -45.23 24.16 20.96
C GLN D 164 -45.33 24.65 19.53
N GLU D 165 -44.56 24.03 18.64
CA GLU D 165 -44.43 24.49 17.26
C GLU D 165 -45.66 24.19 16.41
N VAL D 166 -46.33 23.09 16.71
CA VAL D 166 -47.49 22.66 15.92
C VAL D 166 -48.68 23.60 16.12
N ILE D 167 -48.92 24.01 17.37
CA ILE D 167 -50.00 24.94 17.68
C ILE D 167 -49.79 26.25 16.92
N LYS D 168 -48.62 26.85 17.08
CA LYS D 168 -48.28 28.08 16.38
C LYS D 168 -48.33 27.89 14.87
N CYS D 169 -48.11 26.65 14.43
CA CYS D 169 -48.09 26.34 13.01
C CYS D 169 -49.46 26.53 12.37
N GLY D 170 -50.50 26.41 13.17
CA GLY D 170 -51.87 26.49 12.66
C GLY D 170 -52.58 25.16 12.84
N GLY D 171 -51.81 24.12 13.14
CA GLY D 171 -52.37 22.80 13.38
C GLY D 171 -52.26 21.91 12.17
N LEU D 172 -52.86 20.73 12.27
CA LEU D 172 -52.91 19.78 11.16
C LEU D 172 -54.11 20.08 10.28
N PRO D 173 -54.05 19.70 9.00
CA PRO D 173 -55.16 19.91 8.08
C PRO D 173 -56.43 19.17 8.49
N ASP D 174 -57.53 19.44 7.80
CA ASP D 174 -58.85 18.96 8.19
C ASP D 174 -58.97 17.43 8.23
N ASN D 175 -58.21 16.75 7.39
CA ASN D 175 -58.35 15.30 7.26
C ASN D 175 -57.15 14.51 7.77
N VAL D 176 -56.38 15.10 8.68
CA VAL D 176 -55.19 14.44 9.23
C VAL D 176 -55.20 14.51 10.75
N PHE D 177 -54.90 13.39 11.40
CA PHE D 177 -54.98 13.30 12.86
C PHE D 177 -53.73 12.70 13.48
N ASP D 178 -53.49 13.04 14.73
CA ASP D 178 -52.37 12.50 15.50
C ASP D 178 -52.85 11.34 16.37
N ALA D 179 -52.23 10.17 16.21
CA ALA D 179 -52.67 8.96 16.91
C ALA D 179 -52.71 9.16 18.42
N TRP D 180 -51.73 9.86 18.97
CA TRP D 180 -51.65 10.08 20.41
C TRP D 180 -52.78 11.01 20.86
N GLU D 181 -53.02 12.08 20.11
CA GLU D 181 -54.10 13.01 20.42
C GLU D 181 -55.46 12.32 20.29
N PHE D 182 -55.56 11.43 19.31
CA PHE D 182 -56.81 10.73 19.03
C PHE D 182 -57.19 9.80 20.18
N LEU D 183 -56.20 9.23 20.84
CA LEU D 183 -56.44 8.29 21.93
C LEU D 183 -56.67 9.00 23.26
N GLY D 184 -56.69 10.32 23.25
CA GLY D 184 -56.97 11.09 24.45
C GLY D 184 -55.73 11.50 25.21
N LYS D 185 -54.60 11.57 24.50
CA LYS D 185 -53.35 12.04 25.10
C LYS D 185 -52.97 11.25 26.35
N PRO D 186 -52.87 9.91 26.23
CA PRO D 186 -52.46 9.05 27.34
C PRO D 186 -51.06 9.40 27.84
N LYS D 187 -50.88 9.40 29.16
CA LYS D 187 -49.62 9.87 29.76
C LYS D 187 -48.49 8.84 29.73
N HIS D 188 -48.83 7.56 29.81
CA HIS D 188 -47.79 6.52 29.90
C HIS D 188 -46.84 6.55 28.69
N CYS D 189 -47.38 6.85 27.51
CA CYS D 189 -46.54 6.93 26.30
C CYS D 189 -46.48 8.36 25.79
N GLN D 190 -46.36 9.30 26.72
CA GLN D 190 -46.40 10.73 26.39
C GLN D 190 -45.07 11.24 25.84
N TYR D 191 -43.96 10.80 26.42
CA TYR D 191 -42.65 11.24 25.98
C TYR D 191 -41.86 10.10 25.36
N THR D 192 -41.32 10.33 24.18
CA THR D 192 -40.57 9.31 23.45
C THR D 192 -39.08 9.58 23.50
N TRP D 193 -38.68 10.64 24.20
CA TRP D 193 -37.28 10.99 24.35
C TRP D 193 -37.07 11.58 25.74
N ASP D 194 -36.34 10.84 26.57
CA ASP D 194 -36.19 11.22 27.98
C ASP D 194 -34.71 11.27 28.35
N THR D 195 -34.43 11.78 29.55
CA THR D 195 -33.07 11.85 30.06
C THR D 195 -32.93 11.11 31.39
N LYS D 196 -33.80 11.43 32.34
CA LYS D 196 -33.75 10.84 33.68
C LYS D 196 -34.05 9.35 33.64
N ALA D 197 -35.04 8.96 32.84
CA ALA D 197 -35.44 7.56 32.73
C ALA D 197 -34.59 6.84 31.68
N ASN D 198 -34.05 7.60 30.73
CA ASN D 198 -33.23 7.02 29.67
C ASN D 198 -31.75 7.20 29.95
N LYS D 208 -37.15 16.05 27.83
CA LYS D 208 -38.39 15.29 27.94
C LYS D 208 -39.41 15.81 26.93
N HIS D 209 -39.41 15.26 25.72
CA HIS D 209 -40.29 15.73 24.67
C HIS D 209 -40.99 14.59 23.94
N ARG D 210 -41.90 14.97 23.04
CA ARG D 210 -42.61 14.01 22.20
C ARG D 210 -42.21 14.23 20.74
N PHE D 211 -40.99 13.84 20.40
CA PHE D 211 -40.44 14.08 19.06
C PHE D 211 -41.03 13.14 18.02
N ASP D 212 -41.39 11.94 18.46
CA ASP D 212 -41.80 10.88 17.55
C ASP D 212 -43.32 10.78 17.56
N ARG D 213 -43.93 10.93 16.38
CA ARG D 213 -45.37 11.04 16.28
C ARG D 213 -45.92 10.23 15.11
N ILE D 214 -47.24 10.04 15.12
CA ILE D 214 -47.93 9.28 14.10
C ILE D 214 -49.09 10.08 13.52
N PHE D 215 -49.01 10.40 12.24
CA PHE D 215 -50.08 11.11 11.56
C PHE D 215 -50.76 10.16 10.59
N PHE D 216 -52.09 10.27 10.49
CA PHE D 216 -52.82 9.45 9.53
C PHE D 216 -53.98 10.23 8.90
N ARG D 217 -54.26 9.92 7.64
CA ARG D 217 -55.40 10.48 6.95
C ARG D 217 -56.52 9.45 6.88
N ALA D 218 -57.67 9.79 7.47
CA ALA D 218 -58.73 8.82 7.70
C ALA D 218 -59.93 9.05 6.78
N GLU D 219 -60.64 7.96 6.51
CA GLU D 219 -61.86 8.02 5.70
CA GLU D 219 -61.86 8.03 5.71
C GLU D 219 -63.08 7.75 6.58
N GLU D 220 -63.47 8.74 7.37
CA GLU D 220 -64.65 8.62 8.25
C GLU D 220 -64.77 7.24 8.86
N GLY D 221 -63.85 6.93 9.78
CA GLY D 221 -63.96 5.72 10.57
C GLY D 221 -63.33 4.48 9.95
N HIS D 222 -62.71 4.61 8.79
CA HIS D 222 -62.05 3.47 8.15
C HIS D 222 -60.80 3.09 8.94
N LEU D 223 -60.22 4.07 9.62
CA LEU D 223 -59.00 3.85 10.39
C LEU D 223 -59.18 4.35 11.82
N ILE D 224 -59.00 3.44 12.79
CA ILE D 224 -59.30 3.75 14.19
C ILE D 224 -58.23 3.21 15.13
N PRO D 225 -57.42 4.11 15.70
CA PRO D 225 -56.38 3.71 16.66
C PRO D 225 -56.92 2.87 17.81
N GLN D 226 -56.13 1.90 18.25
CA GLN D 226 -56.50 1.04 19.37
C GLN D 226 -55.64 1.31 20.59
N SER D 227 -54.34 1.15 20.43
CA SER D 227 -53.41 1.29 21.54
C SER D 227 -52.14 2.02 21.13
N LEU D 228 -51.44 2.55 22.13
CA LEU D 228 -50.16 3.21 21.89
C LEU D 228 -49.27 2.97 23.10
N ASP D 229 -48.10 2.36 22.89
CA ASP D 229 -47.19 2.05 23.98
C ASP D 229 -45.75 2.34 23.61
N LEU D 230 -44.91 2.53 24.63
CA LEU D 230 -43.48 2.69 24.43
C LEU D 230 -42.83 1.31 24.42
N VAL D 231 -41.76 1.16 23.64
CA VAL D 231 -40.99 -0.07 23.62
C VAL D 231 -39.50 0.24 23.67
N GLY D 232 -38.69 -0.79 23.93
CA GLY D 232 -37.27 -0.58 24.12
C GLY D 232 -37.01 -0.02 25.50
N LEU D 233 -37.73 -0.55 26.48
CA LEU D 233 -37.67 -0.07 27.85
C LEU D 233 -36.62 -0.80 28.67
N GLU D 234 -36.17 -1.94 28.17
CA GLU D 234 -35.23 -2.78 28.90
C GLU D 234 -33.79 -2.30 28.69
N LYS D 235 -33.07 -2.14 29.79
CA LYS D 235 -31.67 -1.73 29.73
C LYS D 235 -30.79 -2.94 29.46
N LEU D 236 -29.91 -2.81 28.47
CA LEU D 236 -29.06 -3.93 28.04
C LEU D 236 -27.95 -4.20 29.05
N ASP D 237 -27.29 -5.35 28.92
CA ASP D 237 -26.27 -5.77 29.87
C ASP D 237 -25.09 -4.80 29.88
N CYS D 238 -24.84 -4.17 28.75
CA CYS D 238 -23.75 -3.20 28.62
C CYS D 238 -24.04 -1.93 29.44
N GLY D 239 -25.26 -1.82 29.95
CA GLY D 239 -25.63 -0.71 30.79
C GLY D 239 -26.22 0.45 29.99
N ARG D 240 -26.85 0.15 28.87
CA ARG D 240 -27.43 1.18 28.02
C ARG D 240 -28.71 0.71 27.34
N PHE D 241 -29.57 1.66 27.01
CA PHE D 241 -30.79 1.36 26.27
C PHE D 241 -30.45 1.23 24.79
N PRO D 242 -31.27 0.48 24.04
CA PRO D 242 -31.05 0.31 22.60
C PRO D 242 -30.85 1.64 21.89
N SER D 243 -31.51 2.69 22.39
CA SER D 243 -31.41 4.01 21.79
C SER D 243 -31.73 5.09 22.82
N ASP D 244 -31.40 6.34 22.50
CA ASP D 244 -31.75 7.46 23.35
C ASP D 244 -33.23 7.81 23.21
N HIS D 245 -33.85 7.29 22.16
CA HIS D 245 -35.29 7.39 21.97
C HIS D 245 -35.98 6.15 22.48
N TRP D 246 -37.23 6.28 22.93
CA TRP D 246 -38.08 5.12 23.16
C TRP D 246 -38.79 4.81 21.85
N GLY D 247 -39.00 3.53 21.58
CA GLY D 247 -39.79 3.13 20.42
C GLY D 247 -41.27 3.41 20.66
N LEU D 248 -42.03 3.54 19.59
CA LEU D 248 -43.46 3.80 19.70
C LEU D 248 -44.25 2.72 18.97
N LEU D 249 -44.94 1.87 19.73
CA LEU D 249 -45.73 0.78 19.18
C LEU D 249 -47.20 1.17 19.05
N CYS D 250 -47.76 1.04 17.85
CA CYS D 250 -49.13 1.45 17.60
C CYS D 250 -49.95 0.40 16.86
N THR D 251 -51.20 0.23 17.30
CA THR D 251 -52.13 -0.68 16.65
C THR D 251 -53.37 0.08 16.18
N LEU D 252 -53.75 -0.11 14.91
CA LEU D 252 -54.93 0.53 14.34
C LEU D 252 -55.92 -0.52 13.87
N ASN D 253 -57.21 -0.15 13.88
CA ASN D 253 -58.24 -1.00 13.28
C ASN D 253 -58.60 -0.50 11.89
N VAL D 254 -58.84 -1.44 10.97
CA VAL D 254 -59.24 -1.09 9.61
C VAL D 254 -60.63 -1.65 9.34
N VAL D 255 -61.60 -0.76 9.14
CA VAL D 255 -62.97 -1.17 8.85
C VAL D 255 -63.42 -0.61 7.51
N SER E 8 11.27 -13.80 30.18
CA SER E 8 12.24 -13.34 31.16
C SER E 8 11.59 -12.38 32.15
N THR E 9 12.37 -11.94 33.13
CA THR E 9 11.87 -11.07 34.20
C THR E 9 11.88 -9.60 33.79
N ILE E 10 10.87 -8.86 34.25
CA ILE E 10 10.76 -7.44 33.98
C ILE E 10 10.70 -6.67 35.29
N SER E 11 11.38 -5.52 35.35
CA SER E 11 11.46 -4.76 36.59
C SER E 11 11.34 -3.26 36.37
N PHE E 12 10.70 -2.58 37.32
CA PHE E 12 10.56 -1.14 37.25
C PHE E 12 10.51 -0.53 38.64
N ILE E 13 10.76 0.78 38.70
CA ILE E 13 10.72 1.52 39.95
C ILE E 13 9.85 2.76 39.77
N THR E 14 8.98 3.01 40.75
CA THR E 14 8.23 4.26 40.78
C THR E 14 8.64 5.04 42.03
N TRP E 15 8.87 6.33 41.86
CA TRP E 15 9.49 7.12 42.92
C TRP E 15 9.20 8.61 42.74
N ASN E 16 8.51 9.18 43.71
CA ASN E 16 8.38 10.63 43.79
C ASN E 16 9.65 11.17 44.43
N ILE E 17 10.43 11.94 43.67
CA ILE E 17 11.77 12.33 44.11
C ILE E 17 11.84 13.72 44.74
N ASP E 18 10.69 14.28 45.07
CA ASP E 18 10.63 15.50 45.89
C ASP E 18 11.49 16.63 45.32
N GLY E 19 11.32 16.91 44.04
CA GLY E 19 12.05 18.00 43.39
C GLY E 19 11.62 19.38 43.87
N LEU E 20 10.45 19.47 44.47
CA LEU E 20 9.96 20.76 44.98
C LEU E 20 10.71 21.19 46.24
N ASP E 21 11.56 20.31 46.75
CA ASP E 21 12.45 20.67 47.86
C ASP E 21 13.84 20.97 47.31
N GLY E 22 14.27 22.21 47.45
CA GLY E 22 15.54 22.65 46.89
C GLY E 22 16.74 22.36 47.76
N CYS E 23 16.49 21.98 49.01
CA CYS E 23 17.58 21.72 49.96
C CYS E 23 18.34 20.45 49.60
N ASN E 24 19.65 20.58 49.44
CA ASN E 24 20.51 19.45 49.09
C ASN E 24 20.01 18.72 47.86
N LEU E 25 19.38 19.45 46.94
CA LEU E 25 18.78 18.83 45.77
C LEU E 25 19.84 18.19 44.86
N PRO E 26 20.96 18.89 44.62
CA PRO E 26 22.03 18.30 43.81
C PRO E 26 22.52 16.97 44.37
N GLU E 27 22.88 16.95 45.65
CA GLU E 27 23.35 15.73 46.29
C GLU E 27 22.28 14.65 46.24
N ARG E 28 21.05 15.02 46.59
CA ARG E 28 19.94 14.08 46.59
C ARG E 28 19.68 13.52 45.20
N ALA E 29 20.03 14.29 44.16
CA ALA E 29 19.88 13.84 42.79
C ALA E 29 20.91 12.75 42.48
N ARG E 30 22.09 12.89 43.05
CA ARG E 30 23.13 11.88 42.89
C ARG E 30 22.70 10.58 43.57
N GLY E 31 22.11 10.71 44.75
CA GLY E 31 21.67 9.57 45.52
C GLY E 31 20.63 8.75 44.77
N VAL E 32 19.72 9.43 44.09
CA VAL E 32 18.69 8.75 43.31
C VAL E 32 19.32 7.99 42.14
N CYS E 33 20.24 8.65 41.44
CA CYS E 33 20.91 8.03 40.30
C CYS E 33 21.79 6.87 40.74
N SER E 34 22.38 6.99 41.92
CA SER E 34 23.18 5.90 42.47
C SER E 34 22.28 4.72 42.79
N CYS E 35 21.11 5.03 43.35
CA CYS E 35 20.14 4.01 43.71
C CYS E 35 19.67 3.25 42.46
N LEU E 36 19.25 4.00 41.44
CA LEU E 36 18.79 3.40 40.20
C LEU E 36 19.83 2.47 39.59
N ALA E 37 21.10 2.87 39.67
CA ALA E 37 22.19 2.09 39.07
C ALA E 37 22.33 0.70 39.68
N LEU E 38 22.03 0.58 40.97
CA LEU E 38 22.17 -0.70 41.67
C LEU E 38 21.14 -1.72 41.19
N TYR E 39 19.93 -1.26 40.90
CA TYR E 39 18.83 -2.14 40.53
C TYR E 39 18.69 -2.26 39.01
N SER E 40 19.14 -1.24 38.28
CA SER E 40 19.09 -1.25 36.82
C SER E 40 17.72 -1.69 36.30
N PRO E 41 16.66 -0.99 36.73
CA PRO E 41 15.29 -1.33 36.31
C PRO E 41 15.04 -1.06 34.82
N ASP E 42 14.10 -1.79 34.22
CA ASP E 42 13.79 -1.62 32.82
C ASP E 42 13.16 -0.26 32.55
N VAL E 43 12.26 0.17 33.43
CA VAL E 43 11.70 1.50 33.32
C VAL E 43 11.56 2.14 34.70
N VAL E 44 11.61 3.46 34.73
CA VAL E 44 11.43 4.21 35.97
C VAL E 44 10.34 5.24 35.79
N PHE E 45 9.39 5.28 36.73
CA PHE E 45 8.37 6.31 36.76
C PHE E 45 8.74 7.32 37.84
N LEU E 46 8.90 8.59 37.46
CA LEU E 46 9.26 9.62 38.41
C LEU E 46 8.18 10.69 38.53
N GLN E 47 8.05 11.26 39.72
CA GLN E 47 7.16 12.40 39.92
C GLN E 47 7.91 13.53 40.61
N GLU E 48 7.39 14.75 40.47
CA GLU E 48 8.01 15.94 41.03
C GLU E 48 9.41 16.20 40.48
N VAL E 49 9.55 16.00 39.17
CA VAL E 49 10.79 16.32 38.47
C VAL E 49 10.77 17.78 38.02
N ILE E 50 11.91 18.46 38.11
CA ILE E 50 12.03 19.81 37.60
C ILE E 50 13.13 19.88 36.54
N PRO E 51 13.07 20.87 35.64
CA PRO E 51 14.00 20.95 34.50
C PRO E 51 15.46 20.68 34.86
N PRO E 52 15.98 21.30 35.93
CA PRO E 52 17.38 21.03 36.29
C PRO E 52 17.61 19.55 36.57
N TYR E 53 16.67 18.95 37.30
CA TYR E 53 16.74 17.54 37.67
C TYR E 53 16.71 16.68 36.40
N CYS E 54 15.83 17.07 35.47
CA CYS E 54 15.67 16.35 34.21
C CYS E 54 16.94 16.42 33.36
N ALA E 55 17.54 17.61 33.29
CA ALA E 55 18.76 17.81 32.53
C ALA E 55 19.89 16.98 33.13
N TYR E 56 19.84 16.77 34.44
CA TYR E 56 20.86 16.01 35.14
C TYR E 56 20.71 14.51 34.87
N LEU E 57 19.46 14.05 34.80
CA LEU E 57 19.18 12.66 34.50
C LEU E 57 19.69 12.30 33.11
N LYS E 58 19.64 13.26 32.19
CA LYS E 58 20.10 13.03 30.83
C LYS E 58 21.58 12.67 30.81
N LYS E 59 22.35 13.24 31.74
CA LYS E 59 23.78 12.98 31.81
C LYS E 59 24.10 11.78 32.71
N ARG E 60 23.53 11.79 33.91
CA ARG E 60 23.88 10.80 34.93
C ARG E 60 23.28 9.41 34.64
N ALA E 61 22.07 9.40 34.09
CA ALA E 61 21.41 8.15 33.73
C ALA E 61 21.32 8.03 32.22
N ALA E 62 22.48 8.12 31.56
CA ALA E 62 22.54 8.17 30.10
C ALA E 62 21.96 6.91 29.44
N SER E 63 21.86 5.83 30.19
CA SER E 63 21.39 4.56 29.63
C SER E 63 19.88 4.52 29.42
N TYR E 64 19.17 5.56 29.85
CA TYR E 64 17.72 5.61 29.71
C TYR E 64 17.27 6.66 28.71
N THR E 65 16.11 6.45 28.11
CA THR E 65 15.44 7.47 27.31
C THR E 65 14.40 8.14 28.20
N ILE E 66 14.30 9.46 28.12
CA ILE E 66 13.44 10.22 29.03
C ILE E 66 12.25 10.86 28.32
N ILE E 67 11.05 10.39 28.67
CA ILE E 67 9.81 10.98 28.18
C ILE E 67 9.17 11.78 29.32
N THR E 68 8.88 13.05 29.08
CA THR E 68 8.35 13.92 30.14
C THR E 68 6.89 14.30 29.91
N GLY E 69 6.17 14.51 31.00
CA GLY E 69 4.77 14.88 30.95
C GLY E 69 4.56 16.38 30.89
N ASN E 70 5.66 17.12 30.89
CA ASN E 70 5.59 18.58 30.76
C ASN E 70 6.99 19.18 30.60
N GLU E 71 7.03 20.41 30.11
CA GLU E 71 8.29 21.09 29.85
C GLU E 71 8.72 21.95 31.04
N GLU E 72 7.74 22.51 31.74
CA GLU E 72 8.02 23.51 32.76
C GLU E 72 7.30 23.23 34.08
N GLY E 73 7.69 23.96 35.11
CA GLY E 73 7.15 23.76 36.46
C GLY E 73 7.74 22.51 37.08
N TYR E 74 6.87 21.64 37.57
CA TYR E 74 7.29 20.32 37.99
C TYR E 74 6.36 19.30 37.34
N PHE E 75 6.90 18.11 37.05
CA PHE E 75 6.18 17.17 36.22
C PHE E 75 6.66 15.74 36.41
N THR E 76 5.98 14.81 35.76
CA THR E 76 6.35 13.41 35.81
C THR E 76 7.27 13.07 34.65
N ALA E 77 7.84 11.86 34.68
CA ALA E 77 8.70 11.40 33.61
C ALA E 77 8.74 9.87 33.61
N ILE E 78 8.97 9.29 32.44
CA ILE E 78 9.14 7.86 32.33
C ILE E 78 10.46 7.55 31.63
N LEU E 79 11.34 6.85 32.34
CA LEU E 79 12.64 6.47 31.78
C LEU E 79 12.58 5.07 31.20
N LEU E 80 13.10 4.91 29.98
CA LEU E 80 13.09 3.62 29.29
C LEU E 80 14.53 3.14 29.08
N LYS E 81 14.83 1.93 29.55
CA LYS E 81 16.15 1.35 29.38
C LYS E 81 16.46 1.13 27.90
N LYS E 82 17.49 1.80 27.42
CA LYS E 82 17.91 1.65 26.02
C LYS E 82 18.35 0.22 25.75
N GLY E 83 17.82 -0.37 24.68
CA GLY E 83 18.19 -1.72 24.29
C GLY E 83 17.17 -2.74 24.74
N ARG E 84 16.60 -2.53 25.93
CA ARG E 84 15.61 -3.45 26.48
C ARG E 84 14.20 -3.02 26.08
N VAL E 85 13.95 -1.71 26.13
CA VAL E 85 12.61 -1.18 25.89
C VAL E 85 12.56 -0.37 24.60
N LYS E 86 11.64 -0.73 23.72
CA LYS E 86 11.49 -0.02 22.45
C LYS E 86 10.29 0.92 22.51
N PHE E 87 10.55 2.20 22.21
CA PHE E 87 9.51 3.22 22.23
C PHE E 87 8.62 3.10 21.01
N LYS E 88 7.33 3.33 21.18
CA LYS E 88 6.38 3.32 20.06
C LYS E 88 5.68 4.67 19.94
N SER E 89 5.07 5.13 21.04
CA SER E 89 4.37 6.40 21.04
C SER E 89 4.04 6.85 22.46
N GLN E 90 3.69 8.13 22.59
CA GLN E 90 3.30 8.69 23.88
C GLN E 90 2.09 9.60 23.69
N GLU E 91 1.33 9.79 24.77
CA GLU E 91 0.23 10.74 24.76
C GLU E 91 -0.01 11.26 26.17
N ILE E 92 -0.60 12.44 26.28
CA ILE E 92 -0.89 13.04 27.57
C ILE E 92 -2.37 13.31 27.72
N ILE E 93 -3.00 12.68 28.71
CA ILE E 93 -4.39 12.95 29.02
C ILE E 93 -4.46 14.01 30.12
N PRO E 94 -5.08 15.16 29.83
CA PRO E 94 -5.16 16.23 30.83
C PRO E 94 -6.18 15.95 31.92
N PHE E 95 -5.94 16.53 33.10
CA PHE E 95 -6.96 16.57 34.14
C PHE E 95 -7.57 17.97 34.11
N PRO E 96 -8.72 18.13 33.44
CA PRO E 96 -9.32 19.45 33.22
C PRO E 96 -9.41 20.33 34.47
N ASN E 97 -9.69 19.72 35.62
CA ASN E 97 -9.92 20.50 36.85
C ASN E 97 -8.73 20.45 37.82
N THR E 98 -7.55 20.11 37.30
CA THR E 98 -6.34 20.13 38.12
C THR E 98 -5.96 21.58 38.40
N LYS E 99 -5.40 21.82 39.58
CA LYS E 99 -4.89 23.13 39.93
C LYS E 99 -3.38 23.05 40.16
N MET E 100 -2.83 21.88 39.89
CA MET E 100 -1.41 21.61 40.18
C MET E 100 -0.71 21.01 38.97
N MET E 101 -1.26 21.27 37.78
CA MET E 101 -0.67 20.83 36.53
C MET E 101 -0.43 19.32 36.50
N ARG E 102 -1.26 18.57 37.21
CA ARG E 102 -1.17 17.12 37.20
C ARG E 102 -1.86 16.60 35.95
N ASN E 103 -1.31 15.54 35.37
CA ASN E 103 -1.88 14.93 34.18
C ASN E 103 -1.55 13.44 34.14
N LEU E 104 -1.94 12.77 33.05
CA LEU E 104 -1.69 11.35 32.90
C LEU E 104 -0.76 11.08 31.74
N LEU E 105 0.49 10.74 32.06
CA LEU E 105 1.49 10.49 31.03
C LEU E 105 1.50 9.02 30.61
N CYS E 106 1.13 8.77 29.36
CA CYS E 106 1.03 7.41 28.84
C CYS E 106 2.07 7.16 27.77
N VAL E 107 2.74 6.01 27.83
CA VAL E 107 3.75 5.66 26.85
C VAL E 107 3.58 4.20 26.42
N ASN E 108 3.34 4.00 25.13
CA ASN E 108 3.24 2.65 24.57
C ASN E 108 4.62 2.13 24.16
N VAL E 109 4.95 0.92 24.59
CA VAL E 109 6.25 0.34 24.32
C VAL E 109 6.17 -1.16 24.09
N SER E 110 7.25 -1.73 23.58
CA SER E 110 7.38 -3.18 23.51
C SER E 110 8.59 -3.60 24.33
N LEU E 111 8.48 -4.74 24.99
CA LEU E 111 9.56 -5.23 25.85
C LEU E 111 9.50 -6.75 25.93
N GLY E 112 10.59 -7.39 25.52
CA GLY E 112 10.66 -8.84 25.53
C GLY E 112 9.58 -9.48 24.67
N GLY E 113 9.23 -8.80 23.58
CA GLY E 113 8.24 -9.32 22.64
C GLY E 113 6.80 -9.04 23.02
N ASN E 114 6.59 -8.36 24.14
CA ASN E 114 5.24 -8.03 24.59
C ASN E 114 4.96 -6.54 24.51
N GLU E 115 3.69 -6.19 24.27
CA GLU E 115 3.29 -4.80 24.17
C GLU E 115 2.79 -4.29 25.52
N PHE E 116 3.32 -3.15 25.95
CA PHE E 116 2.93 -2.56 27.22
C PHE E 116 2.37 -1.16 27.04
N CYS E 117 1.53 -0.74 27.98
CA CYS E 117 1.11 0.65 28.07
C CYS E 117 1.48 1.15 29.45
N LEU E 118 2.50 2.01 29.51
CA LEU E 118 3.00 2.52 30.78
C LEU E 118 2.37 3.86 31.10
N MET E 119 1.81 3.98 32.30
CA MET E 119 1.16 5.22 32.73
C MET E 119 1.73 5.70 34.06
N THR E 120 1.86 7.01 34.20
CA THR E 120 2.24 7.58 35.49
C THR E 120 1.53 8.92 35.72
N SER E 121 1.39 9.29 36.98
CA SER E 121 0.68 10.49 37.35
C SER E 121 0.99 10.86 38.79
N HIS E 122 0.84 12.15 39.11
CA HIS E 122 0.96 12.62 40.48
C HIS E 122 -0.38 13.23 40.87
N LEU E 123 -1.30 12.39 41.32
CA LEU E 123 -2.66 12.83 41.66
C LEU E 123 -2.65 13.99 42.66
N GLU E 124 -3.65 14.86 42.55
CA GLU E 124 -3.72 16.07 43.39
C GLU E 124 -3.26 15.79 44.81
N SER E 125 -2.33 16.60 45.28
CA SER E 125 -1.78 16.44 46.61
C SER E 125 -2.75 16.97 47.67
N THR E 126 -2.51 16.59 48.92
CA THR E 126 -3.22 17.14 50.07
C THR E 126 -4.58 16.49 50.33
N ARG E 127 -4.98 16.48 51.60
CA ARG E 127 -6.22 15.85 52.02
C ARG E 127 -7.46 16.59 51.49
N GLU E 128 -7.45 17.91 51.64
CA GLU E 128 -8.60 18.74 51.25
C GLU E 128 -8.99 18.60 49.78
N HIS E 129 -8.07 18.11 48.95
CA HIS E 129 -8.37 17.94 47.53
C HIS E 129 -8.71 16.48 47.23
N SER E 130 -9.40 15.84 48.17
CA SER E 130 -9.82 14.46 48.02
C SER E 130 -10.73 14.29 46.80
N ALA E 131 -11.64 15.24 46.60
CA ALA E 131 -12.62 15.14 45.53
C ALA E 131 -11.96 15.09 44.15
N GLU E 132 -11.07 16.04 43.87
CA GLU E 132 -10.41 16.09 42.56
C GLU E 132 -9.48 14.90 42.36
N ARG E 133 -8.80 14.49 43.43
CA ARG E 133 -7.92 13.33 43.37
C ARG E 133 -8.70 12.09 42.95
N ILE E 134 -9.92 11.97 43.44
CA ILE E 134 -10.77 10.83 43.13
C ILE E 134 -11.31 10.91 41.72
N ARG E 135 -11.68 12.11 41.28
CA ARG E 135 -12.09 12.31 39.90
C ARG E 135 -10.95 11.90 38.96
N GLN E 136 -9.73 12.24 39.33
CA GLN E 136 -8.56 11.89 38.53
C GLN E 136 -8.32 10.38 38.52
N LEU E 137 -8.53 9.74 39.66
CA LEU E 137 -8.40 8.28 39.75
C LEU E 137 -9.35 7.61 38.77
N LYS E 138 -10.58 8.11 38.68
CA LYS E 138 -11.57 7.59 37.74
C LYS E 138 -11.06 7.68 36.32
N THR E 139 -10.46 8.82 35.97
CA THR E 139 -9.91 9.04 34.65
C THR E 139 -8.80 8.02 34.35
N VAL E 140 -7.95 7.78 35.33
CA VAL E 140 -6.84 6.86 35.17
C VAL E 140 -7.34 5.43 34.96
N LEU E 141 -8.26 4.99 35.81
CA LEU E 141 -8.80 3.65 35.73
C LEU E 141 -9.60 3.46 34.45
N GLY E 142 -10.28 4.52 34.02
CA GLY E 142 -11.01 4.49 32.77
C GLY E 142 -10.05 4.30 31.61
N LYS E 143 -8.92 4.99 31.67
CA LYS E 143 -7.93 4.93 30.60
C LYS E 143 -7.25 3.56 30.54
N MET E 144 -7.06 2.94 31.70
CA MET E 144 -6.43 1.63 31.78
C MET E 144 -7.27 0.58 31.02
N GLN E 145 -8.58 0.75 31.04
CA GLN E 145 -9.48 -0.22 30.41
C GLN E 145 -9.59 0.00 28.90
N GLU E 146 -8.92 1.03 28.40
CA GLU E 146 -9.07 1.42 27.00
C GLU E 146 -8.15 0.62 26.07
N ALA E 147 -6.90 0.41 26.50
CA ALA E 147 -5.94 -0.33 25.69
C ALA E 147 -6.48 -1.71 25.29
N PRO E 148 -5.97 -2.26 24.17
CA PRO E 148 -6.36 -3.61 23.73
C PRO E 148 -6.09 -4.68 24.79
N ASP E 149 -6.84 -5.78 24.73
CA ASP E 149 -6.72 -6.83 25.73
C ASP E 149 -5.38 -7.55 25.66
N SER E 150 -4.78 -7.59 24.48
CA SER E 150 -3.49 -8.24 24.30
C SER E 150 -2.40 -7.45 25.00
N THR E 151 -2.58 -6.14 25.05
CA THR E 151 -1.60 -5.25 25.66
C THR E 151 -1.65 -5.35 27.19
N THR E 152 -0.50 -5.25 27.82
CA THR E 152 -0.41 -5.22 29.27
C THR E 152 -0.31 -3.77 29.74
N VAL E 153 -1.19 -3.38 30.65
CA VAL E 153 -1.22 -2.00 31.14
C VAL E 153 -0.65 -1.93 32.55
N ILE E 154 0.22 -0.95 32.79
CA ILE E 154 0.82 -0.75 34.09
C ILE E 154 0.79 0.72 34.48
N PHE E 155 0.07 1.03 35.55
CA PHE E 155 0.13 2.35 36.15
C PHE E 155 0.99 2.32 37.40
N ALA E 156 1.93 3.25 37.49
CA ALA E 156 2.77 3.37 38.67
C ALA E 156 3.06 4.84 38.93
N GLY E 157 2.75 5.30 40.14
CA GLY E 157 3.00 6.68 40.49
C GLY E 157 2.52 7.05 41.89
N ASP E 158 2.57 8.35 42.18
CA ASP E 158 2.18 8.85 43.49
C ASP E 158 0.71 9.24 43.49
N THR E 159 -0.12 8.41 44.11
CA THR E 159 -1.57 8.57 44.05
C THR E 159 -2.13 9.46 45.15
N ASN E 160 -1.36 9.67 46.21
CA ASN E 160 -1.82 10.49 47.33
C ASN E 160 -3.09 9.95 47.98
N LEU E 161 -3.43 8.70 47.68
CA LEU E 161 -4.68 8.12 48.15
C LEU E 161 -4.68 7.81 49.65
N ARG E 162 -5.54 8.51 50.38
CA ARG E 162 -5.79 8.20 51.78
C ARG E 162 -6.66 6.95 51.86
N ASP E 163 -6.71 6.33 53.03
CA ASP E 163 -7.53 5.14 53.21
C ASP E 163 -8.99 5.47 52.95
N GLN E 164 -9.74 4.47 52.50
CA GLN E 164 -11.17 4.60 52.24
C GLN E 164 -11.47 5.20 50.86
N GLU E 165 -10.55 6.00 50.34
CA GLU E 165 -10.80 6.75 49.11
C GLU E 165 -11.06 5.86 47.90
N VAL E 166 -10.32 4.77 47.76
CA VAL E 166 -10.50 3.87 46.63
C VAL E 166 -11.87 3.20 46.71
N ILE E 167 -12.33 2.95 47.93
CA ILE E 167 -13.65 2.36 48.13
C ILE E 167 -14.75 3.34 47.75
N LYS E 168 -14.64 4.57 48.23
CA LYS E 168 -15.63 5.60 47.94
C LYS E 168 -15.60 5.96 46.45
N CYS E 169 -14.53 5.58 45.77
CA CYS E 169 -14.42 5.79 44.34
C CYS E 169 -15.18 4.71 43.57
N GLY E 170 -15.50 3.61 44.27
CA GLY E 170 -16.19 2.50 43.66
C GLY E 170 -15.36 1.23 43.68
N GLY E 171 -14.07 1.39 43.94
CA GLY E 171 -13.15 0.27 43.95
C GLY E 171 -12.48 0.10 42.60
N LEU E 172 -11.50 -0.81 42.53
CA LEU E 172 -10.83 -1.08 41.27
C LEU E 172 -11.72 -1.93 40.38
N PRO E 173 -11.72 -1.65 39.07
CA PRO E 173 -12.43 -2.53 38.15
C PRO E 173 -11.96 -3.97 38.31
N ASP E 174 -12.85 -4.92 38.01
CA ASP E 174 -12.59 -6.34 38.30
C ASP E 174 -11.36 -6.89 37.57
N ASN E 175 -10.89 -6.19 36.56
CA ASN E 175 -9.74 -6.64 35.77
C ASN E 175 -8.44 -5.91 36.13
N VAL E 176 -8.53 -4.90 36.98
CA VAL E 176 -7.35 -4.16 37.42
C VAL E 176 -6.99 -4.53 38.85
N PHE E 177 -5.69 -4.69 39.12
CA PHE E 177 -5.23 -5.13 40.43
C PHE E 177 -4.13 -4.23 41.00
N ASP E 178 -4.09 -4.14 42.32
CA ASP E 178 -3.04 -3.41 43.02
C ASP E 178 -1.92 -4.38 43.38
N ALA E 179 -0.72 -4.13 42.86
CA ALA E 179 0.40 -5.06 43.01
C ALA E 179 0.66 -5.46 44.46
N TRP E 180 0.55 -4.49 45.37
CA TRP E 180 0.82 -4.74 46.77
C TRP E 180 -0.23 -5.69 47.37
N GLU E 181 -1.48 -5.51 46.97
CA GLU E 181 -2.55 -6.39 47.42
C GLU E 181 -2.38 -7.78 46.81
N PHE E 182 -1.96 -7.81 45.56
CA PHE E 182 -1.78 -9.06 44.84
C PHE E 182 -0.74 -9.95 45.52
N LEU E 183 0.27 -9.32 46.11
CA LEU E 183 1.36 -10.05 46.75
C LEU E 183 1.07 -10.34 48.22
N GLY E 184 -0.19 -10.24 48.62
CA GLY E 184 -0.60 -10.58 49.96
C GLY E 184 -0.32 -9.49 50.98
N LYS E 185 -0.27 -8.25 50.52
CA LYS E 185 -0.12 -7.11 51.42
C LYS E 185 1.06 -7.29 52.37
N PRO E 186 2.26 -7.48 51.81
CA PRO E 186 3.47 -7.61 52.65
C PRO E 186 3.71 -6.36 53.48
N LYS E 187 4.12 -6.53 54.73
CA LYS E 187 4.27 -5.40 55.63
C LYS E 187 5.56 -4.61 55.41
N HIS E 188 6.61 -5.28 54.93
CA HIS E 188 7.91 -4.64 54.81
C HIS E 188 7.92 -3.49 53.82
N CYS E 189 7.01 -3.50 52.86
CA CYS E 189 6.90 -2.41 51.89
C CYS E 189 5.49 -1.82 51.88
N GLN E 190 4.91 -1.72 53.07
CA GLN E 190 3.53 -1.28 53.21
C GLN E 190 3.40 0.24 53.10
N TYR E 191 4.35 0.96 53.69
CA TYR E 191 4.31 2.41 53.68
C TYR E 191 5.45 2.98 52.84
N THR E 192 5.11 3.89 51.94
CA THR E 192 6.10 4.51 51.08
C THR E 192 6.33 5.96 51.47
N TRP E 193 5.61 6.43 52.48
CA TRP E 193 5.76 7.78 53.00
C TRP E 193 5.69 7.72 54.52
N ASP E 194 6.84 7.80 55.17
CA ASP E 194 6.94 7.53 56.60
C ASP E 194 7.83 8.57 57.28
N THR E 195 7.20 9.48 58.04
CA THR E 195 7.92 10.58 58.67
C THR E 195 8.67 10.15 59.93
N LYS E 196 8.49 8.88 60.33
CA LYS E 196 9.20 8.35 61.48
C LYS E 196 10.60 7.86 61.07
N ALA E 197 10.64 7.13 59.96
CA ALA E 197 11.91 6.63 59.42
C ALA E 197 12.56 7.67 58.51
N ASN E 198 11.75 8.47 57.85
CA ASN E 198 12.24 9.54 56.98
C ASN E 198 12.16 10.88 57.69
N ASN E 199 13.24 11.66 57.63
CA ASN E 199 13.31 12.93 58.36
C ASN E 199 13.47 14.14 57.46
N ASN E 200 13.18 13.98 56.17
CA ASN E 200 13.35 15.08 55.22
C ASN E 200 12.38 16.23 55.46
N LEU E 201 11.17 15.91 55.89
CA LEU E 201 10.16 16.93 56.15
C LEU E 201 10.18 17.43 57.60
N ARG E 202 11.14 16.96 58.37
CA ARG E 202 11.31 17.37 59.76
C ARG E 202 9.97 17.44 60.51
N ILE E 203 9.09 16.50 60.22
CA ILE E 203 7.77 16.46 60.88
C ILE E 203 7.85 15.68 62.18
N PRO E 204 7.54 16.35 63.31
CA PRO E 204 7.62 15.73 64.64
C PRO E 204 6.78 14.45 64.78
N ALA E 205 5.47 14.57 64.57
CA ALA E 205 4.57 13.44 64.73
C ALA E 205 4.91 12.31 63.75
N ALA E 206 4.26 11.17 63.91
CA ALA E 206 4.51 10.01 63.05
C ALA E 206 3.30 9.71 62.16
N TYR E 207 3.49 9.85 60.85
CA TYR E 207 2.44 9.54 59.89
C TYR E 207 2.95 8.54 58.85
N LYS E 208 2.11 7.55 58.53
CA LYS E 208 2.48 6.52 57.57
C LYS E 208 1.37 6.37 56.54
N HIS E 209 1.75 6.37 55.26
CA HIS E 209 0.78 6.24 54.18
C HIS E 209 1.31 5.39 53.03
N ARG E 210 0.39 4.79 52.28
CA ARG E 210 0.72 4.06 51.07
C ARG E 210 0.31 4.92 49.88
N PHE E 211 1.00 6.04 49.69
CA PHE E 211 0.68 6.99 48.63
C PHE E 211 1.06 6.48 47.24
N ASP E 212 2.13 5.70 47.18
CA ASP E 212 2.71 5.28 45.91
C ASP E 212 2.29 3.85 45.63
N ARG E 213 1.53 3.68 44.54
CA ARG E 213 0.92 2.38 44.25
C ARG E 213 1.13 1.96 42.80
N ILE E 214 0.93 0.69 42.55
CA ILE E 214 1.07 0.12 41.22
C ILE E 214 -0.20 -0.62 40.84
N PHE E 215 -0.82 -0.19 39.75
CA PHE E 215 -1.99 -0.87 39.21
C PHE E 215 -1.61 -1.54 37.90
N PHE E 216 -2.16 -2.72 37.63
CA PHE E 216 -1.86 -3.41 36.39
C PHE E 216 -3.04 -4.24 35.91
N ARG E 217 -3.04 -4.57 34.62
CA ARG E 217 -4.00 -5.52 34.09
C ARG E 217 -3.40 -6.29 32.93
N ALA E 218 -3.59 -7.61 32.94
CA ALA E 218 -3.07 -8.48 31.90
C ALA E 218 -4.08 -9.58 31.63
N GLU E 219 -3.94 -10.22 30.47
CA GLU E 219 -4.88 -11.28 30.08
C GLU E 219 -4.43 -12.62 30.66
N GLU E 220 -5.36 -13.28 31.36
CA GLU E 220 -5.07 -14.56 32.00
C GLU E 220 -3.71 -14.56 32.70
N GLY E 221 -3.46 -13.53 33.50
CA GLY E 221 -2.20 -13.42 34.22
C GLY E 221 -0.99 -13.64 33.34
N HIS E 222 -1.04 -13.13 32.11
CA HIS E 222 0.09 -13.21 31.20
C HIS E 222 1.32 -12.64 31.91
N LEU E 223 1.09 -11.65 32.75
CA LEU E 223 2.14 -11.09 33.59
C LEU E 223 1.61 -10.89 35.01
N ILE E 224 2.39 -11.32 35.99
CA ILE E 224 1.99 -11.21 37.38
C ILE E 224 3.16 -10.74 38.25
N PRO E 225 2.86 -9.96 39.29
CA PRO E 225 3.89 -9.50 40.24
C PRO E 225 4.65 -10.64 40.90
N GLN E 226 5.96 -10.48 41.01
CA GLN E 226 6.82 -11.49 41.62
C GLN E 226 7.37 -10.99 42.95
N SER E 227 7.66 -9.70 43.04
CA SER E 227 8.21 -9.13 44.25
C SER E 227 7.99 -7.62 44.32
N LEU E 228 8.06 -7.09 45.53
CA LEU E 228 7.87 -5.67 45.76
C LEU E 228 8.75 -5.21 46.93
N ASP E 229 9.60 -4.21 46.69
CA ASP E 229 10.51 -3.74 47.72
C ASP E 229 10.61 -2.22 47.73
N LEU E 230 11.01 -1.68 48.88
CA LEU E 230 11.28 -0.25 49.00
C LEU E 230 12.73 0.02 48.61
N VAL E 231 12.99 1.21 48.09
CA VAL E 231 14.35 1.60 47.73
C VAL E 231 14.60 3.04 48.14
N GLY E 232 15.88 3.37 48.32
CA GLY E 232 16.27 4.70 48.74
C GLY E 232 16.20 4.87 50.24
N LEU E 233 16.54 3.81 50.96
CA LEU E 233 16.52 3.85 52.42
C LEU E 233 17.89 4.12 53.02
N GLU E 234 18.87 4.40 52.16
CA GLU E 234 20.20 4.75 52.62
C GLU E 234 20.33 6.26 52.76
N LYS E 235 20.77 6.71 53.92
CA LYS E 235 20.92 8.13 54.20
C LYS E 235 22.17 8.66 53.49
N LEU E 236 22.12 9.92 53.07
CA LEU E 236 23.22 10.52 52.32
C LEU E 236 24.19 11.24 53.26
N ASP E 237 25.17 11.92 52.68
CA ASP E 237 26.18 12.61 53.46
C ASP E 237 25.58 13.76 54.26
N CYS E 238 24.70 14.52 53.63
CA CYS E 238 24.05 15.64 54.28
C CYS E 238 23.21 15.21 55.48
N GLY E 239 22.96 13.91 55.60
CA GLY E 239 22.20 13.37 56.71
C GLY E 239 20.73 13.23 56.40
N ARG E 240 20.38 13.39 55.13
CA ARG E 240 18.99 13.28 54.69
C ARG E 240 18.88 12.21 53.61
N PHE E 241 17.66 11.79 53.31
CA PHE E 241 17.41 10.81 52.27
C PHE E 241 17.20 11.51 50.93
N PRO E 242 17.27 10.74 49.83
CA PRO E 242 17.06 11.31 48.49
C PRO E 242 15.70 11.98 48.34
N SER E 243 14.71 11.53 49.10
CA SER E 243 13.36 12.06 49.02
C SER E 243 12.58 11.76 50.29
N ASP E 244 11.48 12.47 50.50
CA ASP E 244 10.62 12.20 51.64
C ASP E 244 9.79 10.93 51.41
N HIS E 245 9.72 10.51 50.15
CA HIS E 245 9.09 9.24 49.79
C HIS E 245 10.14 8.14 49.71
N TRP E 246 9.72 6.89 49.89
CA TRP E 246 10.55 5.75 49.53
C TRP E 246 10.23 5.39 48.09
N GLY E 247 11.24 4.97 47.33
CA GLY E 247 10.98 4.41 46.02
C GLY E 247 10.30 3.06 46.17
N LEU E 248 9.69 2.57 45.09
CA LEU E 248 9.03 1.28 45.12
C LEU E 248 9.48 0.45 43.92
N LEU E 249 10.14 -0.66 44.21
CA LEU E 249 10.70 -1.54 43.18
C LEU E 249 9.84 -2.80 43.00
N CYS E 250 9.35 -3.01 41.80
CA CYS E 250 8.51 -4.17 41.50
C CYS E 250 9.15 -5.03 40.40
N THR E 251 8.92 -6.34 40.49
CA THR E 251 9.40 -7.26 39.47
C THR E 251 8.26 -8.13 38.96
N LEU E 252 8.06 -8.11 37.64
CA LEU E 252 7.00 -8.90 37.01
C LEU E 252 7.57 -10.14 36.34
N ASN E 253 6.81 -11.23 36.38
CA ASN E 253 7.18 -12.45 35.67
C ASN E 253 6.24 -12.65 34.49
N VAL E 254 6.67 -13.45 33.52
CA VAL E 254 5.87 -13.72 32.35
C VAL E 254 5.49 -15.19 32.27
N VAL E 255 4.19 -15.45 32.13
CA VAL E 255 3.69 -16.81 31.99
C VAL E 255 3.72 -17.21 30.53
N LEU E 256 4.43 -18.29 30.24
CA LEU E 256 4.65 -18.72 28.87
C LEU E 256 4.17 -20.14 28.64
N SER F 8 17.92 -26.41 3.00
CA SER F 8 16.93 -25.46 3.52
C SER F 8 15.58 -25.67 2.85
N THR F 9 14.54 -25.16 3.49
CA THR F 9 13.17 -25.35 3.00
C THR F 9 12.52 -24.02 2.65
N ILE F 10 11.61 -24.05 1.68
CA ILE F 10 10.91 -22.85 1.23
C ILE F 10 9.45 -23.14 0.88
N SER F 11 8.54 -22.37 1.47
CA SER F 11 7.12 -22.53 1.21
C SER F 11 6.55 -21.28 0.54
N PHE F 12 5.57 -21.47 -0.34
CA PHE F 12 4.95 -20.34 -1.02
C PHE F 12 3.56 -20.69 -1.54
N ILE F 13 2.80 -19.64 -1.89
CA ILE F 13 1.47 -19.80 -2.45
C ILE F 13 1.29 -18.89 -3.65
N THR F 14 0.83 -19.46 -4.76
CA THR F 14 0.43 -18.67 -5.91
C THR F 14 -1.09 -18.71 -6.03
N TRP F 15 -1.71 -17.54 -6.22
CA TRP F 15 -3.15 -17.44 -6.16
C TRP F 15 -3.68 -16.26 -6.97
N ASN F 16 -4.46 -16.56 -8.00
CA ASN F 16 -5.17 -15.54 -8.75
C ASN F 16 -6.42 -15.13 -7.96
N ILE F 17 -6.35 -13.96 -7.34
CA ILE F 17 -7.37 -13.54 -6.37
C ILE F 17 -8.54 -12.77 -6.97
N ASP F 18 -8.64 -12.78 -8.30
CA ASP F 18 -9.81 -12.24 -8.99
C ASP F 18 -10.24 -10.86 -8.50
N GLY F 19 -9.38 -9.87 -8.71
CA GLY F 19 -9.69 -8.51 -8.33
C GLY F 19 -10.63 -7.84 -9.31
N LEU F 20 -10.77 -8.42 -10.49
CA LEU F 20 -11.66 -7.88 -11.52
C LEU F 20 -13.12 -8.04 -11.12
N ASP F 21 -13.38 -8.85 -10.11
CA ASP F 21 -14.74 -9.05 -9.61
C ASP F 21 -15.00 -8.10 -8.43
N GLY F 22 -15.82 -7.08 -8.67
CA GLY F 22 -16.11 -6.08 -7.67
C GLY F 22 -17.09 -6.55 -6.61
N CYS F 23 -17.73 -7.68 -6.86
CA CYS F 23 -18.71 -8.21 -5.92
C CYS F 23 -18.05 -8.80 -4.67
N ASN F 24 -18.39 -8.25 -3.52
CA ASN F 24 -17.90 -8.74 -2.24
C ASN F 24 -16.38 -8.64 -2.12
N LEU F 25 -15.83 -7.51 -2.56
CA LEU F 25 -14.38 -7.32 -2.54
C LEU F 25 -13.80 -7.36 -1.13
N PRO F 26 -14.34 -6.55 -0.21
CA PRO F 26 -13.81 -6.50 1.16
C PRO F 26 -13.87 -7.85 1.87
N GLU F 27 -14.99 -8.55 1.73
CA GLU F 27 -15.17 -9.84 2.40
C GLU F 27 -14.28 -10.91 1.80
N ARG F 28 -14.20 -10.93 0.47
CA ARG F 28 -13.36 -11.89 -0.23
C ARG F 28 -11.88 -11.59 0.04
N ALA F 29 -11.57 -10.32 0.23
CA ALA F 29 -10.20 -9.90 0.55
C ALA F 29 -9.81 -10.39 1.94
N ARG F 30 -10.65 -10.09 2.92
CA ARG F 30 -10.41 -10.53 4.29
C ARG F 30 -10.33 -12.05 4.35
N GLY F 31 -10.93 -12.70 3.36
CA GLY F 31 -10.86 -14.16 3.26
C GLY F 31 -9.47 -14.62 2.88
N VAL F 32 -8.83 -13.87 2.00
CA VAL F 32 -7.46 -14.19 1.56
C VAL F 32 -6.46 -13.97 2.69
N CYS F 33 -6.54 -12.81 3.33
CA CYS F 33 -5.64 -12.48 4.43
C CYS F 33 -5.79 -13.49 5.55
N SER F 34 -7.03 -13.90 5.83
CA SER F 34 -7.31 -14.88 6.85
C SER F 34 -6.66 -16.22 6.47
N CYS F 35 -6.61 -16.49 5.17
CA CYS F 35 -6.00 -17.72 4.66
C CYS F 35 -4.47 -17.66 4.77
N LEU F 36 -3.90 -16.52 4.41
CA LEU F 36 -2.45 -16.33 4.47
C LEU F 36 -1.96 -16.38 5.91
N ALA F 37 -2.81 -16.00 6.85
CA ALA F 37 -2.45 -15.98 8.26
C ALA F 37 -2.53 -17.37 8.89
N LEU F 38 -2.86 -18.38 8.07
CA LEU F 38 -2.92 -19.76 8.55
C LEU F 38 -1.69 -20.52 8.10
N TYR F 39 -1.44 -20.53 6.79
CA TYR F 39 -0.27 -21.20 6.25
C TYR F 39 0.95 -20.29 6.33
N SER F 40 0.73 -18.99 6.16
CA SER F 40 1.78 -17.98 6.33
C SER F 40 3.10 -18.43 5.71
N PRO F 41 3.12 -18.60 4.38
CA PRO F 41 4.30 -19.04 3.64
C PRO F 41 5.37 -17.96 3.52
N ASP F 42 6.56 -18.35 3.05
CA ASP F 42 7.66 -17.41 2.89
C ASP F 42 7.33 -16.39 1.80
N VAL F 43 6.73 -16.86 0.72
CA VAL F 43 6.44 -16.02 -0.44
C VAL F 43 5.00 -16.24 -0.91
N VAL F 44 4.38 -15.18 -1.43
CA VAL F 44 3.05 -15.27 -2.00
C VAL F 44 3.00 -14.58 -3.36
N PHE F 45 2.67 -15.35 -4.39
CA PHE F 45 2.50 -14.81 -5.73
C PHE F 45 1.02 -14.53 -6.00
N LEU F 46 0.70 -13.28 -6.33
CA LEU F 46 -0.68 -12.88 -6.56
C LEU F 46 -0.90 -12.40 -7.98
N GLN F 47 -2.04 -12.75 -8.56
CA GLN F 47 -2.43 -12.27 -9.89
C GLN F 47 -3.82 -11.65 -9.85
N GLU F 48 -4.08 -10.76 -10.79
CA GLU F 48 -5.38 -10.09 -10.90
C GLU F 48 -5.64 -9.23 -9.66
N VAL F 49 -4.59 -8.55 -9.19
CA VAL F 49 -4.67 -7.64 -8.06
C VAL F 49 -5.01 -6.23 -8.55
N ILE F 50 -5.79 -5.49 -7.77
CA ILE F 50 -6.12 -4.11 -8.10
C ILE F 50 -5.69 -3.16 -6.98
N PRO F 51 -5.53 -1.86 -7.30
CA PRO F 51 -4.99 -0.89 -6.35
C PRO F 51 -5.65 -0.92 -4.96
N PRO F 52 -6.98 -0.85 -4.88
CA PRO F 52 -7.61 -0.86 -3.56
C PRO F 52 -7.34 -2.16 -2.82
N TYR F 53 -7.16 -3.25 -3.58
CA TYR F 53 -6.85 -4.54 -3.00
C TYR F 53 -5.42 -4.51 -2.47
N CYS F 54 -4.53 -3.86 -3.24
CA CYS F 54 -3.14 -3.70 -2.85
C CYS F 54 -3.05 -2.93 -1.55
N ALA F 55 -3.72 -1.77 -1.51
CA ALA F 55 -3.73 -0.93 -0.31
C ALA F 55 -4.21 -1.71 0.91
N TYR F 56 -5.09 -2.68 0.68
CA TYR F 56 -5.64 -3.46 1.78
C TYR F 56 -4.64 -4.49 2.26
N LEU F 57 -3.87 -5.06 1.35
CA LEU F 57 -2.88 -6.08 1.69
C LEU F 57 -1.80 -5.54 2.60
N LYS F 58 -1.49 -4.25 2.47
CA LYS F 58 -0.40 -3.65 3.24
C LYS F 58 -0.78 -3.52 4.71
N LYS F 59 -2.05 -3.19 4.96
CA LYS F 59 -2.53 -2.96 6.31
C LYS F 59 -2.92 -4.26 7.00
N ARG F 60 -3.63 -5.13 6.27
CA ARG F 60 -4.20 -6.33 6.86
C ARG F 60 -3.27 -7.54 6.79
N ALA F 61 -2.14 -7.38 6.09
CA ALA F 61 -1.12 -8.42 6.04
C ALA F 61 0.25 -7.80 6.25
N ALA F 62 0.39 -7.07 7.35
CA ALA F 62 1.61 -6.33 7.65
C ALA F 62 2.82 -7.26 7.81
N SER F 63 2.56 -8.57 7.87
CA SER F 63 3.63 -9.54 7.97
C SER F 63 4.40 -9.69 6.66
N TYR F 64 3.84 -9.13 5.58
CA TYR F 64 4.48 -9.22 4.26
C TYR F 64 4.85 -7.86 3.71
N THR F 65 5.85 -7.85 2.84
CA THR F 65 6.24 -6.66 2.09
C THR F 65 5.89 -6.90 0.63
N ILE F 66 5.25 -5.92 0.00
CA ILE F 66 4.70 -6.12 -1.34
C ILE F 66 5.57 -5.55 -2.44
N ILE F 67 5.92 -6.39 -3.41
CA ILE F 67 6.71 -6.00 -4.56
C ILE F 67 5.83 -5.98 -5.81
N THR F 68 5.69 -4.80 -6.42
CA THR F 68 4.86 -4.66 -7.62
C THR F 68 5.60 -3.88 -8.69
N GLY F 69 4.89 -3.59 -9.79
CA GLY F 69 5.45 -2.80 -10.86
C GLY F 69 4.79 -1.44 -10.98
N ASN F 70 3.89 -1.30 -11.95
CA ASN F 70 3.28 -0.02 -12.26
C ASN F 70 2.04 0.26 -11.41
N GLU F 71 1.29 -0.79 -11.11
CA GLU F 71 0.05 -0.68 -10.34
C GLU F 71 -1.04 0.08 -11.11
N GLU F 72 -1.08 -0.11 -12.43
CA GLU F 72 -2.12 0.48 -13.26
C GLU F 72 -3.10 -0.60 -13.74
N GLY F 73 -4.37 -0.37 -13.48
CA GLY F 73 -5.41 -1.33 -13.85
C GLY F 73 -5.40 -2.51 -12.92
N TYR F 74 -5.12 -3.70 -13.47
CA TYR F 74 -4.94 -4.89 -12.64
C TYR F 74 -3.60 -5.55 -12.95
N PHE F 75 -2.94 -6.06 -11.92
CA PHE F 75 -1.55 -6.48 -12.03
C PHE F 75 -1.23 -7.65 -11.11
N THR F 76 0.03 -8.08 -11.14
CA THR F 76 0.50 -9.15 -10.27
C THR F 76 1.36 -8.57 -9.15
N ALA F 77 1.50 -9.34 -8.07
CA ALA F 77 2.29 -8.90 -6.93
C ALA F 77 3.03 -10.07 -6.32
N ILE F 78 4.17 -9.79 -5.68
CA ILE F 78 4.93 -10.80 -4.96
C ILE F 78 5.17 -10.35 -3.53
N LEU F 79 4.67 -11.11 -2.57
CA LEU F 79 4.80 -10.77 -1.17
C LEU F 79 5.97 -11.51 -0.52
N LEU F 80 6.77 -10.77 0.24
CA LEU F 80 7.95 -11.35 0.90
C LEU F 80 7.80 -11.25 2.41
N LYS F 81 7.93 -12.39 3.08
CA LYS F 81 7.85 -12.44 4.53
C LYS F 81 8.96 -11.61 5.17
N LYS F 82 8.58 -10.77 6.14
CA LYS F 82 9.56 -9.98 6.87
C LYS F 82 10.30 -10.85 7.87
N GLY F 83 11.61 -10.66 7.97
CA GLY F 83 12.43 -11.42 8.90
C GLY F 83 12.74 -12.83 8.41
N ARG F 84 12.36 -13.11 7.17
CA ARG F 84 12.62 -14.41 6.56
C ARG F 84 13.23 -14.24 5.17
N VAL F 85 12.59 -13.41 4.35
CA VAL F 85 13.07 -13.15 3.00
C VAL F 85 13.69 -11.76 2.92
N LYS F 86 14.89 -11.67 2.37
CA LYS F 86 15.55 -10.39 2.18
C LYS F 86 15.52 -9.99 0.71
N PHE F 87 14.83 -8.88 0.42
CA PHE F 87 14.76 -8.34 -0.93
C PHE F 87 16.12 -7.87 -1.42
N LYS F 88 16.42 -8.15 -2.69
CA LYS F 88 17.68 -7.74 -3.28
C LYS F 88 17.48 -6.87 -4.52
N SER F 89 16.60 -7.29 -5.42
CA SER F 89 16.31 -6.51 -6.61
C SER F 89 15.04 -6.98 -7.30
N GLN F 90 14.60 -6.24 -8.32
CA GLN F 90 13.42 -6.58 -9.07
C GLN F 90 13.54 -6.05 -10.50
N GLU F 91 12.81 -6.68 -11.41
CA GLU F 91 12.71 -6.18 -12.79
C GLU F 91 11.45 -6.73 -13.44
N ILE F 92 10.91 -5.97 -14.38
CA ILE F 92 9.70 -6.37 -15.09
C ILE F 92 9.99 -6.52 -16.57
N ILE F 93 9.76 -7.72 -17.09
CA ILE F 93 9.95 -7.99 -18.50
C ILE F 93 8.63 -7.85 -19.23
N PRO F 94 8.60 -6.98 -20.27
CA PRO F 94 7.37 -6.71 -21.00
C PRO F 94 6.98 -7.80 -21.98
N PHE F 95 5.69 -7.90 -22.27
CA PHE F 95 5.19 -8.77 -23.33
C PHE F 95 4.76 -7.88 -24.50
N PRO F 96 5.54 -7.88 -25.59
CA PRO F 96 5.32 -6.93 -26.69
C PRO F 96 3.90 -6.98 -27.28
N ASN F 97 3.40 -8.18 -27.54
CA ASN F 97 2.12 -8.33 -28.24
C ASN F 97 0.95 -8.61 -27.30
N THR F 98 1.08 -8.24 -26.04
CA THR F 98 0.01 -8.42 -25.08
C THR F 98 -1.13 -7.44 -25.36
N LYS F 99 -2.36 -7.91 -25.20
CA LYS F 99 -3.52 -7.04 -25.32
C LYS F 99 -4.32 -7.06 -24.02
N MET F 100 -3.61 -7.32 -22.92
CA MET F 100 -4.24 -7.40 -21.61
C MET F 100 -3.33 -6.90 -20.51
N MET F 101 -2.40 -6.01 -20.85
CA MET F 101 -1.50 -5.41 -19.86
C MET F 101 -0.75 -6.47 -19.06
N ARG F 102 -0.37 -7.55 -19.72
CA ARG F 102 0.30 -8.66 -19.05
C ARG F 102 1.82 -8.53 -19.17
N ASN F 103 2.54 -8.94 -18.13
CA ASN F 103 3.99 -8.88 -18.13
C ASN F 103 4.59 -9.95 -17.22
N LEU F 104 5.91 -9.97 -17.12
CA LEU F 104 6.61 -10.93 -16.28
C LEU F 104 7.32 -10.21 -15.15
N LEU F 105 6.93 -10.50 -13.91
CA LEU F 105 7.50 -9.85 -12.73
C LEU F 105 8.56 -10.73 -12.08
N CYS F 106 9.79 -10.23 -12.02
CA CYS F 106 10.91 -10.99 -11.45
C CYS F 106 11.44 -10.30 -10.19
N VAL F 107 11.83 -11.10 -9.20
CA VAL F 107 12.34 -10.57 -7.94
C VAL F 107 13.44 -11.46 -7.36
N ASN F 108 14.63 -10.91 -7.17
CA ASN F 108 15.72 -11.65 -6.56
C ASN F 108 15.73 -11.45 -5.05
N VAL F 109 15.82 -12.55 -4.30
CA VAL F 109 15.79 -12.50 -2.85
C VAL F 109 16.67 -13.58 -2.24
N SER F 110 16.94 -13.47 -0.95
CA SER F 110 17.68 -14.51 -0.25
C SER F 110 16.86 -15.04 0.92
N LEU F 111 16.83 -16.35 1.07
CA LEU F 111 16.09 -17.01 2.13
C LEU F 111 16.97 -18.06 2.77
N GLY F 112 17.38 -17.80 4.01
CA GLY F 112 18.39 -18.63 4.65
C GLY F 112 19.75 -18.30 4.07
N GLY F 113 20.46 -19.32 3.61
CA GLY F 113 21.74 -19.12 2.97
C GLY F 113 21.64 -19.33 1.47
N ASN F 114 20.42 -19.25 0.95
CA ASN F 114 20.17 -19.53 -0.46
C ASN F 114 19.64 -18.33 -1.22
N GLU F 115 20.06 -18.21 -2.48
CA GLU F 115 19.58 -17.15 -3.36
C GLU F 115 18.47 -17.69 -4.26
N PHE F 116 17.43 -16.89 -4.43
CA PHE F 116 16.30 -17.28 -5.26
C PHE F 116 16.00 -16.21 -6.30
N CYS F 117 15.45 -16.63 -7.43
CA CYS F 117 14.87 -15.72 -8.39
C CYS F 117 13.40 -16.09 -8.55
N LEU F 118 12.53 -15.24 -8.02
CA LEU F 118 11.09 -15.52 -7.99
C LEU F 118 10.37 -14.80 -9.13
N MET F 119 9.57 -15.55 -9.88
CA MET F 119 8.88 -15.00 -11.04
C MET F 119 7.39 -15.28 -10.98
N THR F 120 6.60 -14.34 -11.49
CA THR F 120 5.15 -14.52 -11.59
C THR F 120 4.61 -13.78 -12.82
N SER F 121 3.45 -14.22 -13.30
CA SER F 121 2.85 -13.63 -14.49
C SER F 121 1.42 -14.12 -14.66
N HIS F 122 0.58 -13.26 -15.22
CA HIS F 122 -0.79 -13.63 -15.57
C HIS F 122 -0.88 -13.70 -17.09
N LEU F 123 -0.72 -14.89 -17.65
CA LEU F 123 -0.68 -15.06 -19.11
C LEU F 123 -2.06 -14.80 -19.73
N GLU F 124 -2.08 -14.58 -21.05
CA GLU F 124 -3.30 -14.24 -21.77
C GLU F 124 -4.43 -15.24 -21.51
N SER F 125 -5.64 -14.72 -21.40
CA SER F 125 -6.81 -15.55 -21.12
C SER F 125 -7.58 -15.89 -22.40
N THR F 126 -8.64 -16.69 -22.24
CA THR F 126 -9.52 -17.13 -23.34
C THR F 126 -9.00 -18.39 -24.04
N ARG F 127 -9.90 -19.07 -24.75
CA ARG F 127 -9.60 -20.34 -25.38
C ARG F 127 -8.76 -20.20 -26.65
N GLU F 128 -9.15 -19.28 -27.53
CA GLU F 128 -8.49 -19.14 -28.83
C GLU F 128 -7.49 -17.99 -28.87
N HIS F 129 -6.81 -17.75 -27.75
CA HIS F 129 -5.67 -16.85 -27.72
C HIS F 129 -4.40 -17.67 -27.53
N SER F 130 -4.45 -18.91 -27.98
CA SER F 130 -3.33 -19.84 -27.85
C SER F 130 -2.04 -19.22 -28.39
N ALA F 131 -2.15 -18.52 -29.51
CA ALA F 131 -0.98 -17.92 -30.15
C ALA F 131 -0.15 -17.09 -29.18
N GLU F 132 -0.74 -16.02 -28.67
CA GLU F 132 -0.01 -15.09 -27.81
C GLU F 132 0.39 -15.71 -26.47
N ARG F 133 -0.44 -16.60 -25.95
CA ARG F 133 -0.16 -17.25 -24.68
C ARG F 133 1.09 -18.12 -24.77
N ILE F 134 1.24 -18.83 -25.89
CA ILE F 134 2.41 -19.66 -26.12
C ILE F 134 3.67 -18.79 -26.20
N ARG F 135 3.59 -17.68 -26.94
CA ARG F 135 4.71 -16.77 -27.06
C ARG F 135 5.17 -16.28 -25.70
N GLN F 136 4.21 -15.87 -24.87
CA GLN F 136 4.50 -15.38 -23.53
C GLN F 136 5.11 -16.48 -22.67
N LEU F 137 4.66 -17.72 -22.88
CA LEU F 137 5.17 -18.85 -22.11
C LEU F 137 6.64 -19.08 -22.41
N LYS F 138 7.02 -18.93 -23.67
CA LYS F 138 8.40 -19.16 -24.09
C LYS F 138 9.31 -18.04 -23.61
N THR F 139 8.75 -16.85 -23.45
CA THR F 139 9.53 -15.73 -22.91
C THR F 139 9.87 -15.98 -21.44
N VAL F 140 8.95 -16.63 -20.74
CA VAL F 140 9.18 -16.99 -19.34
C VAL F 140 10.23 -18.10 -19.23
N LEU F 141 10.03 -19.18 -19.98
CA LEU F 141 10.95 -20.30 -19.97
C LEU F 141 12.37 -19.86 -20.35
N GLY F 142 12.46 -18.86 -21.21
CA GLY F 142 13.75 -18.34 -21.64
C GLY F 142 14.40 -17.49 -20.57
N LYS F 143 13.58 -16.79 -19.80
CA LYS F 143 14.08 -15.93 -18.72
C LYS F 143 14.60 -16.77 -17.55
N MET F 144 13.99 -17.94 -17.35
CA MET F 144 14.39 -18.82 -16.26
C MET F 144 15.80 -19.39 -16.46
N GLN F 145 16.32 -19.28 -17.68
CA GLN F 145 17.64 -19.82 -17.98
C GLN F 145 18.76 -18.81 -17.70
N GLU F 146 18.41 -17.53 -17.66
CA GLU F 146 19.41 -16.47 -17.55
C GLU F 146 20.14 -16.45 -16.20
N ALA F 147 19.42 -16.77 -15.13
CA ALA F 147 20.01 -16.72 -13.79
C ALA F 147 21.20 -17.66 -13.65
N PRO F 148 22.18 -17.28 -12.83
CA PRO F 148 23.35 -18.14 -12.56
C PRO F 148 22.95 -19.45 -11.88
N ASP F 149 23.81 -20.45 -11.96
CA ASP F 149 23.51 -21.79 -11.46
C ASP F 149 23.42 -21.86 -9.94
N SER F 150 24.01 -20.86 -9.27
CA SER F 150 23.95 -20.82 -7.81
C SER F 150 22.67 -20.15 -7.32
N THR F 151 21.79 -19.80 -8.26
CA THR F 151 20.49 -19.26 -7.92
C THR F 151 19.40 -20.30 -8.18
N THR F 152 18.42 -20.37 -7.29
CA THR F 152 17.28 -21.24 -7.47
C THR F 152 16.15 -20.46 -8.12
N VAL F 153 15.70 -20.90 -9.29
CA VAL F 153 14.66 -20.18 -10.03
C VAL F 153 13.31 -20.87 -9.91
N ILE F 154 12.30 -20.10 -9.51
CA ILE F 154 10.95 -20.61 -9.37
C ILE F 154 9.94 -19.67 -10.01
N PHE F 155 9.17 -20.19 -10.96
CA PHE F 155 8.03 -19.44 -11.51
C PHE F 155 6.74 -20.00 -10.93
N ALA F 156 5.79 -19.12 -10.64
CA ALA F 156 4.50 -19.53 -10.12
C ALA F 156 3.45 -18.47 -10.45
N GLY F 157 2.39 -18.88 -11.16
CA GLY F 157 1.34 -17.97 -11.53
C GLY F 157 0.24 -18.59 -12.36
N ASP F 158 -0.65 -17.74 -12.86
CA ASP F 158 -1.78 -18.16 -13.68
C ASP F 158 -1.35 -18.24 -15.15
N THR F 159 -1.12 -19.45 -15.63
CA THR F 159 -0.61 -19.66 -16.98
C THR F 159 -1.72 -19.70 -18.02
N ASN F 160 -2.94 -19.99 -17.59
CA ASN F 160 -4.07 -20.09 -18.51
C ASN F 160 -3.83 -21.17 -19.56
N LEU F 161 -3.08 -22.21 -19.17
CA LEU F 161 -2.75 -23.29 -20.09
C LEU F 161 -3.80 -24.39 -20.06
N ARG F 162 -3.82 -25.19 -21.12
CA ARG F 162 -4.83 -26.23 -21.29
C ARG F 162 -4.56 -27.09 -22.51
N ASP F 163 -5.38 -28.11 -22.70
CA ASP F 163 -5.44 -28.88 -23.95
C ASP F 163 -4.07 -29.13 -24.59
N GLN F 164 -3.14 -29.67 -23.82
CA GLN F 164 -1.82 -30.05 -24.32
C GLN F 164 -1.08 -28.90 -25.02
N GLU F 165 -1.44 -27.67 -24.66
CA GLU F 165 -0.78 -26.49 -25.24
C GLU F 165 0.71 -26.50 -24.98
N VAL F 166 1.10 -27.00 -23.80
CA VAL F 166 2.50 -27.04 -23.43
C VAL F 166 3.31 -27.99 -24.31
N ILE F 167 2.81 -29.21 -24.50
CA ILE F 167 3.48 -30.18 -25.36
C ILE F 167 3.41 -29.75 -26.83
N LYS F 168 2.32 -29.09 -27.18
CA LYS F 168 2.11 -28.59 -28.53
C LYS F 168 3.30 -27.76 -29.03
N CYS F 169 3.95 -27.06 -28.12
CA CYS F 169 5.05 -26.17 -28.49
C CYS F 169 6.41 -26.71 -28.05
N GLY F 170 6.54 -28.04 -28.03
CA GLY F 170 7.80 -28.68 -27.71
C GLY F 170 7.90 -29.16 -26.27
N GLY F 171 7.13 -28.53 -25.38
CA GLY F 171 7.14 -28.89 -23.98
C GLY F 171 8.19 -28.14 -23.20
N LEU F 172 8.32 -28.46 -21.91
CA LEU F 172 9.29 -27.80 -21.04
C LEU F 172 10.70 -28.28 -21.38
N PRO F 173 11.68 -27.36 -21.27
CA PRO F 173 13.09 -27.76 -21.46
C PRO F 173 13.52 -28.82 -20.46
N ASP F 174 14.63 -29.51 -20.76
CA ASP F 174 15.06 -30.66 -19.98
C ASP F 174 15.40 -30.33 -18.52
N ASN F 175 15.69 -29.06 -18.24
CA ASN F 175 16.06 -28.65 -16.89
C ASN F 175 15.02 -27.75 -16.22
N VAL F 176 13.76 -27.89 -16.64
CA VAL F 176 12.66 -27.17 -16.02
C VAL F 176 11.49 -28.13 -15.80
N PHE F 177 11.00 -28.21 -14.56
CA PHE F 177 9.98 -29.18 -14.20
C PHE F 177 8.73 -28.54 -13.61
N ASP F 178 7.60 -29.22 -13.79
CA ASP F 178 6.33 -28.81 -13.21
C ASP F 178 6.17 -29.50 -11.86
N ALA F 179 5.98 -28.72 -10.80
CA ALA F 179 5.91 -29.25 -9.45
C ALA F 179 4.83 -30.31 -9.30
N TRP F 180 3.74 -30.16 -10.06
CA TRP F 180 2.62 -31.10 -9.99
C TRP F 180 2.98 -32.43 -10.66
N GLU F 181 3.62 -32.35 -11.83
CA GLU F 181 4.03 -33.53 -12.56
C GLU F 181 5.13 -34.28 -11.83
N PHE F 182 6.01 -33.53 -11.18
CA PHE F 182 7.15 -34.10 -10.46
C PHE F 182 6.71 -34.92 -9.25
N LEU F 183 5.55 -34.58 -8.70
CA LEU F 183 5.03 -35.24 -7.51
C LEU F 183 4.14 -36.43 -7.85
N GLY F 184 4.00 -36.73 -9.14
CA GLY F 184 3.21 -37.87 -9.57
C GLY F 184 1.79 -37.51 -9.94
N LYS F 185 1.54 -36.23 -10.18
CA LYS F 185 0.22 -35.75 -10.57
C LYS F 185 -0.87 -36.22 -9.60
N PRO F 186 -0.80 -35.76 -8.34
CA PRO F 186 -1.84 -36.08 -7.36
C PRO F 186 -3.20 -35.56 -7.81
N LYS F 187 -4.22 -36.42 -7.75
CA LYS F 187 -5.55 -36.08 -8.23
C LYS F 187 -6.22 -35.03 -7.35
N HIS F 188 -5.76 -34.91 -6.11
CA HIS F 188 -6.37 -33.98 -5.16
C HIS F 188 -5.92 -32.54 -5.39
N CYS F 189 -5.03 -32.33 -6.36
CA CYS F 189 -4.59 -30.99 -6.73
C CYS F 189 -4.66 -30.79 -8.24
N GLN F 190 -5.31 -31.72 -8.93
CA GLN F 190 -5.31 -31.74 -10.39
C GLN F 190 -5.88 -30.47 -11.01
N TYR F 191 -6.84 -29.84 -10.34
CA TYR F 191 -7.52 -28.68 -10.91
C TYR F 191 -7.53 -27.47 -9.97
N THR F 192 -7.23 -26.31 -10.53
CA THR F 192 -7.21 -25.06 -9.78
C THR F 192 -8.34 -24.14 -10.21
N TRP F 193 -9.05 -24.53 -11.26
CA TRP F 193 -10.20 -23.77 -11.77
C TRP F 193 -11.32 -24.72 -12.11
N ASP F 194 -12.27 -24.88 -11.19
CA ASP F 194 -13.34 -25.86 -11.34
C ASP F 194 -14.71 -25.22 -11.14
N THR F 195 -15.52 -25.22 -12.19
CA THR F 195 -16.83 -24.56 -12.15
C THR F 195 -17.87 -25.35 -11.37
N LYS F 196 -17.69 -26.67 -11.28
CA LYS F 196 -18.61 -27.51 -10.52
C LYS F 196 -18.36 -27.39 -9.02
N ALA F 197 -17.10 -27.20 -8.65
CA ALA F 197 -16.72 -27.06 -7.25
C ALA F 197 -16.68 -25.58 -6.83
N ASN F 198 -16.60 -24.69 -7.81
CA ASN F 198 -16.58 -23.25 -7.53
C ASN F 198 -17.74 -22.55 -8.24
N ASN F 199 -18.48 -21.72 -7.50
CA ASN F 199 -19.71 -21.13 -8.01
C ASN F 199 -19.62 -19.61 -8.22
N ASN F 200 -18.43 -19.06 -8.05
CA ASN F 200 -18.27 -17.60 -8.13
C ASN F 200 -18.72 -16.99 -9.46
N LEU F 201 -18.47 -17.69 -10.56
CA LEU F 201 -18.83 -17.19 -11.89
C LEU F 201 -20.22 -17.67 -12.33
N ARG F 202 -20.78 -18.60 -11.56
CA ARG F 202 -22.12 -19.12 -11.84
C ARG F 202 -22.24 -19.71 -13.24
N ILE F 203 -21.20 -20.41 -13.67
CA ILE F 203 -21.20 -21.07 -14.97
C ILE F 203 -21.91 -22.42 -14.91
N PRO F 204 -22.93 -22.62 -15.76
CA PRO F 204 -23.72 -23.86 -15.72
C PRO F 204 -22.90 -25.10 -16.08
N ALA F 205 -22.23 -25.06 -17.23
CA ALA F 205 -21.48 -26.22 -17.71
C ALA F 205 -20.33 -26.58 -16.76
N ALA F 206 -19.67 -27.70 -17.06
CA ALA F 206 -18.55 -28.15 -16.26
C ALA F 206 -17.23 -27.83 -16.98
N TYR F 207 -16.32 -27.19 -16.26
CA TYR F 207 -15.01 -26.86 -16.81
C TYR F 207 -13.94 -27.10 -15.76
N LYS F 208 -13.08 -28.09 -16.02
CA LYS F 208 -11.97 -28.40 -15.12
C LYS F 208 -10.66 -28.10 -15.84
N HIS F 209 -9.90 -27.15 -15.30
CA HIS F 209 -8.63 -26.75 -15.90
C HIS F 209 -7.54 -26.56 -14.84
N ARG F 210 -6.29 -26.68 -15.28
CA ARG F 210 -5.15 -26.48 -14.39
C ARG F 210 -4.39 -25.24 -14.82
N PHE F 211 -5.01 -24.09 -14.63
CA PHE F 211 -4.43 -22.81 -15.06
C PHE F 211 -3.23 -22.41 -14.22
N ASP F 212 -3.31 -22.66 -12.92
CA ASP F 212 -2.26 -22.24 -11.99
C ASP F 212 -1.21 -23.33 -11.81
N ARG F 213 0.03 -23.03 -12.21
CA ARG F 213 1.09 -24.03 -12.22
C ARG F 213 2.39 -23.49 -11.63
N ILE F 214 3.28 -24.39 -11.26
CA ILE F 214 4.56 -24.03 -10.67
C ILE F 214 5.72 -24.66 -11.44
N PHE F 215 6.67 -23.83 -11.85
CA PHE F 215 7.86 -24.31 -12.55
C PHE F 215 9.12 -23.99 -11.74
N PHE F 216 10.10 -24.88 -11.80
CA PHE F 216 11.40 -24.63 -11.16
C PHE F 216 12.52 -25.23 -12.00
N ARG F 217 13.66 -24.53 -12.04
CA ARG F 217 14.80 -24.97 -12.82
C ARG F 217 15.73 -25.82 -11.96
N ALA F 218 16.13 -26.98 -12.49
CA ALA F 218 17.07 -27.86 -11.79
C ALA F 218 17.91 -28.63 -12.79
N GLY F 221 19.42 -32.58 -10.05
CA GLY F 221 18.36 -32.97 -9.12
C GLY F 221 18.72 -32.63 -7.69
N HIS F 222 18.77 -31.35 -7.38
CA HIS F 222 19.10 -30.89 -6.03
C HIS F 222 17.92 -30.17 -5.38
N LEU F 223 16.78 -30.18 -6.07
CA LEU F 223 15.55 -29.58 -5.54
C LEU F 223 14.50 -30.66 -5.36
N ILE F 224 13.82 -30.62 -4.22
CA ILE F 224 12.82 -31.64 -3.90
C ILE F 224 11.53 -31.04 -3.36
N PRO F 225 10.50 -30.93 -4.21
CA PRO F 225 9.16 -30.55 -3.75
C PRO F 225 8.64 -31.55 -2.72
N GLN F 226 8.03 -31.04 -1.65
CA GLN F 226 7.48 -31.89 -0.61
C GLN F 226 5.96 -31.94 -0.68
N SER F 227 5.32 -30.85 -0.26
CA SER F 227 3.87 -30.80 -0.21
C SER F 227 3.30 -29.97 -1.35
N LEU F 228 2.05 -30.25 -1.69
CA LEU F 228 1.32 -29.48 -2.68
C LEU F 228 -0.16 -29.65 -2.38
N ASP F 229 -0.84 -28.54 -2.09
CA ASP F 229 -2.23 -28.59 -1.66
C ASP F 229 -3.01 -27.38 -2.15
N LEU F 230 -4.32 -27.52 -2.23
CA LEU F 230 -5.19 -26.42 -2.60
C LEU F 230 -5.55 -25.60 -1.37
N VAL F 231 -5.99 -24.37 -1.58
CA VAL F 231 -6.31 -23.49 -0.45
C VAL F 231 -7.38 -22.47 -0.80
N GLY F 232 -8.15 -22.07 0.19
CA GLY F 232 -9.25 -21.14 0.00
C GLY F 232 -10.48 -21.87 -0.51
N LEU F 233 -10.80 -23.00 0.13
CA LEU F 233 -11.90 -23.85 -0.32
C LEU F 233 -13.12 -23.79 0.58
N GLU F 234 -13.07 -22.95 1.60
CA GLU F 234 -14.23 -22.79 2.48
C GLU F 234 -14.94 -21.47 2.18
N LYS F 235 -16.23 -21.57 1.86
CA LYS F 235 -17.03 -20.39 1.54
C LYS F 235 -17.08 -19.43 2.71
N LEU F 236 -17.14 -18.14 2.41
CA LEU F 236 -17.35 -17.13 3.43
C LEU F 236 -18.83 -17.14 3.81
N ASP F 237 -19.23 -16.26 4.71
CA ASP F 237 -20.62 -16.21 5.14
C ASP F 237 -21.49 -15.39 4.18
N CYS F 238 -21.06 -15.27 2.93
CA CYS F 238 -21.87 -14.65 1.88
C CYS F 238 -22.22 -15.68 0.80
N GLY F 239 -21.65 -16.88 0.92
CA GLY F 239 -21.98 -17.97 0.01
C GLY F 239 -21.03 -18.10 -1.16
N ARG F 240 -19.99 -17.28 -1.18
CA ARG F 240 -19.03 -17.28 -2.29
C ARG F 240 -17.59 -17.41 -1.80
N PHE F 241 -16.76 -18.05 -2.61
CA PHE F 241 -15.36 -18.25 -2.27
C PHE F 241 -14.55 -16.98 -2.45
N PRO F 242 -13.35 -16.92 -1.86
CA PRO F 242 -12.48 -15.74 -1.99
C PRO F 242 -12.15 -15.43 -3.44
N SER F 243 -12.27 -16.42 -4.31
CA SER F 243 -11.93 -16.26 -5.72
C SER F 243 -12.45 -17.45 -6.53
N ASP F 244 -12.53 -17.28 -7.84
CA ASP F 244 -12.95 -18.36 -8.73
C ASP F 244 -11.81 -19.36 -8.91
N HIS F 245 -10.59 -18.95 -8.56
CA HIS F 245 -9.43 -19.84 -8.60
C HIS F 245 -9.17 -20.42 -7.21
N TRP F 246 -8.70 -21.67 -7.17
CA TRP F 246 -8.13 -22.21 -5.94
C TRP F 246 -6.68 -21.76 -5.89
N GLY F 247 -6.13 -21.69 -4.68
CA GLY F 247 -4.73 -21.33 -4.51
C GLY F 247 -3.86 -22.57 -4.39
N LEU F 248 -2.58 -22.44 -4.71
CA LEU F 248 -1.65 -23.56 -4.60
C LEU F 248 -0.61 -23.30 -3.51
N LEU F 249 -0.59 -24.18 -2.51
CA LEU F 249 0.41 -24.13 -1.45
C LEU F 249 1.48 -25.18 -1.70
N CYS F 250 2.72 -24.74 -1.87
CA CYS F 250 3.81 -25.64 -2.21
C CYS F 250 4.98 -25.51 -1.24
N THR F 251 5.70 -26.62 -1.04
CA THR F 251 6.94 -26.62 -0.26
C THR F 251 8.03 -27.31 -1.07
N LEU F 252 9.27 -26.87 -0.88
CA LEU F 252 10.38 -27.35 -1.68
C LEU F 252 11.69 -27.32 -0.89
N ASN F 253 12.65 -28.15 -1.31
CA ASN F 253 13.97 -28.18 -0.69
C ASN F 253 15.08 -28.21 -1.71
N THR G 9 5.81 -52.85 28.85
CA THR G 9 5.21 -51.75 29.59
C THR G 9 6.23 -50.63 29.82
N ILE G 10 6.01 -49.50 29.15
CA ILE G 10 6.88 -48.34 29.35
C ILE G 10 6.14 -47.24 30.10
N SER G 11 6.87 -46.22 30.51
CA SER G 11 6.27 -45.08 31.21
C SER G 11 7.12 -43.84 31.01
N PHE G 12 6.48 -42.68 31.01
CA PHE G 12 7.19 -41.42 30.86
C PHE G 12 6.43 -40.27 31.51
N ILE G 13 7.15 -39.18 31.75
CA ILE G 13 6.55 -37.97 32.32
C ILE G 13 6.83 -36.76 31.44
N THR G 14 5.79 -35.97 31.19
CA THR G 14 5.97 -34.70 30.49
C THR G 14 5.58 -33.55 31.43
N TRP G 15 6.45 -32.56 31.54
CA TRP G 15 6.29 -31.56 32.59
C TRP G 15 6.98 -30.24 32.24
N ASN G 16 6.21 -29.16 32.23
CA ASN G 16 6.77 -27.81 32.19
C ASN G 16 7.12 -27.43 33.62
N ILE G 17 8.42 -27.36 33.91
CA ILE G 17 8.87 -27.21 35.30
C ILE G 17 9.13 -25.75 35.70
N ASP G 18 8.67 -24.82 34.86
CA ASP G 18 8.71 -23.39 35.17
C ASP G 18 10.08 -22.92 35.66
N GLY G 19 11.11 -23.15 34.85
CA GLY G 19 12.45 -22.71 35.19
C GLY G 19 12.62 -21.20 35.13
N LEU G 20 11.68 -20.52 34.51
CA LEU G 20 11.74 -19.06 34.40
C LEU G 20 11.31 -18.38 35.69
N ASP G 21 10.85 -19.16 36.65
CA ASP G 21 10.49 -18.64 37.96
C ASP G 21 11.63 -18.90 38.94
N GLY G 22 12.44 -17.87 39.19
CA GLY G 22 13.60 -18.00 40.04
C GLY G 22 13.29 -18.20 41.52
N CYS G 23 12.08 -17.83 41.94
CA CYS G 23 11.72 -17.92 43.34
C CYS G 23 11.66 -19.38 43.80
N ASN G 24 12.42 -19.69 44.84
CA ASN G 24 12.48 -21.05 45.40
C ASN G 24 12.92 -22.08 44.37
N LEU G 25 13.73 -21.66 43.40
CA LEU G 25 14.11 -22.55 42.31
C LEU G 25 14.84 -23.79 42.82
N PRO G 26 15.83 -23.61 43.72
CA PRO G 26 16.56 -24.76 44.25
C PRO G 26 15.64 -25.79 44.90
N GLU G 27 14.81 -25.35 45.84
CA GLU G 27 13.92 -26.28 46.55
C GLU G 27 12.92 -26.92 45.59
N ARG G 28 12.50 -26.17 44.58
CA ARG G 28 11.54 -26.68 43.60
C ARG G 28 12.19 -27.69 42.66
N ALA G 29 13.45 -27.47 42.31
CA ALA G 29 14.19 -28.41 41.48
C ALA G 29 14.31 -29.75 42.19
N ARG G 30 14.53 -29.71 43.50
CA ARG G 30 14.62 -30.93 44.29
C ARG G 30 13.25 -31.63 44.38
N GLY G 31 12.19 -30.84 44.35
CA GLY G 31 10.84 -31.39 44.33
C GLY G 31 10.59 -32.20 43.08
N VAL G 32 11.07 -31.70 41.94
CA VAL G 32 10.92 -32.42 40.67
C VAL G 32 11.77 -33.69 40.67
N CYS G 33 13.02 -33.58 41.11
CA CYS G 33 13.92 -34.73 41.15
C CYS G 33 13.41 -35.79 42.12
N SER G 34 12.75 -35.35 43.19
CA SER G 34 12.13 -36.27 44.13
C SER G 34 11.05 -37.08 43.42
N CYS G 35 10.18 -36.37 42.69
CA CYS G 35 9.11 -37.02 41.93
CA CYS G 35 9.11 -37.02 41.93
C CYS G 35 9.68 -38.05 40.95
N LEU G 36 10.70 -37.65 40.21
CA LEU G 36 11.33 -38.55 39.24
C LEU G 36 11.90 -39.81 39.91
N ALA G 37 12.40 -39.64 41.13
CA ALA G 37 13.00 -40.75 41.86
C ALA G 37 11.95 -41.75 42.31
N LEU G 38 10.81 -41.24 42.78
CA LEU G 38 9.76 -42.09 43.33
C LEU G 38 9.02 -42.86 42.24
N TYR G 39 8.75 -42.21 41.11
CA TYR G 39 8.03 -42.84 40.02
C TYR G 39 8.98 -43.57 39.08
N SER G 40 10.18 -43.02 38.91
CA SER G 40 11.22 -43.69 38.15
C SER G 40 10.76 -44.06 36.73
N PRO G 41 10.33 -43.06 35.96
CA PRO G 41 9.90 -43.28 34.57
C PRO G 41 11.06 -43.58 33.62
N ASP G 42 10.75 -44.18 32.48
CA ASP G 42 11.76 -44.53 31.49
C ASP G 42 12.24 -43.28 30.74
N VAL G 43 11.32 -42.35 30.51
CA VAL G 43 11.64 -41.12 29.79
C VAL G 43 10.97 -39.92 30.45
N VAL G 44 11.62 -38.76 30.39
CA VAL G 44 11.03 -37.52 30.90
C VAL G 44 11.13 -36.43 29.84
N PHE G 45 10.01 -35.76 29.57
CA PHE G 45 9.97 -34.61 28.68
C PHE G 45 9.81 -33.34 29.49
N LEU G 46 10.79 -32.44 29.42
CA LEU G 46 10.74 -31.20 30.19
C LEU G 46 10.70 -29.95 29.31
N GLN G 47 9.99 -28.92 29.78
CA GLN G 47 9.97 -27.63 29.10
C GLN G 47 10.25 -26.51 30.10
N GLU G 48 10.62 -25.34 29.59
CA GLU G 48 11.04 -24.21 30.41
C GLU G 48 12.19 -24.58 31.33
N VAL G 49 13.18 -25.27 30.76
CA VAL G 49 14.40 -25.60 31.48
C VAL G 49 15.45 -24.53 31.21
N ILE G 50 16.20 -24.16 32.24
CA ILE G 50 17.30 -23.22 32.08
C ILE G 50 18.61 -23.89 32.49
N PRO G 51 19.76 -23.32 32.08
CA PRO G 51 21.06 -23.97 32.32
C PRO G 51 21.32 -24.34 33.78
N PRO G 52 21.05 -23.42 34.72
CA PRO G 52 21.26 -23.77 36.13
C PRO G 52 20.40 -24.97 36.55
N TYR G 53 19.27 -25.14 35.88
CA TYR G 53 18.35 -26.22 36.22
C TYR G 53 18.94 -27.59 35.85
N CYS G 54 19.80 -27.60 34.84
CA CYS G 54 20.45 -28.85 34.43
C CYS G 54 21.40 -29.36 35.52
N ALA G 55 22.07 -28.43 36.20
CA ALA G 55 22.99 -28.79 37.26
C ALA G 55 22.30 -29.69 38.28
N TYR G 56 21.10 -29.32 38.69
CA TYR G 56 20.34 -30.09 39.67
C TYR G 56 20.00 -31.46 39.12
N LEU G 57 19.74 -31.54 37.82
CA LEU G 57 19.37 -32.80 37.18
C LEU G 57 20.55 -33.73 37.05
N LYS G 58 21.75 -33.17 36.84
CA LYS G 58 22.96 -33.96 36.73
C LYS G 58 23.36 -34.55 38.08
N LYS G 59 22.89 -33.95 39.17
CA LYS G 59 23.24 -34.42 40.50
C LYS G 59 22.14 -35.27 41.13
N ARG G 60 20.93 -34.73 41.20
CA ARG G 60 19.83 -35.41 41.86
C ARG G 60 19.02 -36.30 40.92
N ALA G 61 19.51 -36.49 39.70
CA ALA G 61 18.87 -37.38 38.75
C ALA G 61 19.92 -37.99 37.83
N ALA G 62 21.02 -38.44 38.42
CA ALA G 62 22.18 -38.95 37.69
C ALA G 62 21.84 -40.19 36.86
N SER G 63 20.80 -40.91 37.24
CA SER G 63 20.43 -42.13 36.54
C SER G 63 19.86 -41.84 35.14
N TYR G 64 19.66 -40.57 34.82
CA TYR G 64 19.13 -40.18 33.52
C TYR G 64 20.17 -39.50 32.65
N THR G 65 20.19 -39.86 31.37
CA THR G 65 20.96 -39.13 30.36
C THR G 65 20.13 -37.94 29.90
N ILE G 66 20.79 -36.80 29.67
CA ILE G 66 20.08 -35.57 29.32
C ILE G 66 20.33 -35.12 27.89
N ILE G 67 19.25 -34.92 27.14
CA ILE G 67 19.33 -34.35 25.79
C ILE G 67 18.60 -33.01 25.79
N THR G 68 19.25 -31.97 25.27
CA THR G 68 18.70 -30.62 25.33
C THR G 68 18.37 -30.04 23.96
N GLY G 69 17.30 -29.23 23.91
CA GLY G 69 16.87 -28.59 22.69
C GLY G 69 17.63 -27.31 22.38
N ASN G 70 18.30 -26.78 23.40
CA ASN G 70 19.20 -25.65 23.24
C ASN G 70 20.14 -25.62 24.43
N GLU G 71 21.06 -24.65 24.46
CA GLU G 71 22.03 -24.55 25.54
C GLU G 71 22.04 -23.17 26.19
N GLU G 72 21.14 -22.30 25.75
CA GLU G 72 21.02 -20.97 26.34
C GLU G 72 19.59 -20.47 26.27
N GLY G 73 19.23 -19.59 27.20
CA GLY G 73 17.86 -19.15 27.36
C GLY G 73 17.07 -20.21 28.08
N TYR G 74 15.79 -20.33 27.74
CA TYR G 74 14.99 -21.45 28.24
C TYR G 74 14.72 -22.40 27.08
N PHE G 75 14.62 -23.70 27.38
CA PHE G 75 14.55 -24.72 26.35
C PHE G 75 13.94 -26.01 26.87
N THR G 76 13.74 -26.97 25.97
CA THR G 76 13.17 -28.25 26.35
C THR G 76 14.26 -29.27 26.63
N ALA G 77 13.88 -30.44 27.12
CA ALA G 77 14.83 -31.49 27.41
C ALA G 77 14.16 -32.86 27.41
N ILE G 78 14.94 -33.89 27.09
CA ILE G 78 14.46 -35.26 27.15
C ILE G 78 15.45 -36.10 27.95
N LEU G 79 14.96 -36.72 29.02
CA LEU G 79 15.81 -37.57 29.85
C LEU G 79 15.56 -39.04 29.54
N LEU G 80 16.65 -39.80 29.43
CA LEU G 80 16.57 -41.23 29.14
C LEU G 80 17.22 -42.02 30.25
N LYS G 81 16.46 -42.88 30.91
CA LYS G 81 17.01 -43.66 32.02
C LYS G 81 18.11 -44.60 31.55
N LYS G 82 19.29 -44.45 32.15
CA LYS G 82 20.41 -45.34 31.88
C LYS G 82 20.05 -46.76 32.26
N GLY G 83 20.23 -47.68 31.32
CA GLY G 83 19.92 -49.08 31.54
C GLY G 83 18.78 -49.58 30.68
N ARG G 84 17.68 -48.84 30.68
CA ARG G 84 16.49 -49.27 29.94
C ARG G 84 16.40 -48.65 28.56
N VAL G 85 16.78 -47.37 28.45
CA VAL G 85 16.68 -46.66 27.19
C VAL G 85 18.05 -46.39 26.60
N LYS G 86 18.27 -46.83 25.36
CA LYS G 86 19.54 -46.62 24.68
C LYS G 86 19.41 -45.53 23.62
N PHE G 87 20.24 -44.49 23.77
CA PHE G 87 20.25 -43.40 22.80
C PHE G 87 20.82 -43.86 21.47
N LYS G 88 20.24 -43.35 20.38
CA LYS G 88 20.70 -43.70 19.03
C LYS G 88 21.07 -42.45 18.23
N SER G 89 20.15 -41.48 18.18
CA SER G 89 20.41 -40.23 17.47
C SER G 89 19.41 -39.16 17.91
N GLN G 90 19.73 -37.91 17.58
CA GLN G 90 18.85 -36.80 17.90
C GLN G 90 18.81 -35.81 16.73
N GLU G 91 17.77 -34.99 16.72
CA GLU G 91 17.57 -34.03 15.64
C GLU G 91 16.68 -32.90 16.13
N ILE G 92 17.09 -31.66 15.86
CA ILE G 92 16.29 -30.51 16.23
C ILE G 92 15.68 -29.87 14.99
N ILE G 93 14.35 -29.95 14.90
CA ILE G 93 13.64 -29.34 13.79
C ILE G 93 13.23 -27.92 14.18
N PRO G 94 13.69 -26.92 13.41
CA PRO G 94 13.38 -25.52 13.70
C PRO G 94 11.94 -25.12 13.38
N PHE G 95 11.42 -24.15 14.13
CA PHE G 95 10.17 -23.48 13.78
C PHE G 95 10.54 -22.14 13.14
N PRO G 96 10.39 -22.04 11.81
CA PRO G 96 10.95 -20.90 11.08
C PRO G 96 10.43 -19.53 11.53
N ASN G 97 9.20 -19.47 12.01
CA ASN G 97 8.58 -18.18 12.33
C ASN G 97 8.40 -17.92 13.82
N THR G 98 9.03 -18.73 14.66
CA THR G 98 8.90 -18.55 16.10
C THR G 98 9.52 -17.23 16.56
N LYS G 99 8.91 -16.61 17.56
CA LYS G 99 9.44 -15.40 18.16
C LYS G 99 9.89 -15.69 19.58
N MET G 100 9.87 -16.96 19.97
CA MET G 100 10.15 -17.35 21.34
C MET G 100 11.13 -18.52 21.41
N MET G 101 12.03 -18.61 20.42
CA MET G 101 13.08 -19.60 20.40
C MET G 101 12.58 -21.04 20.58
N ARG G 102 11.36 -21.30 20.12
CA ARG G 102 10.80 -22.64 20.25
C ARG G 102 11.22 -23.52 19.09
N ASN G 103 11.24 -24.84 19.32
CA ASN G 103 11.61 -25.79 18.29
C ASN G 103 11.02 -27.17 18.60
N LEU G 104 11.40 -28.16 17.79
CA LEU G 104 10.96 -29.53 18.00
C LEU G 104 12.14 -30.46 18.21
N LEU G 105 12.31 -30.96 19.43
CA LEU G 105 13.42 -31.84 19.77
C LEU G 105 13.04 -33.31 19.54
N CYS G 106 13.80 -33.98 18.68
CA CYS G 106 13.52 -35.38 18.35
C CYS G 106 14.69 -36.27 18.79
N VAL G 107 14.36 -37.39 19.43
CA VAL G 107 15.37 -38.32 19.91
C VAL G 107 14.98 -39.77 19.62
N ASN G 108 15.75 -40.42 18.75
CA ASN G 108 15.53 -41.83 18.43
C ASN G 108 16.25 -42.74 19.42
N VAL G 109 15.54 -43.72 19.95
CA VAL G 109 16.07 -44.56 21.01
C VAL G 109 15.62 -46.02 20.88
N SER G 110 16.19 -46.87 21.73
CA SER G 110 15.77 -48.26 21.84
C SER G 110 15.29 -48.52 23.25
N LEU G 111 14.06 -49.02 23.38
CA LEU G 111 13.49 -49.33 24.68
C LEU G 111 12.87 -50.71 24.64
N GLY G 112 13.42 -51.64 25.42
CA GLY G 112 13.01 -53.02 25.37
C GLY G 112 13.58 -53.66 24.12
N GLY G 113 12.70 -54.00 23.19
CA GLY G 113 13.12 -54.53 21.90
C GLY G 113 12.56 -53.71 20.75
N ASN G 114 11.90 -52.61 21.07
CA ASN G 114 11.25 -51.78 20.08
C ASN G 114 11.97 -50.48 19.83
N GLU G 115 11.69 -49.85 18.70
CA GLU G 115 12.29 -48.57 18.35
C GLU G 115 11.30 -47.45 18.61
N PHE G 116 11.79 -46.36 19.20
CA PHE G 116 10.93 -45.22 19.52
C PHE G 116 11.52 -43.91 19.01
N CYS G 117 10.65 -43.07 18.47
CA CYS G 117 11.02 -41.69 18.15
C CYS G 117 10.31 -40.77 19.14
N LEU G 118 11.08 -40.21 20.07
CA LEU G 118 10.52 -39.37 21.14
C LEU G 118 10.62 -37.90 20.76
N MET G 119 9.50 -37.17 20.91
CA MET G 119 9.43 -35.77 20.49
C MET G 119 8.82 -34.89 21.56
N THR G 120 9.38 -33.68 21.72
CA THR G 120 8.84 -32.70 22.66
C THR G 120 8.98 -31.28 22.11
N SER G 121 8.16 -30.38 22.65
CA SER G 121 8.14 -29.00 22.19
C SER G 121 7.35 -28.11 23.14
N HIS G 122 7.66 -26.82 23.12
CA HIS G 122 6.90 -25.83 23.86
C HIS G 122 6.31 -24.82 22.88
N LEU G 123 5.15 -25.16 22.31
CA LEU G 123 4.52 -24.35 21.27
C LEU G 123 4.26 -22.91 21.71
N GLU G 124 4.18 -21.99 20.74
CA GLU G 124 3.98 -20.56 21.01
C GLU G 124 2.97 -20.34 22.12
N SER G 125 3.20 -19.30 22.92
CA SER G 125 2.38 -19.04 24.09
C SER G 125 1.35 -17.94 23.87
N THR G 126 0.41 -17.85 24.80
CA THR G 126 -0.62 -16.81 24.81
C THR G 126 -1.66 -16.99 23.71
N ARG G 127 -2.85 -16.45 23.95
CA ARG G 127 -3.96 -16.52 22.99
C ARG G 127 -3.65 -15.74 21.73
N GLU G 128 -2.81 -14.71 21.85
CA GLU G 128 -2.55 -13.79 20.75
C GLU G 128 -1.85 -14.50 19.60
N HIS G 129 -0.93 -15.40 19.94
CA HIS G 129 -0.14 -16.08 18.93
C HIS G 129 -0.68 -17.47 18.61
N SER G 130 -2.00 -17.55 18.48
CA SER G 130 -2.67 -18.79 18.12
C SER G 130 -2.24 -19.28 16.74
N ALA G 131 -2.11 -18.34 15.80
CA ALA G 131 -1.80 -18.69 14.41
C ALA G 131 -0.46 -19.42 14.29
N GLU G 132 0.58 -18.89 14.91
CA GLU G 132 1.89 -19.54 14.87
C GLU G 132 1.87 -20.86 15.65
N ARG G 133 1.13 -20.89 16.76
CA ARG G 133 0.98 -22.13 17.52
C ARG G 133 0.35 -23.21 16.66
N ILE G 134 -0.61 -22.83 15.84
CA ILE G 134 -1.32 -23.78 14.97
C ILE G 134 -0.39 -24.29 13.88
N ARG G 135 0.39 -23.40 13.29
CA ARG G 135 1.36 -23.80 12.27
C ARG G 135 2.39 -24.77 12.85
N GLN G 136 2.85 -24.49 14.06
CA GLN G 136 3.82 -25.34 14.72
C GLN G 136 3.24 -26.72 14.98
N LEU G 137 1.96 -26.75 15.34
CA LEU G 137 1.28 -28.03 15.56
C LEU G 137 1.28 -28.85 14.27
N LYS G 138 1.01 -28.21 13.14
CA LYS G 138 1.00 -28.89 11.85
C LYS G 138 2.39 -29.43 11.52
N THR G 139 3.42 -28.68 11.87
CA THR G 139 4.80 -29.11 11.66
C THR G 139 5.08 -30.39 12.45
N VAL G 140 4.65 -30.41 13.72
CA VAL G 140 4.85 -31.57 14.57
C VAL G 140 4.12 -32.79 14.02
N LEU G 141 2.86 -32.60 13.66
CA LEU G 141 2.03 -33.70 13.16
C LEU G 141 2.59 -34.26 11.87
N GLY G 142 3.29 -33.43 11.11
CA GLY G 142 3.90 -33.87 9.86
C GLY G 142 5.11 -34.75 10.09
N LYS G 143 5.95 -34.36 11.05
CA LYS G 143 7.16 -35.11 11.36
C LYS G 143 6.82 -36.49 11.92
N MET G 144 5.74 -36.58 12.69
CA MET G 144 5.32 -37.86 13.26
C MET G 144 5.03 -38.88 12.16
N GLN G 145 4.64 -38.39 10.98
CA GLN G 145 4.22 -39.27 9.89
C GLN G 145 5.35 -39.60 8.92
N GLU G 146 6.53 -39.01 9.13
CA GLU G 146 7.68 -39.29 8.28
C GLU G 146 8.44 -40.52 8.77
N ALA G 147 8.49 -40.70 10.09
CA ALA G 147 9.23 -41.81 10.68
C ALA G 147 8.76 -43.15 10.10
N PRO G 148 9.66 -44.14 10.08
CA PRO G 148 9.30 -45.47 9.59
C PRO G 148 8.11 -46.06 10.34
N ASP G 149 7.31 -46.86 9.65
CA ASP G 149 6.15 -47.49 10.26
C ASP G 149 6.57 -48.46 11.36
N SER G 150 7.82 -48.90 11.32
CA SER G 150 8.36 -49.81 12.33
C SER G 150 8.62 -49.08 13.64
N THR G 151 8.85 -47.77 13.55
CA THR G 151 9.15 -46.96 14.73
C THR G 151 7.90 -46.40 15.38
N THR G 152 7.80 -46.55 16.69
CA THR G 152 6.70 -45.99 17.46
C THR G 152 7.00 -44.53 17.76
N VAL G 153 6.09 -43.64 17.37
CA VAL G 153 6.27 -42.21 17.56
C VAL G 153 5.45 -41.68 18.73
N ILE G 154 6.10 -41.00 19.64
CA ILE G 154 5.43 -40.41 20.80
C ILE G 154 5.83 -38.95 20.97
N PHE G 155 4.85 -38.06 20.89
CA PHE G 155 5.08 -36.65 21.20
C PHE G 155 4.42 -36.32 22.53
N ALA G 156 5.13 -35.55 23.35
CA ALA G 156 4.60 -35.07 24.61
C ALA G 156 5.24 -33.74 24.94
N GLY G 157 4.43 -32.76 25.29
CA GLY G 157 4.95 -31.44 25.64
C GLY G 157 3.89 -30.43 26.01
N ASP G 158 4.32 -29.19 26.18
CA ASP G 158 3.43 -28.08 26.50
C ASP G 158 2.96 -27.44 25.20
N THR G 159 1.74 -27.77 24.78
CA THR G 159 1.23 -27.32 23.49
C THR G 159 0.56 -25.95 23.57
N ASN G 160 0.18 -25.54 24.77
CA ASN G 160 -0.53 -24.27 24.94
C ASN G 160 -1.83 -24.20 24.13
N LEU G 161 -2.30 -25.34 23.64
CA LEU G 161 -3.51 -25.38 22.83
C LEU G 161 -4.73 -25.07 23.68
N ARG G 162 -5.64 -24.28 23.12
CA ARG G 162 -6.85 -23.90 23.84
C ARG G 162 -8.10 -24.24 23.04
N ASP G 163 -9.26 -24.00 23.64
CA ASP G 163 -10.54 -24.37 23.06
C ASP G 163 -10.62 -24.21 21.54
N GLN G 164 -11.01 -25.29 20.87
CA GLN G 164 -11.38 -25.26 19.47
C GLN G 164 -10.20 -25.13 18.50
N GLU G 165 -8.99 -24.97 19.04
CA GLU G 165 -7.85 -24.73 18.17
C GLU G 165 -7.48 -25.96 17.32
N VAL G 166 -7.55 -27.14 17.92
CA VAL G 166 -7.21 -28.36 17.19
C VAL G 166 -8.15 -28.54 15.99
N ILE G 167 -9.33 -27.95 16.08
CA ILE G 167 -10.27 -27.97 14.97
C ILE G 167 -9.84 -27.02 13.85
N LYS G 168 -9.42 -25.82 14.22
CA LYS G 168 -8.89 -24.87 13.25
C LYS G 168 -7.82 -25.52 12.40
N CYS G 169 -6.98 -26.32 13.05
CA CYS G 169 -5.89 -27.01 12.36
CA CYS G 169 -5.89 -27.01 12.36
C CYS G 169 -6.42 -28.00 11.33
N GLY G 170 -7.66 -28.42 11.50
CA GLY G 170 -8.29 -29.39 10.61
C GLY G 170 -8.47 -30.72 11.32
N GLY G 171 -8.08 -30.77 12.58
CA GLY G 171 -8.19 -31.99 13.38
C GLY G 171 -6.93 -32.82 13.29
N LEU G 172 -6.81 -33.79 14.20
CA LEU G 172 -5.70 -34.72 14.18
C LEU G 172 -5.88 -35.71 13.03
N PRO G 173 -4.77 -36.13 12.40
CA PRO G 173 -4.87 -37.12 11.32
C PRO G 173 -5.37 -38.47 11.85
N ASP G 174 -5.89 -39.30 10.95
CA ASP G 174 -6.56 -40.54 11.35
C ASP G 174 -5.66 -41.52 12.09
N ASN G 175 -4.35 -41.36 11.98
CA ASN G 175 -3.42 -42.31 12.59
C ASN G 175 -2.66 -41.75 13.80
N VAL G 176 -2.98 -40.52 14.19
CA VAL G 176 -2.37 -39.93 15.38
C VAL G 176 -3.44 -39.75 16.46
N PHE G 177 -3.12 -40.19 17.68
CA PHE G 177 -4.09 -40.18 18.76
C PHE G 177 -3.62 -39.33 19.93
N ASP G 178 -4.57 -38.64 20.57
CA ASP G 178 -4.30 -37.96 21.83
C ASP G 178 -4.55 -38.94 22.98
N ALA G 179 -3.50 -39.22 23.75
CA ALA G 179 -3.57 -40.20 24.83
C ALA G 179 -4.74 -39.93 25.77
N TRP G 180 -4.93 -38.67 26.15
CA TRP G 180 -6.00 -38.31 27.07
C TRP G 180 -7.37 -38.63 26.47
N GLU G 181 -7.54 -38.32 25.19
CA GLU G 181 -8.80 -38.62 24.48
C GLU G 181 -8.98 -40.13 24.35
N PHE G 182 -7.89 -40.83 24.09
CA PHE G 182 -7.92 -42.27 23.92
C PHE G 182 -8.37 -42.96 25.20
N LEU G 183 -7.97 -42.40 26.34
CA LEU G 183 -8.33 -42.98 27.64
C LEU G 183 -9.72 -42.56 28.11
N GLY G 184 -10.43 -41.80 27.27
CA GLY G 184 -11.82 -41.48 27.53
C GLY G 184 -12.06 -40.14 28.19
N LYS G 185 -11.11 -39.21 28.02
CA LYS G 185 -11.24 -37.88 28.61
C LYS G 185 -11.52 -37.92 30.11
N PRO G 186 -10.69 -38.67 30.87
CA PRO G 186 -10.89 -38.73 32.32
C PRO G 186 -10.71 -37.37 32.99
N LYS G 187 -11.59 -37.07 33.96
CA LYS G 187 -11.60 -35.76 34.60
C LYS G 187 -10.41 -35.51 35.53
N HIS G 188 -9.92 -36.56 36.18
CA HIS G 188 -8.92 -36.40 37.23
C HIS G 188 -7.63 -35.77 36.71
N CYS G 189 -7.37 -35.89 35.42
CA CYS G 189 -6.19 -35.25 34.83
C CYS G 189 -6.57 -34.41 33.61
N GLN G 190 -7.71 -33.75 33.70
CA GLN G 190 -8.24 -32.97 32.57
C GLN G 190 -7.45 -31.67 32.37
N TYR G 191 -7.08 -31.02 33.46
CA TYR G 191 -6.36 -29.74 33.36
C TYR G 191 -4.96 -29.88 33.94
N THR G 192 -3.98 -29.40 33.18
CA THR G 192 -2.58 -29.46 33.61
C THR G 192 -2.09 -28.07 34.07
N TRP G 193 -2.91 -27.06 33.86
CA TRP G 193 -2.61 -25.71 34.34
C TRP G 193 -3.87 -25.12 34.96
N ASP G 194 -3.91 -25.11 36.29
CA ASP G 194 -5.12 -24.79 37.04
C ASP G 194 -4.82 -23.82 38.16
N THR G 195 -5.23 -22.56 37.99
CA THR G 195 -4.87 -21.52 38.95
C THR G 195 -5.73 -21.57 40.22
N LYS G 196 -6.70 -22.48 40.26
CA LYS G 196 -7.52 -22.64 41.46
C LYS G 196 -6.89 -23.68 42.40
N ALA G 197 -6.29 -24.72 41.82
CA ALA G 197 -5.67 -25.78 42.60
C ALA G 197 -4.18 -25.52 42.79
N ASN G 198 -3.59 -24.76 41.86
CA ASN G 198 -2.18 -24.41 41.92
C ASN G 198 -2.03 -22.93 42.20
N ASN G 199 -1.36 -22.57 43.30
CA ASN G 199 -1.29 -21.18 43.72
C ASN G 199 0.08 -20.53 43.52
N ASN G 200 0.92 -21.15 42.68
CA ASN G 200 2.26 -20.63 42.44
C ASN G 200 2.29 -19.23 41.83
N LEU G 201 1.27 -18.91 41.03
CA LEU G 201 1.21 -17.61 40.37
C LEU G 201 0.45 -16.59 41.20
N ARG G 202 -0.21 -17.07 42.25
CA ARG G 202 -1.00 -16.22 43.14
C ARG G 202 -2.19 -15.56 42.41
N ILE G 203 -2.64 -16.20 41.34
CA ILE G 203 -3.78 -15.69 40.58
C ILE G 203 -5.09 -16.00 41.30
N PRO G 204 -5.89 -14.96 41.59
CA PRO G 204 -7.15 -15.12 42.34
C PRO G 204 -8.27 -15.75 41.51
N ALA G 205 -8.26 -15.52 40.20
CA ALA G 205 -9.27 -16.08 39.32
C ALA G 205 -8.99 -17.56 39.04
N ALA G 206 -9.99 -18.27 38.54
CA ALA G 206 -9.85 -19.70 38.24
C ALA G 206 -9.73 -19.95 36.74
N TYR G 207 -8.50 -20.06 36.25
CA TYR G 207 -8.27 -20.40 34.86
C TYR G 207 -7.83 -21.87 34.76
N LYS G 208 -8.49 -22.62 33.89
CA LYS G 208 -8.19 -24.03 33.70
C LYS G 208 -7.91 -24.33 32.24
N HIS G 209 -6.80 -25.03 31.98
CA HIS G 209 -6.41 -25.37 30.62
C HIS G 209 -5.70 -26.72 30.53
N ARG G 210 -5.98 -27.44 29.46
CA ARG G 210 -5.24 -28.66 29.16
C ARG G 210 -4.10 -28.33 28.20
N PHE G 211 -3.09 -27.62 28.71
CA PHE G 211 -1.98 -27.17 27.89
C PHE G 211 -1.01 -28.29 27.52
N ASP G 212 -0.80 -29.22 28.44
CA ASP G 212 0.15 -30.30 28.22
C ASP G 212 -0.56 -31.55 27.68
N ARG G 213 -0.10 -32.04 26.54
CA ARG G 213 -0.77 -33.15 25.87
C ARG G 213 0.21 -34.18 25.33
N ILE G 214 -0.33 -35.35 24.99
CA ILE G 214 0.46 -36.48 24.52
C ILE G 214 -0.11 -37.02 23.21
N PHE G 215 0.67 -36.93 22.14
CA PHE G 215 0.28 -37.50 20.86
C PHE G 215 1.14 -38.71 20.56
N PHE G 216 0.55 -39.74 19.95
CA PHE G 216 1.31 -40.92 19.56
C PHE G 216 0.75 -41.54 18.29
N ARG G 217 1.64 -42.14 17.49
CA ARG G 217 1.26 -42.78 16.25
C ARG G 217 1.77 -44.21 16.19
N GLY G 221 -2.71 -49.55 17.62
CA GLY G 221 -2.94 -50.94 17.95
C GLY G 221 -1.67 -51.65 18.39
N HIS G 222 -0.52 -51.03 18.12
CA HIS G 222 0.76 -51.62 18.48
C HIS G 222 1.16 -51.20 19.89
N LEU G 223 0.69 -50.03 20.31
CA LEU G 223 0.92 -49.54 21.66
C LEU G 223 -0.39 -49.04 22.25
N ILE G 224 -0.66 -49.41 23.50
CA ILE G 224 -1.94 -49.10 24.13
C ILE G 224 -1.73 -48.29 25.42
N PRO G 225 -2.17 -47.03 25.42
CA PRO G 225 -2.14 -46.25 26.67
C PRO G 225 -2.86 -47.00 27.78
N GLN G 226 -2.23 -47.06 28.95
CA GLN G 226 -2.79 -47.80 30.08
C GLN G 226 -3.35 -46.87 31.14
N SER G 227 -2.61 -45.79 31.43
CA SER G 227 -2.99 -44.88 32.49
C SER G 227 -2.43 -43.49 32.26
N LEU G 228 -3.01 -42.50 32.94
CA LEU G 228 -2.56 -41.12 32.85
C LEU G 228 -2.88 -40.42 34.16
N ASP G 229 -1.89 -39.78 34.76
CA ASP G 229 -2.07 -39.15 36.06
C ASP G 229 -1.29 -37.85 36.18
N LEU G 230 -1.75 -36.96 37.06
CA LEU G 230 -1.05 -35.72 37.34
C LEU G 230 0.08 -35.99 38.33
N VAL G 231 1.19 -35.26 38.18
CA VAL G 231 2.27 -35.31 39.15
C VAL G 231 2.67 -33.89 39.55
N GLY G 232 3.39 -33.77 40.65
CA GLY G 232 3.79 -32.48 41.17
C GLY G 232 2.73 -31.91 42.09
N LEU G 233 1.93 -32.80 42.66
CA LEU G 233 0.80 -32.41 43.50
C LEU G 233 1.17 -32.11 44.95
N GLU G 234 2.36 -32.52 45.37
CA GLU G 234 2.76 -32.32 46.77
C GLU G 234 3.38 -30.95 46.99
N LYS G 235 2.73 -30.12 47.80
CA LYS G 235 3.23 -28.80 48.16
C LYS G 235 4.52 -28.91 48.96
N LEU G 236 5.56 -28.20 48.53
CA LEU G 236 6.88 -28.30 49.13
C LEU G 236 6.95 -27.55 50.46
N ASP G 237 8.06 -27.70 51.17
CA ASP G 237 8.25 -27.07 52.48
C ASP G 237 8.02 -25.56 52.43
N CYS G 238 8.37 -24.94 51.31
CA CYS G 238 8.27 -23.50 51.18
C CYS G 238 6.82 -23.04 50.97
N GLY G 239 5.91 -23.99 50.81
CA GLY G 239 4.49 -23.67 50.68
C GLY G 239 4.05 -23.48 49.24
N ARG G 240 4.93 -23.83 48.31
CA ARG G 240 4.63 -23.71 46.88
C ARG G 240 4.85 -25.05 46.19
N PHE G 241 4.26 -25.23 45.01
CA PHE G 241 4.44 -26.44 44.23
C PHE G 241 5.71 -26.35 43.39
N PRO G 242 6.18 -27.49 42.87
CA PRO G 242 7.38 -27.48 42.03
C PRO G 242 7.22 -26.57 40.81
N SER G 243 6.00 -26.46 40.29
CA SER G 243 5.73 -25.64 39.12
C SER G 243 4.29 -25.14 39.09
N ASP G 244 4.01 -24.17 38.23
CA ASP G 244 2.65 -23.71 38.04
C ASP G 244 1.84 -24.72 37.23
N HIS G 245 2.55 -25.62 36.55
CA HIS G 245 1.92 -26.72 35.82
C HIS G 245 1.92 -28.00 36.65
N TRP G 246 0.89 -28.83 36.46
CA TRP G 246 0.97 -30.22 36.85
C TRP G 246 1.74 -30.95 35.75
N GLY G 247 2.47 -31.99 36.12
CA GLY G 247 3.09 -32.85 35.13
C GLY G 247 2.16 -34.00 34.79
N LEU G 248 2.45 -34.70 33.70
CA LEU G 248 1.67 -35.87 33.32
C LEU G 248 2.52 -37.13 33.36
N LEU G 249 2.02 -38.16 34.03
CA LEU G 249 2.65 -39.47 34.06
C LEU G 249 1.82 -40.45 33.25
N CYS G 250 2.42 -41.01 32.20
CA CYS G 250 1.70 -41.91 31.30
C CYS G 250 2.36 -43.28 31.24
N THR G 251 1.54 -44.33 31.20
CA THR G 251 2.02 -45.70 31.07
C THR G 251 1.35 -46.37 29.88
N LEU G 252 2.11 -47.12 29.10
CA LEU G 252 1.58 -47.77 27.92
C LEU G 252 2.13 -49.19 27.77
N ASN G 253 1.37 -50.05 27.09
CA ASN G 253 1.81 -51.41 26.80
C ASN G 253 2.26 -51.54 25.35
N VAL G 254 2.86 -52.66 25.02
CA VAL G 254 3.31 -52.93 23.65
C VAL G 254 3.04 -54.38 23.26
N THR H 9 -34.30 -10.74 -12.45
CA THR H 9 -34.32 -11.65 -13.59
C THR H 9 -35.11 -11.06 -14.76
N ILE H 10 -34.50 -11.07 -15.93
CA ILE H 10 -35.12 -10.52 -17.13
C ILE H 10 -35.45 -11.64 -18.12
N SER H 11 -36.50 -11.46 -18.90
CA SER H 11 -36.88 -12.45 -19.90
C SER H 11 -37.22 -11.75 -21.22
N PHE H 12 -36.89 -12.41 -22.33
CA PHE H 12 -37.17 -11.84 -23.64
C PHE H 12 -37.29 -12.91 -24.72
N ILE H 13 -37.93 -12.52 -25.83
CA ILE H 13 -38.02 -13.38 -27.01
C ILE H 13 -37.42 -12.64 -28.20
N THR H 14 -36.69 -13.37 -29.04
CA THR H 14 -36.23 -12.82 -30.31
C THR H 14 -36.78 -13.70 -31.43
N TRP H 15 -37.31 -13.07 -32.48
CA TRP H 15 -38.10 -13.78 -33.47
C TRP H 15 -38.19 -13.05 -34.81
N ASN H 16 -37.69 -13.67 -35.86
CA ASN H 16 -37.91 -13.20 -37.22
C ASN H 16 -39.28 -13.69 -37.68
N ILE H 17 -40.26 -12.79 -37.74
CA ILE H 17 -41.65 -13.19 -37.93
C ILE H 17 -42.07 -13.24 -39.40
N ASP H 18 -41.11 -13.11 -40.31
CA ASP H 18 -41.32 -13.40 -41.72
C ASP H 18 -42.46 -12.58 -42.32
N GLY H 19 -42.38 -11.26 -42.20
CA GLY H 19 -43.40 -10.38 -42.73
C GLY H 19 -43.39 -10.31 -44.25
N LEU H 20 -42.28 -10.71 -44.86
CA LEU H 20 -42.15 -10.69 -46.32
C LEU H 20 -42.95 -11.80 -46.98
N ASP H 21 -43.50 -12.70 -46.19
CA ASP H 21 -44.40 -13.72 -46.70
C ASP H 21 -45.85 -13.27 -46.48
N GLY H 22 -46.54 -12.97 -47.58
CA GLY H 22 -47.87 -12.41 -47.51
C GLY H 22 -48.97 -13.45 -47.25
N CYS H 23 -48.68 -14.71 -47.59
CA CYS H 23 -49.66 -15.77 -47.43
C CYS H 23 -50.02 -16.00 -45.96
N ASN H 24 -51.31 -15.89 -45.66
CA ASN H 24 -51.82 -16.15 -44.32
C ASN H 24 -51.17 -15.26 -43.26
N LEU H 25 -50.94 -13.99 -43.59
CA LEU H 25 -50.22 -13.11 -42.68
C LEU H 25 -51.05 -12.72 -41.46
N PRO H 26 -52.32 -12.35 -41.67
CA PRO H 26 -53.18 -12.00 -40.53
C PRO H 26 -53.27 -13.13 -39.50
N GLU H 27 -53.54 -14.34 -39.97
CA GLU H 27 -53.63 -15.50 -39.09
C GLU H 27 -52.30 -15.79 -38.41
N ARG H 28 -51.21 -15.63 -39.15
CA ARG H 28 -49.88 -15.89 -38.60
C ARG H 28 -49.51 -14.83 -37.58
N ALA H 29 -50.03 -13.62 -37.75
CA ALA H 29 -49.81 -12.56 -36.77
C ALA H 29 -50.53 -12.91 -35.47
N ARG H 30 -51.70 -13.52 -35.58
CA ARG H 30 -52.44 -13.96 -34.40
CA ARG H 30 -52.45 -13.96 -34.41
C ARG H 30 -51.67 -15.06 -33.67
N GLY H 31 -51.02 -15.93 -34.43
CA GLY H 31 -50.23 -16.99 -33.85
C GLY H 31 -49.08 -16.43 -33.03
N VAL H 32 -48.43 -15.42 -33.57
CA VAL H 32 -47.32 -14.78 -32.88
C VAL H 32 -47.80 -14.10 -31.60
N CYS H 33 -48.87 -13.31 -31.71
CA CYS H 33 -49.38 -12.57 -30.57
C CYS H 33 -49.89 -13.46 -29.44
N SER H 34 -50.40 -14.64 -29.80
CA SER H 34 -50.87 -15.57 -28.79
C SER H 34 -49.69 -16.22 -28.06
N CYS H 35 -48.56 -16.34 -28.76
CA CYS H 35 -47.35 -16.88 -28.15
CA CYS H 35 -47.34 -16.88 -28.16
C CYS H 35 -46.75 -15.87 -27.18
N LEU H 36 -46.58 -14.64 -27.65
CA LEU H 36 -46.05 -13.57 -26.81
C LEU H 36 -46.88 -13.41 -25.55
N ALA H 37 -48.20 -13.54 -25.70
CA ALA H 37 -49.11 -13.40 -24.57
C ALA H 37 -48.85 -14.48 -23.52
N LEU H 38 -48.67 -15.71 -23.98
CA LEU H 38 -48.55 -16.86 -23.09
C LEU H 38 -47.26 -16.82 -22.28
N TYR H 39 -46.17 -16.42 -22.92
CA TYR H 39 -44.86 -16.40 -22.27
C TYR H 39 -44.59 -15.07 -21.56
N SER H 40 -45.29 -14.02 -21.99
CA SER H 40 -45.24 -12.73 -21.31
C SER H 40 -43.81 -12.27 -21.05
N PRO H 41 -42.97 -12.25 -22.10
CA PRO H 41 -41.58 -11.79 -21.97
C PRO H 41 -41.49 -10.30 -21.66
N ASP H 42 -40.48 -9.90 -20.89
CA ASP H 42 -40.27 -8.49 -20.59
C ASP H 42 -39.97 -7.69 -21.84
N VAL H 43 -39.30 -8.33 -22.80
CA VAL H 43 -38.91 -7.66 -24.05
C VAL H 43 -39.06 -8.60 -25.24
N VAL H 44 -39.43 -8.05 -26.38
CA VAL H 44 -39.50 -8.84 -27.61
C VAL H 44 -38.70 -8.17 -28.73
N PHE H 45 -37.76 -8.91 -29.29
CA PHE H 45 -37.00 -8.46 -30.45
C PHE H 45 -37.60 -9.11 -31.70
N LEU H 46 -37.99 -8.30 -32.68
CA LEU H 46 -38.60 -8.82 -33.90
C LEU H 46 -37.86 -8.37 -35.15
N GLN H 47 -37.90 -9.21 -36.18
CA GLN H 47 -37.31 -8.89 -37.48
C GLN H 47 -38.32 -9.12 -38.60
N GLU H 48 -38.06 -8.51 -39.76
CA GLU H 48 -38.95 -8.61 -40.91
C GLU H 48 -40.37 -8.22 -40.57
N VAL H 49 -40.53 -7.12 -39.84
CA VAL H 49 -41.84 -6.55 -39.58
C VAL H 49 -42.22 -5.58 -40.68
N ILE H 50 -43.50 -5.57 -41.06
CA ILE H 50 -43.99 -4.64 -42.07
C ILE H 50 -45.14 -3.80 -41.50
N PRO H 51 -45.42 -2.64 -42.13
CA PRO H 51 -46.38 -1.66 -41.59
C PRO H 51 -47.73 -2.25 -41.13
N PRO H 52 -48.40 -3.03 -41.98
CA PRO H 52 -49.67 -3.61 -41.54
C PRO H 52 -49.51 -4.57 -40.37
N TYR H 53 -48.39 -5.28 -40.35
CA TYR H 53 -48.07 -6.18 -39.26
C TYR H 53 -47.85 -5.36 -37.99
N CYS H 54 -47.11 -4.26 -38.15
CA CYS H 54 -46.78 -3.38 -37.04
C CYS H 54 -48.03 -2.76 -36.44
N ALA H 55 -48.93 -2.31 -37.32
CA ALA H 55 -50.18 -1.71 -36.88
C ALA H 55 -51.03 -2.72 -36.11
N TYR H 56 -50.82 -3.99 -36.39
CA TYR H 56 -51.58 -5.05 -35.75
C TYR H 56 -51.08 -5.33 -34.33
N LEU H 57 -49.78 -5.16 -34.12
CA LEU H 57 -49.20 -5.33 -32.79
C LEU H 57 -49.69 -4.25 -31.85
N LYS H 58 -49.92 -3.06 -32.39
CA LYS H 58 -50.41 -1.93 -31.60
C LYS H 58 -51.85 -2.15 -31.15
N LYS H 59 -52.51 -3.14 -31.76
CA LYS H 59 -53.90 -3.44 -31.41
C LYS H 59 -54.02 -4.67 -30.52
N ARG H 60 -53.29 -5.73 -30.84
CA ARG H 60 -53.47 -7.01 -30.15
C ARG H 60 -52.38 -7.30 -29.11
N ALA H 61 -51.26 -6.59 -29.19
CA ALA H 61 -50.21 -6.69 -28.20
C ALA H 61 -50.13 -5.39 -27.42
N ALA H 62 -51.28 -4.93 -26.93
CA ALA H 62 -51.41 -3.64 -26.27
C ALA H 62 -50.55 -3.53 -25.01
N SER H 63 -50.26 -4.67 -24.39
CA SER H 63 -49.45 -4.66 -23.16
C SER H 63 -48.01 -4.27 -23.43
N TYR H 64 -47.64 -4.14 -24.70
CA TYR H 64 -46.28 -3.76 -25.08
C TYR H 64 -46.23 -2.39 -25.73
N THR H 65 -45.16 -1.65 -25.43
CA THR H 65 -44.85 -0.42 -26.15
C THR H 65 -43.94 -0.78 -27.31
N ILE H 66 -44.22 -0.22 -28.49
CA ILE H 66 -43.47 -0.59 -29.69
C ILE H 66 -42.50 0.49 -30.12
N ILE H 67 -41.21 0.15 -30.10
CA ILE H 67 -40.17 1.01 -30.66
C ILE H 67 -39.76 0.41 -31.99
N THR H 68 -39.62 1.26 -33.00
CA THR H 68 -39.40 0.79 -34.37
C THR H 68 -38.09 1.33 -34.95
N GLY H 69 -37.44 0.51 -35.77
CA GLY H 69 -36.17 0.89 -36.38
C GLY H 69 -36.33 1.52 -37.75
N ASN H 70 -37.56 1.51 -38.25
CA ASN H 70 -37.91 2.16 -39.52
C ASN H 70 -39.39 1.95 -39.75
N GLU H 71 -39.99 2.73 -40.64
CA GLU H 71 -41.43 2.64 -40.88
C GLU H 71 -41.76 2.46 -42.36
N GLU H 72 -40.87 1.82 -43.11
CA GLU H 72 -41.10 1.57 -44.53
C GLU H 72 -40.43 0.27 -44.96
N GLY H 73 -41.04 -0.41 -45.93
CA GLY H 73 -40.57 -1.70 -46.37
C GLY H 73 -40.72 -2.73 -45.26
N TYR H 74 -39.60 -3.32 -44.85
CA TYR H 74 -39.60 -4.21 -43.70
C TYR H 74 -38.48 -3.80 -42.76
N PHE H 75 -38.65 -4.08 -41.47
CA PHE H 75 -37.75 -3.56 -40.46
C PHE H 75 -37.85 -4.32 -39.15
N THR H 76 -36.94 -4.02 -38.23
CA THR H 76 -36.96 -4.63 -36.91
C THR H 76 -37.85 -3.85 -35.96
N ALA H 77 -37.99 -4.37 -34.74
CA ALA H 77 -38.77 -3.70 -33.72
C ALA H 77 -38.44 -4.28 -32.36
N ILE H 78 -38.56 -3.45 -31.32
CA ILE H 78 -38.38 -3.93 -29.95
C ILE H 78 -39.61 -3.56 -29.13
N LEU H 79 -40.22 -4.58 -28.53
CA LEU H 79 -41.40 -4.38 -27.70
C LEU H 79 -41.02 -4.43 -26.23
N LEU H 80 -41.50 -3.46 -25.45
CA LEU H 80 -41.19 -3.36 -24.04
C LEU H 80 -42.46 -3.54 -23.23
N LYS H 81 -42.41 -4.40 -22.21
CA LYS H 81 -43.60 -4.67 -21.41
C LYS H 81 -43.97 -3.48 -20.54
N LYS H 82 -45.22 -3.06 -20.65
CA LYS H 82 -45.74 -1.96 -19.85
C LYS H 82 -45.70 -2.33 -18.38
N GLY H 83 -45.18 -1.43 -17.55
CA GLY H 83 -45.09 -1.66 -16.13
C GLY H 83 -43.71 -2.13 -15.69
N ARG H 84 -43.17 -3.09 -16.43
CA ARG H 84 -41.86 -3.65 -16.11
C ARG H 84 -40.72 -2.78 -16.65
N VAL H 85 -40.74 -2.55 -17.96
CA VAL H 85 -39.67 -1.81 -18.62
C VAL H 85 -40.02 -0.34 -18.78
N LYS H 86 -39.12 0.53 -18.34
CA LYS H 86 -39.29 1.97 -18.52
C LYS H 86 -38.37 2.46 -19.63
N PHE H 87 -38.96 3.11 -20.62
CA PHE H 87 -38.21 3.62 -21.75
C PHE H 87 -37.37 4.82 -21.35
N LYS H 88 -36.16 4.91 -21.89
CA LYS H 88 -35.27 6.03 -21.63
C LYS H 88 -34.87 6.74 -22.93
N SER H 89 -34.43 5.96 -23.91
CA SER H 89 -34.04 6.51 -25.21
C SER H 89 -33.90 5.42 -26.26
N GLN H 90 -33.79 5.85 -27.51
CA GLN H 90 -33.56 4.93 -28.63
C GLN H 90 -32.61 5.58 -29.63
N GLU H 91 -31.90 4.76 -30.38
CA GLU H 91 -31.07 5.26 -31.47
C GLU H 91 -30.88 4.18 -32.53
N ILE H 92 -30.55 4.62 -33.74
CA ILE H 92 -30.34 3.70 -34.85
C ILE H 92 -28.95 3.88 -35.43
N ILE H 93 -28.11 2.85 -35.30
CA ILE H 93 -26.80 2.86 -35.93
C ILE H 93 -26.93 2.26 -37.33
N PRO H 94 -26.72 3.10 -38.37
CA PRO H 94 -26.91 2.60 -39.73
C PRO H 94 -25.79 1.68 -40.19
N PHE H 95 -26.08 0.85 -41.19
CA PHE H 95 -25.06 0.06 -41.86
C PHE H 95 -24.79 0.70 -43.22
N PRO H 96 -23.67 1.43 -43.34
CA PRO H 96 -23.39 2.19 -44.56
C PRO H 96 -23.53 1.38 -45.85
N ASN H 97 -23.07 0.13 -45.85
CA ASN H 97 -23.03 -0.65 -47.08
C ASN H 97 -24.16 -1.66 -47.22
N THR H 98 -25.21 -1.53 -46.41
CA THR H 98 -26.37 -2.40 -46.52
C THR H 98 -27.08 -2.15 -47.84
N LYS H 99 -27.58 -3.23 -48.44
CA LYS H 99 -28.41 -3.12 -49.64
C LYS H 99 -29.81 -3.64 -49.35
N MET H 100 -30.04 -4.00 -48.10
CA MET H 100 -31.33 -4.55 -47.71
C MET H 100 -31.98 -3.72 -46.59
N MET H 101 -31.56 -2.45 -46.50
CA MET H 101 -32.20 -1.49 -45.61
C MET H 101 -32.10 -1.92 -44.15
N ARG H 102 -30.91 -2.38 -43.76
CA ARG H 102 -30.73 -2.97 -42.45
C ARG H 102 -29.84 -2.11 -41.56
N ASN H 103 -30.02 -2.25 -40.26
CA ASN H 103 -29.36 -1.39 -39.29
C ASN H 103 -29.35 -2.01 -37.90
N LEU H 104 -28.83 -1.27 -36.94
CA LEU H 104 -28.79 -1.72 -35.56
C LEU H 104 -29.69 -0.83 -34.70
N LEU H 105 -30.79 -1.40 -34.22
CA LEU H 105 -31.73 -0.67 -33.37
C LEU H 105 -31.36 -0.83 -31.91
N CYS H 106 -31.12 0.30 -31.24
CA CYS H 106 -30.71 0.30 -29.84
C CYS H 106 -31.74 1.00 -28.98
N VAL H 107 -32.02 0.44 -27.81
CA VAL H 107 -32.96 1.04 -26.88
C VAL H 107 -32.40 0.96 -25.46
N ASN H 108 -32.42 2.09 -24.77
CA ASN H 108 -31.98 2.15 -23.38
C ASN H 108 -33.19 2.15 -22.45
N VAL H 109 -33.15 1.28 -21.44
CA VAL H 109 -34.28 1.15 -20.52
C VAL H 109 -33.80 0.83 -19.12
N SER H 110 -34.72 0.91 -18.16
CA SER H 110 -34.46 0.45 -16.81
C SER H 110 -35.46 -0.66 -16.49
N LEU H 111 -34.99 -1.68 -15.78
CA LEU H 111 -35.82 -2.82 -15.44
C LEU H 111 -35.37 -3.45 -14.13
N GLY H 112 -36.18 -3.27 -13.09
CA GLY H 112 -35.85 -3.79 -11.77
C GLY H 112 -34.81 -2.94 -11.06
N GLY H 113 -34.60 -1.73 -11.57
CA GLY H 113 -33.61 -0.83 -11.00
C GLY H 113 -32.26 -0.98 -11.67
N ASN H 114 -32.20 -1.77 -12.73
CA ASN H 114 -30.97 -1.96 -13.49
C ASN H 114 -31.11 -1.38 -14.89
N GLU H 115 -30.03 -0.77 -15.38
CA GLU H 115 -30.04 -0.14 -16.69
C GLU H 115 -29.56 -1.10 -17.77
N PHE H 116 -30.31 -1.18 -18.86
CA PHE H 116 -29.98 -2.08 -19.96
C PHE H 116 -29.87 -1.35 -21.29
N CYS H 117 -28.95 -1.82 -22.13
CA CYS H 117 -28.91 -1.39 -23.53
C CYS H 117 -29.32 -2.56 -24.40
N LEU H 118 -30.56 -2.56 -24.86
CA LEU H 118 -31.09 -3.64 -25.68
C LEU H 118 -30.87 -3.34 -27.16
N MET H 119 -30.43 -4.34 -27.91
CA MET H 119 -30.12 -4.16 -29.32
C MET H 119 -30.64 -5.32 -30.16
N THR H 120 -31.05 -5.03 -31.39
CA THR H 120 -31.44 -6.06 -32.33
C THR H 120 -31.10 -5.64 -33.75
N SER H 121 -31.03 -6.62 -34.64
CA SER H 121 -30.68 -6.36 -36.02
C SER H 121 -30.99 -7.58 -36.89
N HIS H 122 -31.21 -7.33 -38.17
CA HIS H 122 -31.38 -8.39 -39.16
C HIS H 122 -30.23 -8.27 -40.16
N LEU H 123 -29.18 -9.06 -39.97
CA LEU H 123 -27.98 -8.93 -40.79
C LEU H 123 -28.21 -9.43 -42.21
N GLU H 124 -27.42 -8.93 -43.16
CA GLU H 124 -27.58 -9.27 -44.58
C GLU H 124 -27.92 -10.74 -44.77
N SER H 125 -28.89 -11.01 -45.63
CA SER H 125 -29.36 -12.37 -45.87
C SER H 125 -28.58 -13.09 -46.97
N THR H 126 -28.65 -14.42 -46.96
CA THR H 126 -28.06 -15.28 -47.98
C THR H 126 -26.54 -15.37 -47.88
N ARG H 127 -25.99 -16.51 -48.28
CA ARG H 127 -24.57 -16.78 -48.12
C ARG H 127 -23.69 -15.95 -49.05
N GLU H 128 -24.23 -15.55 -50.19
CA GLU H 128 -23.47 -14.76 -51.15
C GLU H 128 -23.10 -13.39 -50.57
N HIS H 129 -23.84 -12.95 -49.56
CA HIS H 129 -23.55 -11.69 -48.91
C HIS H 129 -22.86 -11.91 -47.56
N SER H 130 -21.90 -12.83 -47.55
CA SER H 130 -21.13 -13.14 -46.36
C SER H 130 -20.29 -11.95 -45.91
N ALA H 131 -19.59 -11.34 -46.88
CA ALA H 131 -18.68 -10.23 -46.57
C ALA H 131 -19.38 -9.11 -45.81
N GLU H 132 -20.49 -8.61 -46.34
CA GLU H 132 -21.20 -7.51 -45.71
C GLU H 132 -21.78 -7.91 -44.36
N ARG H 133 -22.29 -9.14 -44.27
CA ARG H 133 -22.82 -9.64 -43.00
C ARG H 133 -21.76 -9.60 -41.91
N ILE H 134 -20.56 -10.09 -42.24
CA ILE H 134 -19.46 -10.10 -41.27
C ILE H 134 -19.06 -8.68 -40.88
N ARG H 135 -19.09 -7.77 -41.84
CA ARG H 135 -18.78 -6.38 -41.57
C ARG H 135 -19.80 -5.78 -40.61
N GLN H 136 -21.06 -6.19 -40.76
CA GLN H 136 -22.12 -5.68 -39.89
C GLN H 136 -22.00 -6.27 -38.50
N LEU H 137 -21.56 -7.52 -38.41
CA LEU H 137 -21.34 -8.16 -37.13
C LEU H 137 -20.27 -7.40 -36.33
N LYS H 138 -19.21 -7.00 -37.02
CA LYS H 138 -18.13 -6.27 -36.36
C LYS H 138 -18.62 -4.92 -35.85
N THR H 139 -19.54 -4.31 -36.58
CA THR H 139 -20.13 -3.05 -36.15
C THR H 139 -20.93 -3.24 -34.87
N VAL H 140 -21.72 -4.31 -34.83
CA VAL H 140 -22.54 -4.61 -33.66
C VAL H 140 -21.67 -4.87 -32.44
N LEU H 141 -20.71 -5.78 -32.58
CA LEU H 141 -19.84 -6.14 -31.46
C LEU H 141 -19.09 -4.90 -30.96
N GLY H 142 -18.75 -4.00 -31.87
CA GLY H 142 -18.09 -2.75 -31.50
C GLY H 142 -18.99 -1.88 -30.66
N LYS H 143 -20.26 -1.80 -31.04
CA LYS H 143 -21.24 -0.99 -30.32
C LYS H 143 -21.47 -1.54 -28.90
N MET H 144 -21.36 -2.86 -28.76
CA MET H 144 -21.58 -3.50 -27.46
C MET H 144 -20.47 -3.11 -26.48
N GLN H 145 -19.30 -2.78 -27.00
CA GLN H 145 -18.18 -2.36 -26.16
C GLN H 145 -18.32 -0.90 -25.74
N GLU H 146 -18.82 -0.08 -26.66
CA GLU H 146 -18.87 1.37 -26.46
C GLU H 146 -19.93 1.80 -25.45
N ALA H 147 -20.76 0.86 -25.00
CA ALA H 147 -21.79 1.19 -24.02
C ALA H 147 -21.17 1.40 -22.65
N PRO H 148 -21.73 2.32 -21.85
CA PRO H 148 -21.23 2.58 -20.50
C PRO H 148 -20.97 1.26 -19.75
N ASP H 149 -19.85 1.20 -19.04
CA ASP H 149 -19.41 -0.05 -18.43
C ASP H 149 -20.37 -0.56 -17.35
N SER H 150 -21.18 0.33 -16.79
CA SER H 150 -22.09 -0.05 -15.73
C SER H 150 -23.42 -0.58 -16.27
N THR H 151 -23.68 -0.33 -17.55
CA THR H 151 -24.92 -0.79 -18.17
C THR H 151 -24.80 -2.23 -18.64
N THR H 152 -25.90 -2.96 -18.61
CA THR H 152 -25.95 -4.33 -19.10
C THR H 152 -26.37 -4.34 -20.57
N VAL H 153 -25.53 -4.95 -21.42
CA VAL H 153 -25.77 -4.93 -22.86
C VAL H 153 -26.25 -6.29 -23.36
N ILE H 154 -27.37 -6.29 -24.09
CA ILE H 154 -27.90 -7.51 -24.67
C ILE H 154 -28.27 -7.32 -26.13
N PHE H 155 -27.71 -8.16 -27.00
CA PHE H 155 -28.11 -8.19 -28.40
C PHE H 155 -28.83 -9.50 -28.71
N ALA H 156 -29.93 -9.41 -29.44
CA ALA H 156 -30.69 -10.60 -29.81
C ALA H 156 -31.39 -10.35 -31.14
N GLY H 157 -31.07 -11.15 -32.15
CA GLY H 157 -31.69 -11.00 -33.45
C GLY H 157 -31.28 -12.03 -34.46
N ASP H 158 -31.64 -11.79 -35.72
CA ASP H 158 -31.34 -12.71 -36.81
C ASP H 158 -30.00 -12.34 -37.44
N THR H 159 -28.95 -13.08 -37.07
CA THR H 159 -27.61 -12.79 -37.55
C THR H 159 -27.35 -13.38 -38.94
N ASN H 160 -28.15 -14.36 -39.33
CA ASN H 160 -27.95 -15.07 -40.59
C ASN H 160 -26.56 -15.69 -40.67
N LEU H 161 -25.91 -15.83 -39.52
CA LEU H 161 -24.55 -16.35 -39.46
C LEU H 161 -24.53 -17.83 -39.80
N ARG H 162 -23.59 -18.22 -40.66
CA ARG H 162 -23.52 -19.59 -41.16
C ARG H 162 -22.25 -20.28 -40.68
N ASP H 163 -22.16 -21.57 -40.97
CA ASP H 163 -21.03 -22.39 -40.53
C ASP H 163 -19.68 -21.71 -40.73
N GLN H 164 -18.97 -21.50 -39.62
CA GLN H 164 -17.58 -21.06 -39.65
C GLN H 164 -17.39 -19.61 -40.11
N GLU H 165 -18.43 -18.80 -40.01
CA GLU H 165 -18.33 -17.39 -40.34
C GLU H 165 -17.83 -16.59 -39.13
N VAL H 166 -18.15 -17.08 -37.94
CA VAL H 166 -17.77 -16.41 -36.71
C VAL H 166 -16.27 -16.54 -36.44
N ILE H 167 -15.71 -17.70 -36.74
CA ILE H 167 -14.28 -17.93 -36.56
C ILE H 167 -13.46 -17.15 -37.59
N LYS H 168 -14.00 -17.03 -38.80
CA LYS H 168 -13.33 -16.29 -39.86
C LYS H 168 -13.34 -14.80 -39.57
N CYS H 169 -14.40 -14.34 -38.89
CA CYS H 169 -14.51 -12.95 -38.49
C CYS H 169 -13.43 -12.59 -37.47
N GLY H 170 -12.96 -13.59 -36.73
CA GLY H 170 -11.95 -13.37 -35.70
C GLY H 170 -12.41 -13.89 -34.35
N GLY H 171 -13.69 -14.22 -34.23
CA GLY H 171 -14.24 -14.71 -32.98
C GLY H 171 -14.81 -13.58 -32.13
N LEU H 172 -15.68 -13.94 -31.19
CA LEU H 172 -16.25 -12.96 -30.28
C LEU H 172 -15.16 -12.37 -29.40
N PRO H 173 -15.36 -11.12 -28.95
CA PRO H 173 -14.41 -10.50 -28.02
C PRO H 173 -14.28 -11.27 -26.72
N ASP H 174 -13.55 -10.72 -25.75
CA ASP H 174 -13.33 -11.38 -24.48
C ASP H 174 -14.56 -11.29 -23.58
N ASN H 175 -15.19 -10.11 -23.55
CA ASN H 175 -16.27 -9.84 -22.62
C ASN H 175 -17.67 -10.02 -23.22
N VAL H 176 -17.75 -10.59 -24.42
CA VAL H 176 -19.03 -10.88 -25.05
C VAL H 176 -19.25 -12.39 -25.13
N PHE H 177 -20.44 -12.83 -24.75
CA PHE H 177 -20.74 -14.26 -24.71
C PHE H 177 -22.01 -14.58 -25.49
N ASP H 178 -22.04 -15.77 -26.08
CA ASP H 178 -23.23 -16.26 -26.76
C ASP H 178 -24.03 -17.15 -25.79
N ALA H 179 -25.26 -16.75 -25.51
CA ALA H 179 -26.08 -17.41 -24.49
C ALA H 179 -26.19 -18.92 -24.71
N TRP H 180 -26.33 -19.33 -25.97
CA TRP H 180 -26.52 -20.74 -26.26
C TRP H 180 -25.32 -21.58 -25.86
N GLU H 181 -24.14 -21.23 -26.35
CA GLU H 181 -22.93 -21.97 -26.02
C GLU H 181 -22.53 -21.75 -24.56
N PHE H 182 -23.01 -20.68 -23.96
CA PHE H 182 -22.78 -20.41 -22.54
C PHE H 182 -23.54 -21.43 -21.68
N LEU H 183 -24.65 -21.92 -22.22
CA LEU H 183 -25.47 -22.90 -21.51
C LEU H 183 -25.05 -24.33 -21.82
N GLY H 184 -23.98 -24.49 -22.59
CA GLY H 184 -23.45 -25.81 -22.89
C GLY H 184 -23.95 -26.38 -24.21
N LYS H 185 -24.38 -25.51 -25.11
CA LYS H 185 -24.85 -25.92 -26.43
C LYS H 185 -25.94 -26.99 -26.36
N PRO H 186 -27.05 -26.68 -25.68
CA PRO H 186 -28.15 -27.63 -25.59
C PRO H 186 -28.68 -28.02 -26.98
N LYS H 187 -28.94 -29.30 -27.18
CA LYS H 187 -29.36 -29.81 -28.49
C LYS H 187 -30.80 -29.43 -28.84
N HIS H 188 -31.65 -29.30 -27.82
CA HIS H 188 -33.07 -29.11 -28.04
C HIS H 188 -33.40 -27.76 -28.68
N CYS H 189 -32.50 -26.80 -28.57
CA CYS H 189 -32.70 -25.49 -29.18
C CYS H 189 -31.46 -25.02 -29.93
N GLN H 190 -30.85 -25.93 -30.70
CA GLN H 190 -29.65 -25.62 -31.45
C GLN H 190 -29.96 -24.89 -32.75
N TYR H 191 -31.01 -25.35 -33.43
CA TYR H 191 -31.38 -24.78 -34.73
C TYR H 191 -32.66 -23.97 -34.60
N THR H 192 -32.68 -22.82 -35.26
CA THR H 192 -33.85 -21.95 -35.24
C THR H 192 -34.44 -21.81 -36.63
N TRP H 193 -33.84 -22.47 -37.61
CA TRP H 193 -34.31 -22.44 -38.98
C TRP H 193 -34.17 -23.84 -39.57
N ASP H 194 -35.22 -24.64 -39.45
CA ASP H 194 -35.19 -26.06 -39.83
C ASP H 194 -36.26 -26.36 -40.88
N THR H 195 -35.84 -26.55 -42.11
CA THR H 195 -36.77 -26.73 -43.22
C THR H 195 -37.37 -28.13 -43.27
N LYS H 196 -36.94 -29.01 -42.36
CA LYS H 196 -37.52 -30.35 -42.29
C LYS H 196 -38.70 -30.37 -41.32
N ALA H 197 -38.58 -29.57 -40.26
CA ALA H 197 -39.66 -29.45 -39.27
C ALA H 197 -40.54 -28.25 -39.60
N ASN H 198 -40.02 -27.32 -40.39
CA ASN H 198 -40.76 -26.14 -40.80
C ASN H 198 -41.01 -26.16 -42.30
N ASN H 199 -42.27 -25.98 -42.70
CA ASN H 199 -42.67 -26.14 -44.09
C ASN H 199 -43.21 -24.86 -44.73
N ASN H 200 -42.93 -23.71 -44.12
CA ASN H 200 -43.43 -22.45 -44.64
C ASN H 200 -42.86 -22.08 -46.01
N LEU H 201 -41.60 -22.41 -46.24
CA LEU H 201 -40.94 -22.10 -47.50
C LEU H 201 -41.12 -23.22 -48.52
N ARG H 202 -41.85 -24.27 -48.15
CA ARG H 202 -42.09 -25.40 -49.02
C ARG H 202 -40.82 -25.86 -49.72
N ILE H 203 -39.75 -26.01 -48.95
CA ILE H 203 -38.48 -26.47 -49.50
C ILE H 203 -38.34 -27.99 -49.30
N PRO H 204 -38.01 -28.71 -50.38
CA PRO H 204 -37.93 -30.18 -50.32
C PRO H 204 -36.72 -30.67 -49.52
N ALA H 205 -35.59 -30.01 -49.66
CA ALA H 205 -34.36 -30.43 -48.99
C ALA H 205 -34.38 -30.09 -47.51
N ALA H 206 -33.41 -30.61 -46.77
CA ALA H 206 -33.32 -30.37 -45.34
C ALA H 206 -32.13 -29.47 -45.02
N TYR H 207 -32.41 -28.32 -44.40
CA TYR H 207 -31.37 -27.37 -44.02
C TYR H 207 -31.58 -26.92 -42.58
N LYS H 208 -30.52 -26.94 -41.79
CA LYS H 208 -30.58 -26.55 -40.39
C LYS H 208 -29.51 -25.52 -40.09
N HIS H 209 -29.91 -24.37 -39.58
CA HIS H 209 -28.98 -23.31 -39.22
C HIS H 209 -29.36 -22.66 -37.89
N ARG H 210 -28.38 -22.04 -37.25
CA ARG H 210 -28.62 -21.27 -36.03
C ARG H 210 -28.46 -19.79 -36.34
N PHE H 211 -29.37 -19.25 -37.14
CA PHE H 211 -29.31 -17.85 -37.56
C PHE H 211 -29.62 -16.89 -36.42
N ASP H 212 -30.51 -17.31 -35.53
CA ASP H 212 -31.00 -16.44 -34.46
C ASP H 212 -30.18 -16.68 -33.19
N ARG H 213 -29.46 -15.65 -32.77
CA ARG H 213 -28.51 -15.78 -31.68
C ARG H 213 -28.67 -14.66 -30.65
N ILE H 214 -28.04 -14.84 -29.50
CA ILE H 214 -28.10 -13.89 -28.40
C ILE H 214 -26.69 -13.61 -27.87
N PHE H 215 -26.32 -12.33 -27.84
CA PHE H 215 -25.02 -11.92 -27.34
C PHE H 215 -25.20 -10.98 -26.16
N PHE H 216 -24.39 -11.15 -25.11
CA PHE H 216 -24.46 -10.28 -23.95
C PHE H 216 -23.08 -9.95 -23.40
N ARG H 217 -22.95 -8.77 -22.79
CA ARG H 217 -21.69 -8.34 -22.23
C ARG H 217 -21.71 -8.47 -20.71
N ALA H 218 -20.74 -9.20 -20.18
CA ALA H 218 -20.66 -9.47 -18.74
C ALA H 218 -20.44 -8.18 -17.95
N HIS H 222 -23.39 -8.78 -12.74
CA HIS H 222 -23.17 -10.05 -13.43
C HIS H 222 -24.46 -10.54 -14.08
N LEU H 223 -24.33 -11.30 -15.15
CA LEU H 223 -25.47 -11.74 -15.94
C LEU H 223 -25.35 -13.22 -16.29
N ILE H 224 -26.33 -14.01 -15.89
CA ILE H 224 -26.27 -15.46 -16.05
C ILE H 224 -27.52 -16.04 -16.69
N PRO H 225 -27.39 -16.57 -17.91
CA PRO H 225 -28.49 -17.28 -18.58
C PRO H 225 -29.00 -18.46 -17.78
N GLN H 226 -30.31 -18.54 -17.61
CA GLN H 226 -30.94 -19.60 -16.83
C GLN H 226 -31.53 -20.68 -17.74
N SER H 227 -32.11 -20.25 -18.85
CA SER H 227 -32.77 -21.19 -19.76
C SER H 227 -32.86 -20.65 -21.18
N LEU H 228 -33.11 -21.54 -22.12
CA LEU H 228 -33.21 -21.18 -23.53
C LEU H 228 -34.13 -22.18 -24.22
N ASP H 229 -35.18 -21.68 -24.87
CA ASP H 229 -36.18 -22.56 -25.48
C ASP H 229 -36.65 -22.06 -26.84
N LEU H 230 -37.28 -22.94 -27.59
CA LEU H 230 -37.84 -22.59 -28.89
C LEU H 230 -39.34 -22.35 -28.73
N VAL H 231 -39.84 -21.33 -29.41
CA VAL H 231 -41.28 -21.04 -29.40
C VAL H 231 -41.81 -20.93 -30.83
N GLY H 232 -43.12 -21.05 -30.97
CA GLY H 232 -43.75 -21.03 -32.28
C GLY H 232 -43.59 -22.35 -33.00
N LEU H 233 -43.68 -23.43 -32.25
CA LEU H 233 -43.45 -24.77 -32.79
C LEU H 233 -44.75 -25.47 -33.20
N GLU H 234 -45.88 -24.77 -33.08
CA GLU H 234 -47.17 -25.38 -33.36
C GLU H 234 -47.83 -24.78 -34.61
N LYS H 235 -48.36 -25.64 -35.45
CA LYS H 235 -49.03 -25.21 -36.67
C LYS H 235 -50.33 -24.46 -36.37
N LEU H 236 -50.74 -23.60 -37.29
CA LEU H 236 -51.98 -22.85 -37.15
C LEU H 236 -53.09 -23.53 -37.95
N ASP H 237 -54.27 -22.93 -37.93
CA ASP H 237 -55.42 -23.50 -38.65
C ASP H 237 -55.11 -23.71 -40.12
N CYS H 238 -54.31 -22.80 -40.69
CA CYS H 238 -54.00 -22.85 -42.11
C CYS H 238 -52.99 -23.96 -42.44
N GLY H 239 -52.45 -24.60 -41.41
CA GLY H 239 -51.51 -25.69 -41.60
C GLY H 239 -50.06 -25.24 -41.77
N ARG H 240 -49.80 -23.97 -41.42
CA ARG H 240 -48.46 -23.42 -41.53
C ARG H 240 -48.04 -22.82 -40.19
N PHE H 241 -46.73 -22.68 -39.98
CA PHE H 241 -46.22 -22.12 -38.74
C PHE H 241 -46.26 -20.60 -38.80
N PRO H 242 -46.25 -19.94 -37.63
CA PRO H 242 -46.29 -18.47 -37.58
C PRO H 242 -45.19 -17.85 -38.45
N SER H 243 -44.06 -18.53 -38.55
CA SER H 243 -42.95 -18.04 -39.36
C SER H 243 -42.11 -19.20 -39.89
N ASP H 244 -41.13 -18.89 -40.72
CA ASP H 244 -40.18 -19.90 -41.18
C ASP H 244 -39.03 -20.03 -40.18
N HIS H 245 -38.93 -19.06 -39.27
CA HIS H 245 -37.97 -19.13 -38.16
C HIS H 245 -38.65 -19.58 -36.88
N TRP H 246 -37.93 -20.33 -36.05
CA TRP H 246 -38.39 -20.59 -34.68
C TRP H 246 -38.05 -19.37 -33.85
N GLY H 247 -38.88 -19.07 -32.86
CA GLY H 247 -38.57 -18.01 -31.92
C GLY H 247 -37.62 -18.53 -30.86
N LEU H 248 -37.02 -17.63 -30.09
CA LEU H 248 -36.07 -18.01 -29.06
C LEU H 248 -36.41 -17.33 -27.74
N LEU H 249 -36.71 -18.14 -26.72
CA LEU H 249 -37.10 -17.63 -25.40
C LEU H 249 -35.96 -17.80 -24.40
N CYS H 250 -35.46 -16.68 -23.87
CA CYS H 250 -34.34 -16.70 -22.95
C CYS H 250 -34.66 -15.96 -21.66
N THR H 251 -34.23 -16.52 -20.54
CA THR H 251 -34.34 -15.86 -19.24
C THR H 251 -32.96 -15.70 -18.61
N LEU H 252 -32.66 -14.48 -18.18
CA LEU H 252 -31.37 -14.16 -17.58
C LEU H 252 -31.56 -13.71 -16.13
N ASN H 253 -30.61 -14.07 -15.27
CA ASN H 253 -30.56 -13.56 -13.91
C ASN H 253 -29.55 -12.43 -13.83
N VAL H 254 -29.85 -11.41 -13.02
CA VAL H 254 -28.99 -10.25 -12.90
C VAL H 254 -28.62 -10.02 -11.44
N VAL H 255 -27.36 -9.64 -11.21
CA VAL H 255 -26.88 -9.38 -9.85
C VAL H 255 -26.20 -8.01 -9.78
N THR I 9 -21.28 18.47 -6.35
CA THR I 9 -21.32 19.58 -5.41
C THR I 9 -20.33 19.35 -4.27
N ILE I 10 -20.25 20.31 -3.35
CA ILE I 10 -19.33 20.22 -2.23
C ILE I 10 -19.82 21.02 -1.03
N SER I 11 -19.62 20.46 0.16
CA SER I 11 -20.00 21.13 1.40
C SER I 11 -18.85 21.04 2.40
N PHE I 12 -18.78 22.00 3.31
CA PHE I 12 -17.73 22.01 4.31
C PHE I 12 -18.08 22.87 5.52
N ILE I 13 -17.37 22.63 6.62
CA ILE I 13 -17.54 23.41 7.84
C ILE I 13 -16.20 23.98 8.30
N THR I 14 -16.19 25.25 8.66
CA THR I 14 -15.02 25.85 9.30
C THR I 14 -15.43 26.22 10.73
N TRP I 15 -14.54 25.96 11.68
CA TRP I 15 -14.92 26.06 13.08
C TRP I 15 -13.72 26.12 14.02
N ASN I 16 -13.61 27.22 14.75
CA ASN I 16 -12.64 27.33 15.83
C ASN I 16 -13.24 26.68 17.07
N ILE I 17 -12.72 25.50 17.43
CA ILE I 17 -13.34 24.68 18.47
C ILE I 17 -12.76 24.93 19.86
N ASP I 18 -11.98 25.99 20.00
CA ASP I 18 -11.50 26.46 21.31
C ASP I 18 -10.88 25.35 22.16
N GLY I 19 -9.85 24.71 21.63
CA GLY I 19 -9.15 23.67 22.36
C GLY I 19 -8.35 24.19 23.53
N LEU I 20 -8.12 25.50 23.56
CA LEU I 20 -7.33 26.13 24.62
C LEU I 20 -8.17 26.37 25.88
N ASP I 21 -9.44 25.98 25.85
CA ASP I 21 -10.27 26.02 27.03
C ASP I 21 -10.44 24.61 27.58
N GLY I 22 -9.67 24.30 28.62
CA GLY I 22 -9.62 22.95 29.15
C GLY I 22 -10.88 22.50 29.87
N CYS I 23 -11.71 23.45 30.28
CA CYS I 23 -12.92 23.11 31.04
C CYS I 23 -13.97 22.43 30.16
N ASN I 24 -14.39 21.25 30.59
CA ASN I 24 -15.40 20.47 29.86
C ASN I 24 -14.93 20.08 28.47
N LEU I 25 -13.61 20.01 28.27
CA LEU I 25 -13.07 19.75 26.94
C LEU I 25 -13.57 18.44 26.35
N PRO I 26 -13.54 17.36 27.15
CA PRO I 26 -14.02 16.08 26.63
C PRO I 26 -15.46 16.14 26.13
N GLU I 27 -16.36 16.66 26.97
CA GLU I 27 -17.77 16.74 26.63
C GLU I 27 -18.01 17.63 25.42
N ARG I 28 -17.24 18.70 25.31
CA ARG I 28 -17.38 19.64 24.19
C ARG I 28 -16.83 19.03 22.90
N ALA I 29 -15.81 18.19 23.03
CA ALA I 29 -15.25 17.50 21.88
C ALA I 29 -16.29 16.54 21.32
N ARG I 30 -17.08 15.95 22.21
CA ARG I 30 -18.17 15.08 21.81
CA ARG I 30 -18.16 15.07 21.80
C ARG I 30 -19.27 15.88 21.12
N GLY I 31 -19.51 17.09 21.65
CA GLY I 31 -20.51 17.97 21.07
C GLY I 31 -20.17 18.35 19.65
N VAL I 32 -18.88 18.58 19.39
CA VAL I 32 -18.43 18.90 18.04
C VAL I 32 -18.64 17.72 17.09
N CYS I 33 -18.04 16.58 17.43
CA CYS I 33 -18.16 15.38 16.61
C CYS I 33 -19.63 15.07 16.36
N SER I 34 -20.47 15.33 17.36
CA SER I 34 -21.90 15.10 17.24
C SER I 34 -22.48 15.98 16.15
N CYS I 35 -22.04 17.24 16.08
CA CYS I 35 -22.51 18.16 15.04
C CYS I 35 -22.05 17.73 13.66
N LEU I 36 -20.76 17.43 13.53
CA LEU I 36 -20.20 16.97 12.27
C LEU I 36 -20.99 15.79 11.74
N ALA I 37 -21.57 15.01 12.65
CA ALA I 37 -22.34 13.82 12.27
C ALA I 37 -23.68 14.19 11.63
N LEU I 38 -24.30 15.28 12.11
CA LEU I 38 -25.59 15.72 11.58
C LEU I 38 -25.47 16.19 10.14
N TYR I 39 -24.42 16.95 9.84
CA TYR I 39 -24.28 17.59 8.54
C TYR I 39 -23.41 16.77 7.60
N SER I 40 -22.55 15.92 8.16
CA SER I 40 -21.68 15.06 7.36
C SER I 40 -21.10 15.79 6.15
N PRO I 41 -20.33 16.86 6.40
CA PRO I 41 -19.69 17.62 5.32
C PRO I 41 -18.54 16.86 4.68
N ASP I 42 -18.18 17.24 3.46
CA ASP I 42 -17.09 16.60 2.75
C ASP I 42 -15.74 17.00 3.34
N VAL I 43 -15.68 18.20 3.92
CA VAL I 43 -14.44 18.71 4.51
C VAL I 43 -14.72 19.53 5.77
N VAL I 44 -13.80 19.50 6.72
CA VAL I 44 -13.93 20.28 7.94
C VAL I 44 -12.64 21.04 8.25
N PHE I 45 -12.74 22.37 8.30
CA PHE I 45 -11.62 23.22 8.69
C PHE I 45 -11.72 23.55 10.18
N LEU I 46 -10.71 23.17 10.95
CA LEU I 46 -10.73 23.39 12.39
C LEU I 46 -9.58 24.30 12.84
N GLN I 47 -9.81 25.06 13.91
CA GLN I 47 -8.77 25.91 14.49
C GLN I 47 -8.74 25.79 16.02
N GLU I 48 -7.61 26.17 16.60
CA GLU I 48 -7.38 26.03 18.04
C GLU I 48 -7.52 24.58 18.50
N VAL I 49 -6.95 23.66 17.72
CA VAL I 49 -6.93 22.25 18.09
C VAL I 49 -5.65 21.94 18.87
N ILE I 50 -5.76 21.04 19.85
CA ILE I 50 -4.60 20.59 20.62
C ILE I 50 -4.47 19.07 20.52
N PRO I 51 -3.29 18.53 20.87
CA PRO I 51 -3.00 17.10 20.69
C PRO I 51 -4.06 16.15 21.26
N PRO I 52 -4.48 16.37 22.51
CA PRO I 52 -5.48 15.46 23.08
C PRO I 52 -6.84 15.55 22.39
N TYR I 53 -7.07 16.64 21.65
CA TYR I 53 -8.33 16.82 20.93
C TYR I 53 -8.40 15.87 19.74
N CYS I 54 -7.27 15.65 19.09
CA CYS I 54 -7.21 14.74 17.95
C CYS I 54 -7.68 13.34 18.36
N ALA I 55 -7.37 12.94 19.59
CA ALA I 55 -7.77 11.63 20.08
C ALA I 55 -9.27 11.42 19.96
N TYR I 56 -10.05 12.48 20.25
CA TYR I 56 -11.50 12.40 20.14
C TYR I 56 -11.95 12.37 18.69
N LEU I 57 -11.18 13.01 17.82
CA LEU I 57 -11.50 13.03 16.39
C LEU I 57 -11.16 11.69 15.75
N LYS I 58 -10.14 11.01 16.28
CA LYS I 58 -9.77 9.67 15.80
C LYS I 58 -10.89 8.69 16.14
N LYS I 59 -11.57 8.94 17.24
CA LYS I 59 -12.54 8.00 17.79
C LYS I 59 -13.96 8.22 17.29
N ARG I 60 -14.40 9.48 17.25
CA ARG I 60 -15.78 9.79 16.90
C ARG I 60 -15.92 10.63 15.64
N ALA I 61 -14.81 10.78 14.92
CA ALA I 61 -14.84 11.32 13.56
C ALA I 61 -14.05 10.37 12.68
N ALA I 62 -14.35 9.08 12.84
CA ALA I 62 -13.59 8.01 12.18
C ALA I 62 -13.68 8.07 10.66
N SER I 63 -14.76 8.66 10.15
CA SER I 63 -14.96 8.73 8.70
C SER I 63 -14.17 9.88 8.07
N TYR I 64 -13.31 10.52 8.87
CA TYR I 64 -12.52 11.64 8.39
C TYR I 64 -11.02 11.39 8.53
N THR I 65 -10.25 11.83 7.53
CA THR I 65 -8.80 11.76 7.57
C THR I 65 -8.25 13.09 8.07
N ILE I 66 -7.44 13.05 9.11
CA ILE I 66 -6.98 14.26 9.79
C ILE I 66 -5.61 14.74 9.31
N ILE I 67 -5.59 15.92 8.68
CA ILE I 67 -4.34 16.57 8.28
C ILE I 67 -4.06 17.74 9.21
N THR I 68 -2.88 17.75 9.83
CA THR I 68 -2.54 18.77 10.84
C THR I 68 -1.47 19.75 10.37
N GLY I 69 -1.58 20.99 10.85
CA GLY I 69 -0.61 22.02 10.54
C GLY I 69 0.46 22.16 11.61
N ASN I 70 0.43 21.25 12.57
CA ASN I 70 1.39 21.25 13.67
C ASN I 70 1.10 20.06 14.58
N GLU I 71 2.04 19.73 15.45
CA GLU I 71 1.87 18.60 16.35
C GLU I 71 2.08 18.98 17.82
N GLU I 72 2.30 20.27 18.07
CA GLU I 72 2.51 20.75 19.43
C GLU I 72 1.88 22.11 19.65
N GLY I 73 1.38 22.33 20.86
CA GLY I 73 0.67 23.56 21.18
C GLY I 73 -0.76 23.50 20.67
N TYR I 74 -1.22 24.59 20.08
CA TYR I 74 -2.52 24.60 19.41
C TYR I 74 -2.31 24.92 17.94
N PHE I 75 -3.14 24.33 17.09
CA PHE I 75 -2.92 24.38 15.65
C PHE I 75 -4.20 24.14 14.87
N THR I 76 -4.12 24.29 13.56
CA THR I 76 -5.26 24.06 12.69
C THR I 76 -5.25 22.62 12.18
N ALA I 77 -6.33 22.22 11.54
CA ALA I 77 -6.44 20.89 10.98
C ALA I 77 -7.46 20.87 9.87
N ILE I 78 -7.30 19.94 8.93
CA ILE I 78 -8.25 19.76 7.85
C ILE I 78 -8.68 18.30 7.77
N LEU I 79 -9.96 18.06 7.99
CA LEU I 79 -10.51 16.71 7.93
C LEU I 79 -11.12 16.45 6.56
N LEU I 80 -10.76 15.32 5.96
CA LEU I 80 -11.23 14.95 4.62
C LEU I 80 -12.14 13.74 4.70
N LYS I 81 -13.26 13.80 4.00
CA LYS I 81 -14.23 12.71 4.02
C LYS I 81 -13.74 11.51 3.23
N LYS I 82 -13.57 10.37 3.91
CA LYS I 82 -13.10 9.15 3.27
C LYS I 82 -14.20 8.53 2.42
N GLY I 83 -13.83 8.05 1.23
CA GLY I 83 -14.78 7.47 0.30
C GLY I 83 -15.41 8.53 -0.59
N ARG I 84 -15.16 9.80 -0.26
CA ARG I 84 -15.68 10.92 -1.02
C ARG I 84 -14.54 11.82 -1.52
N VAL I 85 -13.57 12.08 -0.65
CA VAL I 85 -12.44 12.94 -0.99
C VAL I 85 -11.15 12.15 -1.16
N LYS I 86 -10.41 12.47 -2.22
CA LYS I 86 -9.10 11.87 -2.46
C LYS I 86 -8.00 12.86 -2.13
N PHE I 87 -7.09 12.46 -1.25
CA PHE I 87 -5.96 13.30 -0.88
C PHE I 87 -4.85 13.21 -1.92
N LYS I 88 -4.26 14.34 -2.25
CA LYS I 88 -3.13 14.40 -3.17
C LYS I 88 -1.88 14.90 -2.48
N SER I 89 -1.89 16.19 -2.15
CA SER I 89 -0.71 16.86 -1.63
C SER I 89 -1.07 17.86 -0.54
N GLN I 90 -0.11 18.15 0.33
CA GLN I 90 -0.31 19.18 1.35
C GLN I 90 0.90 20.11 1.35
N GLU I 91 0.82 21.19 2.12
CA GLU I 91 1.84 22.23 2.09
C GLU I 91 1.57 23.26 3.17
N ILE I 92 2.59 23.59 3.95
CA ILE I 92 2.45 24.56 5.02
C ILE I 92 3.31 25.79 4.75
N ILE I 93 2.66 26.93 4.52
CA ILE I 93 3.35 28.19 4.34
C ILE I 93 3.43 28.91 5.68
N PRO I 94 4.66 29.22 6.14
CA PRO I 94 4.84 29.84 7.45
C PRO I 94 4.52 31.33 7.44
N PHE I 95 4.20 31.87 8.61
CA PHE I 95 4.03 33.31 8.77
C PHE I 95 5.21 33.86 9.56
N PRO I 96 6.29 34.24 8.87
CA PRO I 96 7.40 34.86 9.60
C PRO I 96 6.89 36.04 10.42
N ASN I 97 7.57 36.35 11.51
CA ASN I 97 7.17 37.43 12.39
C ASN I 97 5.86 37.14 13.12
N THR I 98 5.42 35.88 13.10
CA THR I 98 4.29 35.46 13.90
C THR I 98 4.77 35.13 15.31
N LYS I 99 4.10 35.68 16.31
CA LYS I 99 4.49 35.43 17.70
C LYS I 99 3.47 34.52 18.37
N MET I 100 2.70 33.78 17.56
CA MET I 100 1.67 32.89 18.08
C MET I 100 1.57 31.59 17.28
N MET I 101 2.65 31.23 16.58
CA MET I 101 2.72 29.95 15.88
C MET I 101 1.65 29.78 14.81
N ARG I 102 1.32 30.87 14.13
CA ARG I 102 0.31 30.83 13.09
C ARG I 102 0.92 30.49 11.74
N ASN I 103 0.15 29.85 10.89
CA ASN I 103 0.61 29.46 9.57
C ASN I 103 -0.56 29.12 8.63
N LEU I 104 -0.26 29.00 7.35
CA LEU I 104 -1.26 28.73 6.34
C LEU I 104 -1.19 27.28 5.88
N LEU I 105 -2.15 26.48 6.32
CA LEU I 105 -2.21 25.06 5.98
C LEU I 105 -2.96 24.86 4.66
N CYS I 106 -2.29 24.27 3.69
CA CYS I 106 -2.88 24.05 2.37
C CYS I 106 -2.95 22.55 2.07
N VAL I 107 -4.07 22.13 1.49
CA VAL I 107 -4.26 20.74 1.10
C VAL I 107 -4.94 20.66 -0.25
N ASN I 108 -4.31 19.93 -1.18
CA ASN I 108 -4.89 19.73 -2.51
C ASN I 108 -5.56 18.36 -2.61
N VAL I 109 -6.80 18.34 -3.08
CA VAL I 109 -7.57 17.11 -3.15
C VAL I 109 -8.38 17.01 -4.44
N SER I 110 -8.99 15.84 -4.65
CA SER I 110 -9.89 15.65 -5.78
C SER I 110 -11.28 15.27 -5.26
N LEU I 111 -12.30 15.95 -5.75
CA LEU I 111 -13.65 15.68 -5.30
C LEU I 111 -14.67 15.92 -6.41
N GLY I 112 -15.56 14.95 -6.61
CA GLY I 112 -16.59 15.06 -7.64
C GLY I 112 -15.99 15.24 -9.02
N GLY I 113 -14.78 14.72 -9.21
CA GLY I 113 -14.08 14.85 -10.48
C GLY I 113 -13.53 16.25 -10.68
N ASN I 114 -13.38 16.99 -9.58
CA ASN I 114 -12.85 18.35 -9.64
C ASN I 114 -11.65 18.50 -8.71
N GLU I 115 -10.75 19.41 -9.06
CA GLU I 115 -9.56 19.66 -8.26
C GLU I 115 -9.79 20.84 -7.32
N PHE I 116 -9.41 20.67 -6.06
CA PHE I 116 -9.57 21.72 -5.06
C PHE I 116 -8.28 21.98 -4.31
N CYS I 117 -8.06 23.24 -3.95
CA CYS I 117 -6.97 23.60 -3.06
C CYS I 117 -7.55 24.19 -1.78
N LEU I 118 -7.71 23.34 -0.78
CA LEU I 118 -8.33 23.74 0.49
C LEU I 118 -7.28 24.41 1.37
N MET I 119 -7.66 25.54 1.97
CA MET I 119 -6.73 26.31 2.80
C MET I 119 -7.40 26.78 4.09
N THR I 120 -6.62 26.84 5.16
CA THR I 120 -7.13 27.31 6.44
C THR I 120 -6.05 28.00 7.24
N SER I 121 -6.45 28.84 8.20
CA SER I 121 -5.50 29.58 9.01
C SER I 121 -6.20 30.24 10.20
N HIS I 122 -5.43 30.46 11.26
CA HIS I 122 -5.91 31.16 12.46
C HIS I 122 -5.09 32.43 12.62
N LEU I 123 -5.48 33.49 11.91
CA LEU I 123 -4.64 34.69 11.81
C LEU I 123 -4.36 35.34 13.17
N GLU I 124 -3.24 36.06 13.25
CA GLU I 124 -2.79 36.71 14.48
C GLU I 124 -3.98 37.31 15.24
N SER I 125 -3.90 37.30 16.57
CA SER I 125 -5.07 37.65 17.39
C SER I 125 -4.93 38.96 18.13
N THR I 126 -6.07 39.48 18.58
CA THR I 126 -6.16 40.72 19.37
C THR I 126 -6.04 41.98 18.52
N ARG I 127 -6.51 43.10 19.07
CA ARG I 127 -6.41 44.40 18.41
C ARG I 127 -4.95 44.78 18.18
N GLU I 128 -4.12 44.54 19.19
CA GLU I 128 -2.74 44.99 19.19
C GLU I 128 -2.00 44.54 17.93
N HIS I 129 -2.20 43.29 17.53
CA HIS I 129 -1.44 42.71 16.43
C HIS I 129 -2.17 42.81 15.09
N SER I 130 -2.96 43.87 14.94
CA SER I 130 -3.65 44.16 13.69
C SER I 130 -2.66 44.18 12.53
N ALA I 131 -1.53 44.84 12.73
CA ALA I 131 -0.51 44.98 11.69
C ALA I 131 -0.13 43.61 11.10
N GLU I 132 0.29 42.69 11.96
CA GLU I 132 0.70 41.36 11.51
C GLU I 132 -0.47 40.58 10.89
N ARG I 133 -1.65 40.71 11.49
CA ARG I 133 -2.83 40.04 10.96
C ARG I 133 -3.14 40.50 9.54
N ILE I 134 -2.83 41.76 9.24
CA ILE I 134 -3.04 42.30 7.90
C ILE I 134 -2.01 41.75 6.93
N ARG I 135 -0.76 41.65 7.38
CA ARG I 135 0.30 41.09 6.54
C ARG I 135 0.00 39.64 6.21
N GLN I 136 -0.53 38.91 7.20
CA GLN I 136 -0.87 37.51 7.00
C GLN I 136 -2.00 37.35 6.00
N LEU I 137 -3.01 38.22 6.09
CA LEU I 137 -4.12 38.20 5.16
C LEU I 137 -3.62 38.44 3.73
N LYS I 138 -2.57 39.24 3.59
CA LYS I 138 -1.99 39.49 2.28
C LYS I 138 -1.32 38.23 1.75
N THR I 139 -0.61 37.53 2.62
CA THR I 139 0.08 36.30 2.25
C THR I 139 -0.93 35.25 1.80
N VAL I 140 -2.06 35.18 2.49
CA VAL I 140 -3.11 34.22 2.15
C VAL I 140 -3.76 34.59 0.82
N LEU I 141 -4.14 35.85 0.67
CA LEU I 141 -4.77 36.32 -0.55
C LEU I 141 -3.86 36.16 -1.75
N GLY I 142 -2.56 36.37 -1.53
CA GLY I 142 -1.58 36.23 -2.60
C GLY I 142 -1.44 34.79 -3.04
N LYS I 143 -1.49 33.87 -2.09
CA LYS I 143 -1.36 32.45 -2.37
C LYS I 143 -2.53 31.96 -3.23
N MET I 144 -3.73 32.40 -2.87
CA MET I 144 -4.93 31.99 -3.60
C MET I 144 -4.81 32.26 -5.09
N GLN I 145 -4.17 33.37 -5.44
CA GLN I 145 -4.03 33.77 -6.84
C GLN I 145 -2.96 32.95 -7.58
N GLU I 146 -2.12 32.25 -6.82
CA GLU I 146 -1.01 31.50 -7.41
C GLU I 146 -1.43 30.12 -7.89
N ALA I 147 -2.38 29.49 -7.20
CA ALA I 147 -2.84 28.16 -7.56
C ALA I 147 -3.12 28.06 -9.05
N PRO I 148 -2.92 26.87 -9.63
CA PRO I 148 -3.18 26.67 -11.07
C PRO I 148 -4.63 26.99 -11.42
N ASP I 149 -4.84 27.65 -12.55
CA ASP I 149 -6.16 28.11 -12.94
C ASP I 149 -7.16 26.96 -13.03
N SER I 150 -6.67 25.76 -13.30
CA SER I 150 -7.53 24.58 -13.44
C SER I 150 -8.30 24.27 -12.16
N THR I 151 -7.58 24.15 -11.05
CA THR I 151 -8.20 23.81 -9.77
C THR I 151 -8.98 24.97 -9.20
N THR I 152 -9.82 24.70 -8.20
CA THR I 152 -10.62 25.72 -7.55
C THR I 152 -10.12 25.95 -6.13
N VAL I 153 -9.87 27.21 -5.79
CA VAL I 153 -9.26 27.55 -4.51
C VAL I 153 -10.30 28.00 -3.49
N ILE I 154 -10.21 27.43 -2.29
CA ILE I 154 -11.11 27.78 -1.20
C ILE I 154 -10.35 27.99 0.10
N PHE I 155 -10.56 29.15 0.72
CA PHE I 155 -10.00 29.43 2.04
C PHE I 155 -11.14 29.57 3.04
N ALA I 156 -10.94 29.00 4.22
CA ALA I 156 -11.94 29.09 5.28
C ALA I 156 -11.24 28.93 6.63
N GLY I 157 -11.48 29.88 7.53
CA GLY I 157 -10.87 29.84 8.84
C GLY I 157 -11.14 31.07 9.69
N ASP I 158 -10.47 31.13 10.83
CA ASP I 158 -10.62 32.25 11.75
C ASP I 158 -9.69 33.39 11.35
N THR I 159 -10.27 34.42 10.74
CA THR I 159 -9.48 35.53 10.22
C THR I 159 -9.20 36.59 11.29
N ASN I 160 -10.02 36.61 12.34
CA ASN I 160 -9.87 37.61 13.39
C ASN I 160 -10.01 39.05 12.85
N LEU I 161 -10.60 39.17 11.67
CA LEU I 161 -10.73 40.47 11.02
C LEU I 161 -11.80 41.32 11.69
N ARG I 162 -11.57 42.64 11.74
CA ARG I 162 -12.51 43.57 12.34
C ARG I 162 -12.22 44.99 11.87
N ASP I 163 -13.19 45.88 12.04
CA ASP I 163 -13.03 47.27 11.63
C ASP I 163 -12.70 47.36 10.13
N GLN I 164 -11.80 48.25 9.76
CA GLN I 164 -11.48 48.48 8.35
C GLN I 164 -10.17 47.81 7.95
N GLU I 165 -9.86 46.66 8.56
CA GLU I 165 -8.59 46.00 8.33
C GLU I 165 -8.44 45.51 6.88
N VAL I 166 -9.52 45.05 6.27
CA VAL I 166 -9.48 44.63 4.88
C VAL I 166 -9.12 45.80 3.96
N ILE I 167 -9.62 46.99 4.30
CA ILE I 167 -9.30 48.19 3.51
C ILE I 167 -7.83 48.53 3.67
N LYS I 168 -7.29 48.36 4.88
CA LYS I 168 -5.88 48.59 5.12
C LYS I 168 -5.05 47.58 4.34
N CYS I 169 -5.56 46.37 4.23
CA CYS I 169 -4.89 45.30 3.51
C CYS I 169 -4.74 45.65 2.03
N GLY I 170 -5.67 46.44 1.52
CA GLY I 170 -5.68 46.82 0.13
C GLY I 170 -6.86 46.24 -0.63
N GLY I 171 -7.78 45.64 0.10
CA GLY I 171 -8.97 45.06 -0.50
C GLY I 171 -8.74 43.64 -0.98
N LEU I 172 -9.73 43.09 -1.67
CA LEU I 172 -9.63 41.75 -2.23
C LEU I 172 -9.33 41.84 -3.72
N PRO I 173 -8.62 40.84 -4.26
CA PRO I 173 -8.40 40.78 -5.71
C PRO I 173 -9.69 40.47 -6.46
N ASP I 174 -9.83 41.00 -7.66
CA ASP I 174 -11.08 40.93 -8.42
C ASP I 174 -11.61 39.51 -8.60
N ASN I 175 -10.71 38.53 -8.51
CA ASN I 175 -11.11 37.13 -8.70
C ASN I 175 -11.21 36.37 -7.38
N VAL I 176 -11.55 37.07 -6.32
CA VAL I 176 -11.69 36.44 -5.00
C VAL I 176 -12.86 37.05 -4.24
N PHE I 177 -13.86 36.21 -3.94
CA PHE I 177 -15.09 36.70 -3.34
C PHE I 177 -15.33 36.11 -1.95
N ASP I 178 -15.92 36.91 -1.08
CA ASP I 178 -16.33 36.46 0.24
C ASP I 178 -17.71 35.82 0.12
N ALA I 179 -17.80 34.54 0.49
CA ALA I 179 -19.02 33.78 0.33
C ALA I 179 -20.22 34.49 0.94
N TRP I 180 -20.02 35.07 2.11
CA TRP I 180 -21.10 35.73 2.82
C TRP I 180 -21.58 36.97 2.06
N GLU I 181 -20.64 37.73 1.52
CA GLU I 181 -20.98 38.91 0.73
C GLU I 181 -21.70 38.52 -0.55
N PHE I 182 -21.26 37.40 -1.14
CA PHE I 182 -21.80 36.93 -2.40
C PHE I 182 -23.26 36.52 -2.27
N LEU I 183 -23.61 35.94 -1.12
CA LEU I 183 -24.96 35.42 -0.90
C LEU I 183 -25.95 36.50 -0.47
N GLY I 184 -25.54 37.76 -0.53
CA GLY I 184 -26.43 38.87 -0.20
C GLY I 184 -26.36 39.27 1.26
N LYS I 185 -25.31 38.83 1.95
CA LYS I 185 -25.08 39.20 3.35
C LYS I 185 -26.26 38.83 4.24
N PRO I 186 -26.63 37.53 4.26
CA PRO I 186 -27.75 37.06 5.09
C PRO I 186 -27.50 37.26 6.57
N LYS I 187 -28.50 37.74 7.29
CA LYS I 187 -28.33 38.10 8.70
C LYS I 187 -28.32 36.88 9.61
N HIS I 188 -29.01 35.81 9.20
CA HIS I 188 -29.16 34.64 10.08
C HIS I 188 -27.82 33.99 10.41
N CYS I 189 -26.79 34.26 9.62
CA CYS I 189 -25.47 33.72 9.89
C CYS I 189 -24.38 34.79 9.79
N GLN I 190 -24.72 36.01 10.18
CA GLN I 190 -23.78 37.12 10.08
C GLN I 190 -22.62 37.00 11.07
N TYR I 191 -22.93 36.77 12.34
CA TYR I 191 -21.89 36.72 13.38
C TYR I 191 -21.56 35.29 13.77
N THR I 192 -20.26 35.00 13.83
CA THR I 192 -19.78 33.67 14.21
C THR I 192 -19.16 33.69 15.61
N TRP I 193 -19.01 34.89 16.16
CA TRP I 193 -18.56 35.06 17.54
C TRP I 193 -19.46 36.08 18.20
N ASP I 194 -20.35 35.60 19.06
CA ASP I 194 -21.43 36.42 19.61
C ASP I 194 -21.58 36.16 21.10
N THR I 195 -21.08 37.09 21.92
CA THR I 195 -21.06 36.89 23.36
C THR I 195 -22.44 37.08 24.00
N LYS I 196 -23.43 37.47 23.20
CA LYS I 196 -24.79 37.57 23.71
C LYS I 196 -25.52 36.24 23.56
N ALA I 197 -25.34 35.60 22.42
CA ALA I 197 -25.98 34.32 22.15
C ALA I 197 -25.12 33.16 22.65
N ASN I 198 -23.83 33.41 22.80
CA ASN I 198 -22.89 32.42 23.30
C ASN I 198 -22.38 32.86 24.67
N ASN I 199 -22.32 31.93 25.61
CA ASN I 199 -21.99 32.26 26.99
C ASN I 199 -20.77 31.51 27.52
N ASN I 200 -20.02 30.87 26.65
CA ASN I 200 -18.86 30.09 27.08
C ASN I 200 -17.83 30.94 27.83
N LEU I 201 -17.77 32.23 27.50
CA LEU I 201 -16.79 33.13 28.10
C LEU I 201 -17.36 33.93 29.27
N ARG I 202 -18.68 33.80 29.50
CA ARG I 202 -19.35 34.50 30.58
C ARG I 202 -19.24 36.02 30.46
N ILE I 203 -18.91 36.51 29.27
CA ILE I 203 -18.83 37.95 29.03
C ILE I 203 -20.23 38.57 29.08
N PRO I 204 -20.45 39.52 30.00
CA PRO I 204 -21.77 40.10 30.27
C PRO I 204 -22.23 41.08 29.21
N ALA I 205 -21.29 41.71 28.50
CA ALA I 205 -21.63 42.63 27.43
C ALA I 205 -22.01 41.87 26.17
N ALA I 206 -22.31 42.60 25.09
CA ALA I 206 -22.69 42.00 23.82
C ALA I 206 -21.72 42.39 22.72
N TYR I 207 -20.70 41.55 22.50
CA TYR I 207 -19.76 41.75 21.41
C TYR I 207 -20.04 40.76 20.29
N LYS I 208 -20.15 41.26 19.06
CA LYS I 208 -20.46 40.41 17.92
C LYS I 208 -19.50 40.68 16.75
N HIS I 209 -18.89 39.62 16.23
CA HIS I 209 -17.93 39.78 15.14
C HIS I 209 -18.02 38.63 14.14
N ARG I 210 -17.72 38.94 12.88
CA ARG I 210 -17.68 37.93 11.83
C ARG I 210 -16.24 37.49 11.60
N PHE I 211 -15.66 36.86 12.62
CA PHE I 211 -14.26 36.47 12.58
C PHE I 211 -13.97 35.33 11.62
N ASP I 212 -15.00 34.52 11.35
CA ASP I 212 -14.82 33.33 10.55
C ASP I 212 -15.42 33.53 9.18
N ARG I 213 -14.59 33.41 8.15
CA ARG I 213 -14.99 33.79 6.80
C ARG I 213 -14.56 32.75 5.78
N ILE I 214 -15.09 32.89 4.57
CA ILE I 214 -14.81 31.97 3.48
C ILE I 214 -14.48 32.76 2.22
N PHE I 215 -13.29 32.56 1.69
CA PHE I 215 -12.89 33.18 0.44
C PHE I 215 -12.78 32.09 -0.62
N PHE I 216 -13.06 32.44 -1.87
CA PHE I 216 -12.94 31.50 -2.98
C PHE I 216 -12.56 32.22 -4.27
N ARG I 217 -11.82 31.53 -5.13
CA ARG I 217 -11.41 32.11 -6.41
C ARG I 217 -12.27 31.55 -7.54
N ALA I 218 -12.98 32.44 -8.22
CA ALA I 218 -13.87 32.05 -9.31
C ALA I 218 -13.41 32.61 -10.64
N GLU I 219 -13.89 32.01 -11.72
CA GLU I 219 -13.59 32.49 -13.06
C GLU I 219 -14.88 32.76 -13.82
N GLU I 220 -15.47 33.92 -13.58
CA GLU I 220 -16.70 34.33 -14.24
C GLU I 220 -17.85 33.40 -13.89
N GLY I 221 -18.16 33.31 -12.60
CA GLY I 221 -19.30 32.54 -12.14
C GLY I 221 -19.22 31.06 -12.46
N HIS I 222 -18.01 30.50 -12.38
CA HIS I 222 -17.82 29.07 -12.59
C HIS I 222 -18.12 28.28 -11.31
N LEU I 223 -18.31 29.01 -10.21
CA LEU I 223 -18.64 28.39 -8.93
C LEU I 223 -19.64 29.24 -8.16
N ILE I 224 -20.79 28.65 -7.82
CA ILE I 224 -21.88 29.38 -7.18
C ILE I 224 -22.18 28.83 -5.78
N PRO I 225 -22.06 29.68 -4.75
CA PRO I 225 -22.45 29.28 -3.40
C PRO I 225 -23.95 29.04 -3.30
N GLN I 226 -24.34 27.97 -2.62
CA GLN I 226 -25.74 27.59 -2.50
C GLN I 226 -26.34 27.99 -1.16
N SER I 227 -25.52 27.95 -0.10
CA SER I 227 -26.05 28.21 1.24
C SER I 227 -24.96 28.48 2.27
N LEU I 228 -25.36 29.14 3.36
CA LEU I 228 -24.47 29.43 4.48
C LEU I 228 -25.27 29.34 5.77
N ASP I 229 -24.77 28.59 6.74
CA ASP I 229 -25.49 28.39 8.00
C ASP I 229 -24.55 28.30 9.19
N LEU I 230 -25.06 28.68 10.36
CA LEU I 230 -24.32 28.54 11.60
C LEU I 230 -24.59 27.15 12.18
N VAL I 231 -23.60 26.59 12.86
CA VAL I 231 -23.74 25.28 13.50
C VAL I 231 -23.14 25.29 14.91
N GLY I 232 -23.61 24.37 15.75
CA GLY I 232 -23.16 24.29 17.12
C GLY I 232 -23.85 25.30 18.02
N LEU I 233 -25.15 25.48 17.81
CA LEU I 233 -25.92 26.44 18.59
C LEU I 233 -26.73 25.78 19.71
N GLU I 234 -26.40 24.53 20.02
CA GLU I 234 -27.10 23.81 21.07
C GLU I 234 -26.18 23.61 22.27
N LYS I 235 -26.63 24.05 23.44
CA LYS I 235 -25.87 23.87 24.66
C LYS I 235 -25.74 22.39 25.01
N LEU I 236 -24.68 22.06 25.74
CA LEU I 236 -24.43 20.69 26.17
C LEU I 236 -24.90 20.52 27.61
N ASP I 237 -24.71 19.32 28.17
CA ASP I 237 -25.17 19.05 29.52
C ASP I 237 -24.63 20.05 30.53
N CYS I 238 -23.36 20.43 30.36
CA CYS I 238 -22.71 21.33 31.30
C CYS I 238 -23.20 22.78 31.16
N GLY I 239 -24.18 23.00 30.30
CA GLY I 239 -24.77 24.31 30.15
C GLY I 239 -23.93 25.25 29.29
N ARG I 240 -22.89 24.70 28.66
CA ARG I 240 -22.04 25.48 27.78
C ARG I 240 -22.12 24.93 26.37
N PHE I 241 -21.71 25.73 25.40
CA PHE I 241 -21.69 25.30 24.00
C PHE I 241 -20.36 24.61 23.72
N PRO I 242 -20.27 23.91 22.57
CA PRO I 242 -19.02 23.22 22.22
C PRO I 242 -17.83 24.17 22.11
N SER I 243 -18.10 25.41 21.73
CA SER I 243 -17.06 26.41 21.59
C SER I 243 -17.64 27.81 21.81
N ASP I 244 -16.77 28.81 21.91
CA ASP I 244 -17.21 30.20 22.00
C ASP I 244 -17.50 30.74 20.60
N HIS I 245 -17.04 30.03 19.58
CA HIS I 245 -17.36 30.36 18.19
C HIS I 245 -18.47 29.47 17.69
N TRP I 246 -19.33 30.02 16.82
CA TRP I 246 -20.22 29.19 16.03
C TRP I 246 -19.41 28.62 14.87
N GLY I 247 -19.80 27.44 14.39
CA GLY I 247 -19.22 26.90 13.19
C GLY I 247 -19.91 27.50 11.98
N LEU I 248 -19.34 27.30 10.80
CA LEU I 248 -19.90 27.87 9.58
C LEU I 248 -20.01 26.81 8.49
N LEU I 249 -21.24 26.44 8.15
CA LEU I 249 -21.49 25.41 7.14
C LEU I 249 -21.79 26.05 5.79
N CYS I 250 -21.09 25.61 4.75
CA CYS I 250 -21.25 26.17 3.42
C CYS I 250 -21.38 25.10 2.35
N THR I 251 -22.10 25.41 1.29
CA THR I 251 -22.25 24.51 0.16
C THR I 251 -22.07 25.26 -1.16
N LEU I 252 -21.27 24.69 -2.06
CA LEU I 252 -21.04 25.28 -3.37
C LEU I 252 -21.33 24.23 -4.45
N ASN I 253 -21.67 24.68 -5.66
CA ASN I 253 -22.03 23.75 -6.72
C ASN I 253 -20.95 23.60 -7.80
N VAL I 254 -20.93 22.44 -8.44
CA VAL I 254 -19.99 22.16 -9.51
C VAL I 254 -20.34 22.95 -10.76
O5' D5M J . 41.05 -0.78 -9.07
C5' D5M J . 42.10 -0.58 -9.94
C4' D5M J . 42.66 0.79 -9.76
O4' D5M J . 41.72 1.75 -10.09
C3' D5M J . 43.01 0.99 -8.33
O3' D5M J . 44.37 0.92 -8.14
C2' D5M J . 42.53 2.35 -7.95
C1' D5M J . 41.82 2.79 -9.19
N9 D5M J . 40.50 3.24 -8.85
C8 D5M J . 39.36 2.57 -8.90
N7 D5M J . 38.34 3.31 -8.50
C5 D5M J . 38.87 4.50 -8.19
C6 D5M J . 38.32 5.64 -7.74
N6 D5M J . 36.93 5.69 -7.43
N1 D5M J . 39.11 6.71 -7.52
C2 D5M J . 40.48 6.52 -7.46
N3 D5M J . 41.08 5.50 -8.19
C4 D5M J . 40.22 4.50 -8.40
P D5M J . 40.31 -2.15 -9.05
O1P D5M J . 39.66 -2.38 -10.40
O3P D5M J . 39.28 -2.14 -7.95
O2P D5M J . 41.32 -3.24 -8.78
MG MG K . 37.83 -1.64 -11.59
O5' D5M L . 30.92 26.59 -0.58
C5' D5M L . 31.73 26.16 0.45
C4' D5M L . 32.41 27.34 1.08
O4' D5M L . 33.34 27.88 0.22
C3' D5M L . 31.40 28.40 1.38
O3' D5M L . 31.09 28.41 2.72
C2' D5M L . 32.01 29.69 0.99
C1' D5M L . 33.18 29.26 0.15
N9 D5M L . 32.98 29.65 -1.21
C8 D5M L . 32.70 28.87 -2.25
N7 D5M L . 32.58 29.58 -3.36
C5 D5M L . 32.80 30.85 -2.99
C6 D5M L . 32.80 32.01 -3.68
N6 D5M L . 32.44 32.03 -5.05
N1 D5M L . 33.24 33.12 -3.06
C2 D5M L . 33.15 33.17 -1.69
N3 D5M L . 33.31 32.02 -0.92
C4 D5M L . 33.05 30.93 -1.65
P D5M L . 30.02 25.57 -1.34
O1P D5M L . 29.34 24.68 -0.32
O3P D5M L . 30.87 24.74 -2.27
O2P D5M L . 28.96 26.31 -2.13
MG MG M . 31.20 25.04 -4.32
CL CL N . -4.67 23.45 -43.07
O5' D5M O . 13.75 18.42 -49.87
C5' D5M O . 12.72 17.65 -50.40
C4' D5M O . 13.18 16.97 -51.64
O4' D5M O . 13.12 17.79 -52.74
C3' D5M O . 14.59 16.54 -51.50
O3' D5M O . 14.68 15.23 -51.08
C2' D5M O . 15.20 16.69 -52.84
C1' D5M O . 14.31 17.72 -53.44
N9 D5M O . 14.97 19.01 -53.41
C8 D5M O . 14.67 20.05 -52.63
N7 D5M O . 15.48 21.08 -52.85
C5 D5M O . 16.31 20.65 -53.81
C6 D5M O . 17.33 21.25 -54.45
N6 D5M O . 17.57 22.64 -54.23
N1 D5M O . 17.97 20.59 -55.44
C2 D5M O . 17.83 19.22 -55.49
N3 D5M O . 16.65 18.62 -55.10
C4 D5M O . 16.02 19.37 -54.18
P D5M O . 13.54 19.25 -48.57
O1P D5M O . 12.96 18.35 -47.50
O3P D5M O . 12.61 20.42 -48.82
O2P D5M O . 14.87 19.78 -48.11
MG MG P . 13.09 22.47 -49.63
CL CL Q . -39.39 -3.68 25.45
O5' D5M R . -32.44 14.59 18.26
C5' D5M R . -32.99 14.30 19.50
C4' D5M R . -32.42 15.20 20.55
O4' D5M R . -31.05 15.11 20.60
C3' D5M R . -32.77 16.62 20.22
O3' D5M R . -33.42 17.21 21.29
C2' D5M R . -31.50 17.33 19.94
C1' D5M R . -30.48 16.36 20.44
N9 D5M R . -29.39 16.29 19.52
C8 D5M R . -29.21 15.41 18.53
N7 D5M R . -28.09 15.64 17.86
C5 D5M R . -27.55 16.72 18.47
C6 D5M R . -26.42 17.42 18.24
N6 D5M R . -25.56 17.05 17.16
N1 D5M R . -26.12 18.48 19.01
C2 D5M R . -27.14 18.99 19.82
N3 D5M R . -28.13 18.17 20.32
C4 D5M R . -28.34 17.15 19.50
P D5M R . -32.81 13.68 17.05
O1P D5M R . -34.31 13.60 16.94
O3P D5M R . -32.22 12.30 17.27
O2P D5M R . -32.24 14.26 15.77
MG MG S . -30.16 11.33 17.14
O5' D5M T . 2.65 14.95 49.19
C5' D5M T . 2.85 14.12 50.27
C4' D5M T . 2.28 14.75 51.51
O4' D5M T . 2.94 15.92 51.80
C3' D5M T . 0.86 15.10 51.29
O3' D5M T . 0.03 14.10 51.72
C2' D5M T . 0.63 16.34 52.08
C1' D5M T . 2.02 16.85 52.27
N9 D5M T . 2.17 18.09 51.57
C8 D5M T . 2.94 18.36 50.52
N7 D5M T . 2.82 19.62 50.14
C5 D5M T . 1.94 20.16 50.99
C6 D5M T . 1.43 21.40 51.11
N6 D5M T . 1.87 22.44 50.23
N1 D5M T . 0.60 21.69 52.13
C2 D5M T . -0.01 20.63 52.77
N3 D5M T . 0.63 19.40 52.89
C4 D5M T . 1.51 19.24 51.89
P D5M T . 3.10 14.49 47.76
O1P D5M T . 2.48 13.15 47.46
O3P D5M T . 4.59 14.39 47.70
O2P D5M T . 2.61 15.50 46.75
MG MG U . 6.00 15.76 47.56
P PO4 V . -8.36 -16.20 -15.75
O1 PO4 V . -8.71 -15.62 -14.40
O2 PO4 V . -7.81 -15.11 -16.63
O3 PO4 V . -7.30 -17.27 -15.58
O4 PO4 V . -9.58 -16.81 -16.38
MG MG W . -9.61 -13.89 -13.26
MG MG X . 6.75 -20.62 33.21
O5' D5M Y . -33.12 -15.88 -44.32
C5' D5M Y . -33.21 -17.20 -43.95
C4' D5M Y . -32.85 -18.08 -45.10
O4' D5M Y . -33.74 -17.91 -46.14
C3' D5M Y . -31.49 -17.71 -45.58
O3' D5M Y . -30.64 -18.80 -45.53
C2' D5M Y . -31.64 -17.24 -46.99
C1' D5M Y . -33.04 -17.66 -47.31
N9 D5M Y . -33.69 -16.63 -48.06
C8 D5M Y . -34.67 -15.82 -47.68
N7 D5M Y . -35.02 -14.98 -48.63
C5 D5M Y . -34.22 -15.29 -49.67
C6 D5M Y . -34.11 -14.79 -50.92
N6 D5M Y . -34.89 -13.65 -51.30
N1 D5M Y . -33.26 -15.35 -51.79
C2 D5M Y . -32.25 -16.16 -51.28
N3 D5M Y . -32.44 -16.88 -50.11
C4 D5M Y . -33.38 -16.31 -49.35
P D5M Y . -33.58 -14.75 -43.33
O1P D5M Y . -32.92 -14.98 -41.98
O3P D5M Y . -35.08 -14.80 -43.17
O2P D5M Y . -33.16 -13.40 -43.85
MG MG Z . -36.88 -14.25 -44.20
CL CL AA . -28.11 31.20 3.03
MG MG BA . -9.98 30.12 21.88
#